data_9BR7
#
_entry.id   9BR7
#
_cell.length_a   107.933
_cell.length_b   119.809
_cell.length_c   136.246
_cell.angle_alpha   90.00
_cell.angle_beta   90.00
_cell.angle_gamma   90.00
#
_symmetry.space_group_name_H-M   'P 21 21 21'
#
loop_
_entity.id
_entity.type
_entity.pdbx_description
1 polymer 'Succinate--hydroxymethylglutarate CoA-transferase'
2 non-polymer 'losartan carboxylic acid'
3 non-polymer 'AMMONIUM ION'
4 non-polymer 'SULFATE ION'
5 water water
#
_entity_poly.entity_id   1
_entity_poly.type   'polypeptide(L)'
_entity_poly.pdbx_seq_one_letter_code
;GPGSPQSDMNNIKPLEGVKILDLTRVLAGPFATMNLGDLGAEVIKVERPGAGDDTRTWGPPFVGTESTYYLSVNRNKKSI
AVNIKDPKGVKIIKELAAVCDVFVENYVPGKLSAMGLGYEDIDEIAPHIIYCSITGYGQTGPISQRAGYDAVASAVSGLM
HITGPENGDPVRPGVAMTDLATGLYAYGAIMAGLIQKYKTGKGLFIDCNLLSSQVACLSHIAANYLIGAAEAKRWGTAHG
SIVPYQAFKTKDGYIVVGAGNNQQFATVCKILDLPELIDNSKYKTNHLRVHNRKELIKILSERFEEELTSKWLYLFEGSG
VPYGPINNMKNVFAEPQVLHNGLVMEMEHPTVGKISVPGPAVRYSKFKMSEARPPPLLGQHTTHILKEVLRYDDRAIGEL
LSAGVVDQHETH
;
_entity_poly.pdbx_strand_id   A,B,C,D
#
loop_
_chem_comp.id
_chem_comp.type
_chem_comp.name
_chem_comp.formula
A1ATL non-polymer 'losartan carboxylic acid' 'C22 H21 Cl N6 O2'
NH4 non-polymer 'AMMONIUM ION' 'H4 N 1'
SO4 non-polymer 'SULFATE ION' 'O4 S -2'
#
# COMPACT_ATOMS: atom_id res chain seq x y z
N ASN A 11 8.23 -11.61 9.33
CA ASN A 11 7.25 -12.60 9.76
C ASN A 11 6.25 -12.90 8.64
N ILE A 12 5.65 -11.83 8.10
CA ILE A 12 4.66 -11.93 7.05
C ILE A 12 5.30 -11.57 5.72
N LYS A 13 5.09 -12.41 4.71
CA LYS A 13 5.68 -12.20 3.40
C LYS A 13 4.86 -11.20 2.59
N PRO A 14 5.48 -10.57 1.60
CA PRO A 14 4.78 -9.47 0.89
C PRO A 14 3.61 -9.91 0.04
N LEU A 15 3.60 -11.15 -0.46
CA LEU A 15 2.53 -11.61 -1.32
C LEU A 15 1.46 -12.41 -0.58
N GLU A 16 1.55 -12.51 0.74
CA GLU A 16 0.52 -13.21 1.50
C GLU A 16 -0.85 -12.60 1.21
N GLY A 17 -1.85 -13.46 1.09
CA GLY A 17 -3.19 -13.04 0.70
C GLY A 17 -3.42 -12.98 -0.79
N VAL A 18 -2.39 -13.24 -1.60
CA VAL A 18 -2.50 -13.23 -3.05
C VAL A 18 -2.65 -14.68 -3.53
N LYS A 19 -3.74 -14.96 -4.23
CA LYS A 19 -3.99 -16.28 -4.79
C LYS A 19 -3.58 -16.30 -6.26
N ILE A 20 -2.83 -17.34 -6.65
CA ILE A 20 -2.36 -17.50 -8.01
C ILE A 20 -2.92 -18.81 -8.56
N LEU A 21 -3.76 -18.70 -9.59
CA LEU A 21 -4.30 -19.86 -10.30
C LEU A 21 -3.28 -20.28 -11.36
N ASP A 22 -2.56 -21.36 -11.10
CA ASP A 22 -1.34 -21.71 -11.83
C ASP A 22 -1.58 -22.94 -12.70
N LEU A 23 -1.67 -22.72 -14.01
CA LEU A 23 -1.80 -23.80 -14.98
C LEU A 23 -0.49 -24.08 -15.72
N THR A 24 0.64 -23.63 -15.18
CA THR A 24 1.92 -23.74 -15.87
C THR A 24 2.47 -25.15 -15.77
N ARG A 25 3.38 -25.47 -16.71
CA ARG A 25 4.01 -26.77 -16.78
C ARG A 25 5.47 -26.61 -17.20
N VAL A 26 6.26 -27.64 -16.93
CA VAL A 26 7.68 -27.67 -17.28
C VAL A 26 8.48 -26.76 -16.36
N LEU A 27 9.09 -25.70 -16.92
CA LEU A 27 10.04 -24.92 -16.15
C LEU A 27 9.75 -23.41 -16.11
N ALA A 28 9.64 -22.78 -17.28
CA ALA A 28 9.53 -21.32 -17.33
C ALA A 28 8.40 -20.81 -16.43
N GLY A 29 7.20 -21.32 -16.65
CA GLY A 29 6.04 -20.91 -15.89
C GLY A 29 6.14 -21.33 -14.44
N PRO A 30 6.40 -22.62 -14.19
CA PRO A 30 6.51 -23.08 -12.80
C PRO A 30 7.59 -22.36 -12.01
N PHE A 31 8.71 -22.01 -12.66
CA PHE A 31 9.76 -21.28 -11.96
C PHE A 31 9.26 -19.91 -11.51
N ALA A 32 8.49 -19.24 -12.37
CA ALA A 32 7.93 -17.94 -11.99
C ALA A 32 7.01 -18.08 -10.77
N THR A 33 6.10 -19.06 -10.80
CA THR A 33 5.15 -19.21 -9.70
C THR A 33 5.81 -19.72 -8.44
N MET A 34 6.91 -20.47 -8.56
CA MET A 34 7.65 -20.89 -7.38
C MET A 34 8.21 -19.68 -6.63
N ASN A 35 8.80 -18.72 -7.35
CA ASN A 35 9.35 -17.54 -6.70
C ASN A 35 8.26 -16.68 -6.09
N LEU A 36 7.08 -16.65 -6.70
CA LEU A 36 5.96 -15.93 -6.09
C LEU A 36 5.44 -16.66 -4.86
N GLY A 37 5.48 -18.00 -4.87
CA GLY A 37 5.15 -18.73 -3.67
C GLY A 37 6.14 -18.47 -2.54
N ASP A 38 7.42 -18.37 -2.89
CA ASP A 38 8.42 -18.02 -1.89
C ASP A 38 8.09 -16.68 -1.22
N LEU A 39 7.54 -15.74 -1.99
CA LEU A 39 7.18 -14.42 -1.48
C LEU A 39 5.85 -14.41 -0.74
N GLY A 40 5.24 -15.57 -0.51
CA GLY A 40 4.04 -15.67 0.30
C GLY A 40 2.75 -15.89 -0.46
N ALA A 41 2.77 -15.90 -1.79
CA ALA A 41 1.55 -16.11 -2.55
C ALA A 41 1.03 -17.53 -2.36
N GLU A 42 -0.30 -17.66 -2.38
CA GLU A 42 -0.96 -18.96 -2.32
C GLU A 42 -1.08 -19.47 -3.76
N VAL A 43 -0.20 -20.39 -4.12
CA VAL A 43 -0.13 -20.91 -5.49
C VAL A 43 -0.98 -22.16 -5.60
N ILE A 44 -2.01 -22.11 -6.43
CA ILE A 44 -2.91 -23.23 -6.67
C ILE A 44 -2.52 -23.83 -8.01
N LYS A 45 -1.72 -24.91 -7.99
CA LYS A 45 -1.25 -25.55 -9.20
C LYS A 45 -2.33 -26.48 -9.75
N VAL A 46 -2.74 -26.24 -11.00
CA VAL A 46 -3.75 -27.07 -11.67
C VAL A 46 -3.01 -28.09 -12.53
N GLU A 47 -3.30 -29.37 -12.30
CA GLU A 47 -2.59 -30.46 -12.95
C GLU A 47 -3.57 -31.44 -13.58
N ARG A 48 -3.11 -32.13 -14.62
CA ARG A 48 -3.93 -33.15 -15.27
C ARG A 48 -4.10 -34.35 -14.35
N PRO A 49 -5.34 -34.84 -14.14
CA PRO A 49 -5.51 -36.07 -13.36
C PRO A 49 -4.78 -37.23 -14.02
N GLY A 50 -4.08 -38.02 -13.21
CA GLY A 50 -3.34 -39.15 -13.73
C GLY A 50 -1.89 -38.83 -14.04
N ALA A 51 -1.67 -37.92 -14.98
CA ALA A 51 -0.32 -37.56 -15.41
C ALA A 51 0.25 -36.39 -14.62
N GLY A 52 -0.48 -35.28 -14.55
CA GLY A 52 0.02 -34.10 -13.88
C GLY A 52 1.06 -33.36 -14.71
N ASP A 53 1.81 -32.51 -14.03
CA ASP A 53 2.86 -31.75 -14.69
C ASP A 53 3.82 -32.69 -15.40
N ASP A 54 4.21 -32.32 -16.62
CA ASP A 54 5.09 -33.18 -17.43
C ASP A 54 6.33 -33.60 -16.64
N THR A 55 6.88 -32.69 -15.84
CA THR A 55 8.12 -32.99 -15.11
C THR A 55 7.95 -34.18 -14.17
N ARG A 56 6.72 -34.53 -13.80
CA ARG A 56 6.51 -35.64 -12.88
C ARG A 56 7.03 -36.95 -13.44
N THR A 57 6.98 -37.13 -14.76
CA THR A 57 7.37 -38.38 -15.39
C THR A 57 8.80 -38.39 -15.90
N TRP A 58 9.53 -37.29 -15.77
CA TRP A 58 10.89 -37.19 -16.30
C TRP A 58 11.87 -37.68 -15.25
N GLY A 59 12.20 -38.97 -15.32
CA GLY A 59 13.16 -39.59 -14.44
C GLY A 59 13.63 -40.91 -14.98
N PRO A 60 14.63 -41.51 -14.32
CA PRO A 60 15.32 -41.05 -13.10
C PRO A 60 16.11 -39.76 -13.35
N PRO A 61 16.58 -39.14 -12.27
CA PRO A 61 16.52 -39.60 -10.87
C PRO A 61 15.13 -39.47 -10.29
N PHE A 62 14.74 -40.42 -9.44
CA PHE A 62 13.46 -40.39 -8.76
C PHE A 62 13.71 -40.46 -7.26
N VAL A 63 12.88 -39.75 -6.49
CA VAL A 63 12.86 -39.86 -5.04
C VAL A 63 11.46 -40.32 -4.67
N GLY A 64 11.33 -41.59 -4.27
CA GLY A 64 10.01 -42.17 -4.12
C GLY A 64 9.31 -42.15 -5.46
N THR A 65 8.15 -41.49 -5.51
CA THR A 65 7.40 -41.36 -6.76
C THR A 65 7.65 -40.02 -7.46
N GLU A 66 8.31 -39.08 -6.80
CA GLU A 66 8.49 -37.74 -7.34
C GLU A 66 9.85 -37.62 -8.02
N SER A 67 9.85 -37.05 -9.22
CA SER A 67 11.09 -36.82 -9.95
C SER A 67 11.79 -35.58 -9.44
N THR A 68 13.12 -35.58 -9.53
CA THR A 68 13.89 -34.42 -9.11
C THR A 68 13.57 -33.21 -9.98
N TYR A 69 13.24 -33.43 -11.26
CA TYR A 69 12.82 -32.33 -12.12
C TYR A 69 11.64 -31.59 -11.50
N TYR A 70 10.57 -32.33 -11.17
CA TYR A 70 9.38 -31.70 -10.61
C TYR A 70 9.67 -31.07 -9.25
N LEU A 71 10.41 -31.79 -8.39
CA LEU A 71 10.65 -31.29 -7.05
C LEU A 71 11.43 -29.97 -7.06
N SER A 72 12.30 -29.78 -8.06
CA SER A 72 13.23 -28.66 -8.02
C SER A 72 12.53 -27.31 -8.13
N VAL A 73 11.36 -27.25 -8.78
CA VAL A 73 10.74 -25.95 -9.05
C VAL A 73 9.25 -25.93 -8.74
N ASN A 74 8.83 -26.67 -7.71
CA ASN A 74 7.41 -26.66 -7.38
C ASN A 74 7.15 -26.62 -5.87
N ARG A 75 8.12 -26.20 -5.07
CA ARG A 75 7.85 -25.96 -3.66
C ARG A 75 6.88 -24.80 -3.50
N ASN A 76 6.29 -24.70 -2.30
CA ASN A 76 5.39 -23.60 -1.96
C ASN A 76 4.18 -23.52 -2.90
N LYS A 77 3.61 -24.69 -3.22
CA LYS A 77 2.43 -24.76 -4.07
C LYS A 77 1.46 -25.78 -3.52
N LYS A 78 0.19 -25.62 -3.88
CA LYS A 78 -0.84 -26.62 -3.64
C LYS A 78 -1.24 -27.24 -4.97
N SER A 79 -1.71 -28.49 -4.93
CA SER A 79 -2.02 -29.23 -6.14
C SER A 79 -3.48 -29.66 -6.14
N ILE A 80 -4.18 -29.30 -7.22
CA ILE A 80 -5.53 -29.80 -7.50
C ILE A 80 -5.51 -30.43 -8.88
N ALA A 81 -5.89 -31.70 -8.97
CA ALA A 81 -5.92 -32.42 -10.24
C ALA A 81 -7.31 -32.24 -10.87
N VAL A 82 -7.37 -31.48 -11.95
CA VAL A 82 -8.64 -31.19 -12.62
C VAL A 82 -8.45 -31.34 -14.13
N ASN A 83 -9.41 -31.98 -14.78
CA ASN A 83 -9.38 -32.14 -16.24
C ASN A 83 -10.03 -30.91 -16.84
N ILE A 84 -9.21 -29.94 -17.27
CA ILE A 84 -9.73 -28.69 -17.81
C ILE A 84 -10.25 -28.83 -19.23
N LYS A 85 -10.08 -30.00 -19.84
CA LYS A 85 -10.68 -30.27 -21.14
C LYS A 85 -12.14 -30.71 -21.01
N ASP A 86 -12.62 -30.97 -19.79
CA ASP A 86 -13.98 -31.36 -19.42
C ASP A 86 -14.78 -30.13 -19.03
N PRO A 87 -16.00 -29.97 -19.55
CA PRO A 87 -16.81 -28.79 -19.15
C PRO A 87 -16.94 -28.63 -17.64
N LYS A 88 -17.03 -29.74 -16.90
CA LYS A 88 -17.07 -29.62 -15.45
C LYS A 88 -15.77 -29.04 -14.90
N GLY A 89 -14.64 -29.38 -15.54
CA GLY A 89 -13.37 -28.81 -15.13
C GLY A 89 -13.27 -27.34 -15.49
N VAL A 90 -13.73 -26.97 -16.68
CA VAL A 90 -13.76 -25.54 -17.06
C VAL A 90 -14.56 -24.76 -16.04
N LYS A 91 -15.70 -25.30 -15.60
CA LYS A 91 -16.50 -24.63 -14.59
C LYS A 91 -15.70 -24.39 -13.32
N ILE A 92 -14.90 -25.37 -12.91
CA ILE A 92 -14.10 -25.22 -11.70
C ILE A 92 -13.02 -24.16 -11.88
N ILE A 93 -12.39 -24.13 -13.05
CA ILE A 93 -11.33 -23.14 -13.29
C ILE A 93 -11.91 -21.73 -13.28
N LYS A 94 -13.06 -21.53 -13.91
CA LYS A 94 -13.68 -20.21 -13.90
C LYS A 94 -14.10 -19.80 -12.50
N GLU A 95 -14.61 -20.76 -11.72
CA GLU A 95 -14.99 -20.47 -10.34
C GLU A 95 -13.76 -20.10 -9.50
N LEU A 96 -12.62 -20.76 -9.77
CA LEU A 96 -11.39 -20.42 -9.06
C LEU A 96 -10.88 -19.04 -9.47
N ALA A 97 -10.91 -18.73 -10.77
CA ALA A 97 -10.42 -17.44 -11.23
C ALA A 97 -11.18 -16.29 -10.60
N ALA A 98 -12.48 -16.47 -10.32
CA ALA A 98 -13.27 -15.40 -9.74
C ALA A 98 -12.79 -15.00 -8.35
N VAL A 99 -12.10 -15.90 -7.64
CA VAL A 99 -11.61 -15.62 -6.30
C VAL A 99 -10.09 -15.59 -6.25
N CYS A 100 -9.42 -15.60 -7.41
CA CYS A 100 -7.97 -15.53 -7.49
C CYS A 100 -7.54 -14.20 -8.09
N ASP A 101 -6.31 -13.79 -7.75
CA ASP A 101 -5.78 -12.52 -8.21
C ASP A 101 -4.97 -12.64 -9.50
N VAL A 102 -4.35 -13.80 -9.75
CA VAL A 102 -3.48 -13.98 -10.90
C VAL A 102 -3.83 -15.28 -11.61
N PHE A 103 -3.69 -15.27 -12.93
CA PHE A 103 -3.92 -16.43 -13.78
C PHE A 103 -2.71 -16.59 -14.68
N VAL A 104 -2.05 -17.75 -14.61
CA VAL A 104 -0.80 -17.99 -15.33
C VAL A 104 -0.95 -19.27 -16.15
N GLU A 105 -0.51 -19.21 -17.41
CA GLU A 105 -0.55 -20.35 -18.30
C GLU A 105 0.58 -20.20 -19.32
N ASN A 106 1.00 -21.33 -19.88
CA ASN A 106 2.08 -21.32 -20.88
C ASN A 106 1.73 -22.24 -22.04
N TYR A 107 0.48 -22.25 -22.46
CA TYR A 107 0.07 -22.96 -23.67
C TYR A 107 0.30 -22.08 -24.90
N VAL A 108 0.31 -22.73 -26.06
CA VAL A 108 0.39 -22.04 -27.34
C VAL A 108 -0.75 -21.02 -27.40
N PRO A 109 -0.55 -19.86 -28.01
CA PRO A 109 -1.63 -18.86 -28.06
C PRO A 109 -2.89 -19.44 -28.69
N GLY A 110 -4.03 -19.19 -28.03
CA GLY A 110 -5.32 -19.64 -28.51
C GLY A 110 -5.74 -21.01 -28.03
N LYS A 111 -4.83 -21.80 -27.48
CA LYS A 111 -5.18 -23.15 -27.04
C LYS A 111 -6.16 -23.09 -25.87
N LEU A 112 -5.82 -22.30 -24.83
CA LEU A 112 -6.76 -22.14 -23.73
C LEU A 112 -8.04 -21.46 -24.18
N SER A 113 -7.94 -20.52 -25.13
CA SER A 113 -9.13 -19.85 -25.65
C SER A 113 -10.06 -20.85 -26.32
N ALA A 114 -9.49 -21.82 -27.05
CA ALA A 114 -10.33 -22.84 -27.70
C ALA A 114 -10.98 -23.75 -26.69
N MET A 115 -10.47 -23.79 -25.46
CA MET A 115 -11.06 -24.58 -24.38
C MET A 115 -12.02 -23.79 -23.52
N GLY A 116 -12.24 -22.51 -23.85
CA GLY A 116 -13.10 -21.66 -23.05
C GLY A 116 -12.43 -20.98 -21.89
N LEU A 117 -11.09 -20.99 -21.83
CA LEU A 117 -10.35 -20.43 -20.71
C LEU A 117 -9.38 -19.33 -21.16
N GLY A 118 -9.68 -18.68 -22.28
CA GLY A 118 -8.87 -17.57 -22.74
C GLY A 118 -9.09 -16.33 -21.89
N TYR A 119 -8.25 -15.32 -22.14
CA TYR A 119 -8.34 -14.07 -21.37
C TYR A 119 -9.73 -13.46 -21.49
N GLU A 120 -10.30 -13.45 -22.69
CA GLU A 120 -11.65 -12.92 -22.85
C GLU A 120 -12.65 -13.66 -21.97
N ASP A 121 -12.56 -15.00 -21.96
CA ASP A 121 -13.47 -15.78 -21.14
C ASP A 121 -13.24 -15.53 -19.66
N ILE A 122 -11.98 -15.53 -19.23
CA ILE A 122 -11.68 -15.39 -17.81
C ILE A 122 -11.93 -13.95 -17.35
N ASP A 123 -11.52 -12.98 -18.16
CA ASP A 123 -11.72 -11.59 -17.78
C ASP A 123 -13.20 -11.25 -17.60
N GLU A 124 -14.08 -11.91 -18.35
CA GLU A 124 -15.51 -11.68 -18.20
C GLU A 124 -15.98 -11.95 -16.77
N ILE A 125 -15.56 -13.09 -16.20
CA ILE A 125 -15.98 -13.45 -14.85
C ILE A 125 -14.99 -13.03 -13.78
N ALA A 126 -13.83 -12.49 -14.16
CA ALA A 126 -12.82 -12.02 -13.23
C ALA A 126 -12.14 -10.79 -13.80
N PRO A 127 -12.86 -9.67 -13.93
CA PRO A 127 -12.26 -8.46 -14.51
C PRO A 127 -11.10 -7.90 -13.71
N HIS A 128 -10.87 -8.40 -12.50
CA HIS A 128 -9.77 -7.96 -11.65
C HIS A 128 -8.47 -8.72 -11.91
N ILE A 129 -8.53 -9.81 -12.66
CA ILE A 129 -7.45 -10.79 -12.68
C ILE A 129 -6.28 -10.30 -13.52
N ILE A 130 -5.07 -10.68 -13.09
CA ILE A 130 -3.86 -10.49 -13.88
C ILE A 130 -3.61 -11.78 -14.63
N TYR A 131 -3.74 -11.74 -15.96
CA TYR A 131 -3.65 -12.91 -16.82
C TYR A 131 -2.30 -12.88 -17.54
N CYS A 132 -1.44 -13.84 -17.23
CA CYS A 132 -0.08 -13.88 -17.75
C CYS A 132 0.11 -15.14 -18.58
N SER A 133 0.46 -14.96 -19.85
CA SER A 133 0.73 -16.07 -20.76
C SER A 133 2.20 -16.10 -21.14
N ILE A 134 2.83 -17.24 -20.95
CA ILE A 134 4.24 -17.45 -21.26
C ILE A 134 4.31 -18.39 -22.45
N THR A 135 4.75 -17.88 -23.60
CA THR A 135 4.78 -18.63 -24.84
C THR A 135 6.21 -18.65 -25.40
N GLY A 136 6.35 -19.31 -26.54
CA GLY A 136 7.65 -19.40 -27.19
C GLY A 136 8.04 -18.13 -27.92
N TYR A 137 7.08 -17.51 -28.59
CA TYR A 137 7.37 -16.37 -29.46
C TYR A 137 6.42 -15.19 -29.32
N GLY A 138 5.48 -15.23 -28.38
CA GLY A 138 4.51 -14.18 -28.21
C GLY A 138 3.11 -14.62 -28.63
N GLN A 139 2.15 -13.74 -28.36
CA GLN A 139 0.75 -14.06 -28.63
C GLN A 139 0.40 -14.01 -30.10
N THR A 140 1.10 -13.18 -30.88
CA THR A 140 0.82 -13.03 -32.30
C THR A 140 2.13 -13.04 -33.08
N GLY A 141 2.02 -13.21 -34.39
CA GLY A 141 3.17 -13.20 -35.26
C GLY A 141 3.25 -14.41 -36.17
N PRO A 142 4.15 -14.36 -37.16
CA PRO A 142 4.19 -15.43 -38.16
C PRO A 142 4.47 -16.81 -37.57
N ILE A 143 5.31 -16.91 -36.56
CA ILE A 143 5.68 -18.20 -35.98
C ILE A 143 5.17 -18.34 -34.55
N SER A 144 4.16 -17.55 -34.17
CA SER A 144 3.65 -17.58 -32.81
C SER A 144 2.94 -18.88 -32.46
N GLN A 145 2.58 -19.70 -33.45
CA GLN A 145 1.88 -20.94 -33.18
C GLN A 145 2.82 -22.09 -32.84
N ARG A 146 4.13 -21.88 -32.92
CA ARG A 146 5.08 -22.91 -32.52
C ARG A 146 5.20 -22.97 -31.00
N ALA A 147 5.36 -24.18 -30.49
CA ALA A 147 5.54 -24.34 -29.05
C ALA A 147 6.93 -23.84 -28.65
N GLY A 148 7.02 -23.36 -27.41
CA GLY A 148 8.26 -22.79 -26.91
C GLY A 148 9.16 -23.84 -26.29
N TYR A 149 10.44 -23.79 -26.65
CA TYR A 149 11.45 -24.67 -26.08
C TYR A 149 12.72 -23.86 -25.85
N ASP A 150 13.35 -24.08 -24.69
CA ASP A 150 14.53 -23.28 -24.35
C ASP A 150 15.62 -23.44 -25.40
N ALA A 151 15.95 -24.68 -25.77
CA ALA A 151 17.02 -24.89 -26.73
C ALA A 151 16.69 -24.28 -28.08
N VAL A 152 15.42 -24.35 -28.49
CA VAL A 152 15.02 -23.77 -29.76
C VAL A 152 15.08 -22.25 -29.68
N ALA A 153 14.56 -21.67 -28.59
CA ALA A 153 14.59 -20.22 -28.45
C ALA A 153 16.01 -19.68 -28.43
N SER A 154 16.90 -20.33 -27.67
CA SER A 154 18.28 -19.86 -27.60
C SER A 154 18.98 -19.96 -28.96
N ALA A 155 18.52 -20.84 -29.84
CA ALA A 155 19.06 -20.92 -31.19
C ALA A 155 18.53 -19.79 -32.06
N VAL A 156 17.20 -19.60 -32.07
CA VAL A 156 16.59 -18.58 -32.91
C VAL A 156 16.92 -17.18 -32.42
N SER A 157 17.10 -17.00 -31.12
CA SER A 157 17.33 -15.68 -30.55
C SER A 157 18.76 -15.19 -30.69
N GLY A 158 19.70 -16.08 -31.02
CA GLY A 158 21.10 -15.70 -31.19
C GLY A 158 22.02 -16.10 -30.06
N LEU A 159 21.50 -16.63 -28.96
CA LEU A 159 22.36 -16.99 -27.83
C LEU A 159 23.33 -18.11 -28.20
N MET A 160 22.83 -19.16 -28.86
CA MET A 160 23.69 -20.29 -29.19
C MET A 160 24.83 -19.87 -30.11
N HIS A 161 24.55 -19.00 -31.08
CA HIS A 161 25.59 -18.61 -32.02
C HIS A 161 26.79 -18.00 -31.32
N ILE A 162 26.58 -17.31 -30.20
CA ILE A 162 27.67 -16.64 -29.49
C ILE A 162 28.15 -17.44 -28.29
N THR A 163 27.72 -18.70 -28.17
CA THR A 163 28.12 -19.55 -27.04
C THR A 163 28.78 -20.81 -27.59
N GLY A 164 30.01 -21.06 -27.17
CA GLY A 164 30.74 -22.24 -27.60
C GLY A 164 32.21 -21.95 -27.83
N PRO A 165 32.98 -22.99 -28.13
CA PRO A 165 34.40 -22.78 -28.41
C PRO A 165 34.57 -21.87 -29.62
N GLU A 166 35.61 -21.04 -29.58
CA GLU A 166 35.84 -20.09 -30.66
C GLU A 166 35.94 -20.77 -32.02
N ASN A 167 36.59 -21.93 -32.07
CA ASN A 167 36.80 -22.68 -33.31
C ASN A 167 36.06 -24.02 -33.26
N GLY A 168 34.90 -24.04 -32.62
CA GLY A 168 34.12 -25.24 -32.47
C GLY A 168 32.63 -25.04 -32.68
N ASP A 169 31.84 -26.07 -32.41
CA ASP A 169 30.41 -26.00 -32.62
C ASP A 169 29.73 -25.16 -31.54
N PRO A 170 28.57 -24.59 -31.84
CA PRO A 170 27.82 -23.85 -30.82
C PRO A 170 27.42 -24.74 -29.65
N VAL A 171 27.16 -24.11 -28.51
CA VAL A 171 26.82 -24.81 -27.28
C VAL A 171 25.63 -24.12 -26.62
N ARG A 172 24.91 -24.88 -25.78
CA ARG A 172 23.80 -24.38 -24.98
C ARG A 172 24.24 -24.20 -23.53
N PRO A 173 23.64 -23.24 -22.82
CA PRO A 173 23.92 -23.12 -21.39
C PRO A 173 23.59 -24.42 -20.68
N GLY A 174 24.37 -24.72 -19.63
CA GLY A 174 24.15 -25.96 -18.91
C GLY A 174 22.73 -26.11 -18.42
N VAL A 175 22.09 -25.00 -18.06
CA VAL A 175 20.69 -24.97 -17.66
C VAL A 175 19.93 -24.09 -18.64
N ALA A 176 18.60 -24.24 -18.62
CA ALA A 176 17.72 -23.53 -19.54
C ALA A 176 17.58 -22.07 -19.09
N MET A 177 18.66 -21.31 -19.31
CA MET A 177 18.69 -19.92 -18.87
C MET A 177 17.65 -19.07 -19.57
N THR A 178 17.30 -19.40 -20.83
CA THR A 178 16.25 -18.66 -21.51
C THR A 178 14.90 -18.87 -20.83
N ASP A 179 14.58 -20.12 -20.47
CA ASP A 179 13.36 -20.39 -19.72
C ASP A 179 13.38 -19.65 -18.38
N LEU A 180 14.50 -19.72 -17.66
CA LEU A 180 14.57 -19.11 -16.35
C LEU A 180 14.49 -17.59 -16.43
N ALA A 181 15.19 -16.99 -17.40
CA ALA A 181 15.09 -15.54 -17.59
C ALA A 181 13.65 -15.14 -17.87
N THR A 182 12.97 -15.86 -18.76
CA THR A 182 11.57 -15.58 -19.05
C THR A 182 10.73 -15.69 -17.77
N GLY A 183 10.98 -16.72 -16.97
CA GLY A 183 10.27 -16.84 -15.71
C GLY A 183 10.50 -15.65 -14.81
N LEU A 184 11.74 -15.14 -14.77
CA LEU A 184 12.02 -13.97 -13.95
C LEU A 184 11.35 -12.72 -14.50
N TYR A 185 11.33 -12.57 -15.83
CA TYR A 185 10.55 -11.49 -16.44
C TYR A 185 9.11 -11.56 -15.98
N ALA A 186 8.49 -12.74 -16.07
CA ALA A 186 7.09 -12.88 -15.71
C ALA A 186 6.85 -12.65 -14.22
N TYR A 187 7.74 -13.17 -13.37
CA TYR A 187 7.57 -13.03 -11.93
C TYR A 187 7.62 -11.57 -11.50
N GLY A 188 8.39 -10.75 -12.22
CA GLY A 188 8.37 -9.32 -11.99
C GLY A 188 7.16 -8.66 -12.64
N ALA A 189 6.83 -9.10 -13.85
CA ALA A 189 5.71 -8.52 -14.59
C ALA A 189 4.39 -8.73 -13.84
N ILE A 190 4.21 -9.91 -13.23
CA ILE A 190 2.98 -10.18 -12.50
C ILE A 190 2.81 -9.20 -11.36
N MET A 191 3.88 -8.91 -10.62
CA MET A 191 3.77 -7.97 -9.51
C MET A 191 3.57 -6.54 -10.00
N ALA A 192 4.10 -6.20 -11.18
CA ALA A 192 3.78 -4.90 -11.77
C ALA A 192 2.29 -4.82 -12.10
N GLY A 193 1.72 -5.91 -12.61
CA GLY A 193 0.28 -5.92 -12.86
C GLY A 193 -0.53 -5.74 -11.61
N LEU A 194 -0.13 -6.41 -10.52
CA LEU A 194 -0.83 -6.22 -9.24
C LEU A 194 -0.76 -4.77 -8.81
N ILE A 195 0.43 -4.17 -8.86
CA ILE A 195 0.60 -2.77 -8.47
C ILE A 195 -0.34 -1.87 -9.27
N GLN A 196 -0.35 -2.06 -10.59
CA GLN A 196 -1.25 -1.30 -11.45
C GLN A 196 -2.70 -1.55 -11.07
N LYS A 197 -3.04 -2.80 -10.74
CA LYS A 197 -4.38 -3.14 -10.29
C LYS A 197 -4.75 -2.44 -8.98
N TYR A 198 -3.78 -2.22 -8.09
CA TYR A 198 -4.11 -1.65 -6.79
C TYR A 198 -4.73 -0.25 -6.90
N LYS A 199 -4.30 0.54 -7.87
CA LYS A 199 -4.88 1.87 -8.05
C LYS A 199 -6.11 1.85 -8.94
N THR A 200 -6.10 1.05 -10.01
CA THR A 200 -7.18 1.08 -10.98
C THR A 200 -8.28 0.09 -10.67
N GLY A 201 -8.02 -0.93 -9.85
CA GLY A 201 -9.00 -1.95 -9.54
C GLY A 201 -9.31 -2.93 -10.65
N LYS A 202 -8.62 -2.83 -11.80
CA LYS A 202 -8.83 -3.73 -12.92
C LYS A 202 -7.54 -4.47 -13.24
N GLY A 203 -7.69 -5.63 -13.90
CA GLY A 203 -6.57 -6.44 -14.30
C GLY A 203 -6.08 -6.09 -15.68
N LEU A 204 -5.25 -6.96 -16.23
CA LEU A 204 -4.71 -6.78 -17.57
C LEU A 204 -4.12 -8.12 -18.03
N PHE A 205 -3.68 -8.14 -19.28
CA PHE A 205 -3.07 -9.32 -19.88
C PHE A 205 -1.58 -9.05 -20.07
N ILE A 206 -0.77 -10.07 -19.78
CA ILE A 206 0.68 -9.96 -19.84
C ILE A 206 1.21 -11.00 -20.83
N ASP A 207 2.07 -10.55 -21.75
CA ASP A 207 2.66 -11.41 -22.77
C ASP A 207 4.15 -11.54 -22.48
N CYS A 208 4.56 -12.72 -22.02
CA CYS A 208 5.96 -13.08 -21.88
C CYS A 208 6.26 -14.23 -22.85
N ASN A 209 7.45 -14.21 -23.43
CA ASN A 209 7.83 -15.27 -24.36
C ASN A 209 9.34 -15.43 -24.37
N LEU A 210 9.79 -16.63 -24.75
CA LEU A 210 11.21 -16.93 -24.73
C LEU A 210 11.99 -16.06 -25.70
N LEU A 211 11.44 -15.85 -26.91
CA LEU A 211 12.16 -15.07 -27.91
C LEU A 211 12.44 -13.65 -27.41
N SER A 212 11.41 -12.97 -26.92
CA SER A 212 11.58 -11.60 -26.44
C SER A 212 12.57 -11.54 -25.28
N SER A 213 12.45 -12.47 -24.33
CA SER A 213 13.34 -12.46 -23.17
C SER A 213 14.80 -12.57 -23.60
N GLN A 214 15.10 -13.53 -24.48
CA GLN A 214 16.49 -13.78 -24.84
C GLN A 214 17.06 -12.67 -25.71
N VAL A 215 16.27 -12.14 -26.64
CA VAL A 215 16.75 -11.04 -27.48
C VAL A 215 17.04 -9.82 -26.62
N ALA A 216 16.16 -9.52 -25.66
CA ALA A 216 16.40 -8.40 -24.77
C ALA A 216 17.69 -8.61 -23.97
N CYS A 217 17.96 -9.85 -23.56
CA CYS A 217 19.17 -10.13 -22.80
C CYS A 217 20.43 -10.00 -23.64
N LEU A 218 20.31 -10.04 -24.97
CA LEU A 218 21.49 -9.81 -25.81
C LEU A 218 22.02 -8.41 -25.61
N SER A 219 21.13 -7.44 -25.38
CA SER A 219 21.48 -6.08 -24.98
C SER A 219 22.65 -5.52 -25.77
N HIS A 220 23.78 -5.32 -25.08
CA HIS A 220 24.91 -4.62 -25.69
C HIS A 220 25.48 -5.38 -26.88
N ILE A 221 25.49 -6.72 -26.82
CA ILE A 221 25.97 -7.48 -27.98
C ILE A 221 25.07 -7.22 -29.18
N ALA A 222 23.76 -7.26 -28.98
CA ALA A 222 22.82 -6.94 -30.06
C ALA A 222 22.93 -5.48 -30.46
N ALA A 223 23.11 -4.59 -29.48
CA ALA A 223 23.26 -3.17 -29.79
C ALA A 223 24.46 -2.92 -30.70
N ASN A 224 25.54 -3.68 -30.49
CA ASN A 224 26.70 -3.55 -31.36
C ASN A 224 26.32 -3.77 -32.82
N TYR A 225 25.40 -4.70 -33.08
CA TYR A 225 24.97 -4.94 -34.45
C TYR A 225 23.92 -3.93 -34.90
N LEU A 226 22.92 -3.67 -34.06
CA LEU A 226 21.85 -2.75 -34.46
C LEU A 226 22.38 -1.36 -34.73
N ILE A 227 23.47 -0.97 -34.07
CA ILE A 227 24.04 0.36 -34.23
C ILE A 227 25.27 0.34 -35.14
N GLY A 228 26.22 -0.55 -34.86
CA GLY A 228 27.45 -0.62 -35.61
C GLY A 228 27.53 -1.70 -36.67
N ALA A 229 26.46 -2.44 -36.90
CA ALA A 229 26.44 -3.52 -37.90
C ALA A 229 27.51 -4.56 -37.64
N ALA A 230 27.97 -4.68 -36.40
CA ALA A 230 29.01 -5.63 -36.03
C ALA A 230 28.40 -6.97 -35.65
N GLU A 231 28.88 -8.04 -36.29
CA GLU A 231 28.45 -9.38 -35.95
C GLU A 231 29.24 -9.92 -34.77
N ALA A 232 28.60 -10.75 -33.97
CA ALA A 232 29.23 -11.36 -32.80
C ALA A 232 29.74 -12.75 -33.16
N LYS A 233 30.63 -13.27 -32.33
CA LYS A 233 31.21 -14.58 -32.55
C LYS A 233 31.43 -15.28 -31.21
N ARG A 234 31.76 -16.57 -31.28
CA ARG A 234 32.05 -17.34 -30.09
C ARG A 234 33.51 -17.12 -29.67
N TRP A 235 33.73 -17.11 -28.35
CA TRP A 235 35.07 -16.90 -27.81
C TRP A 235 35.47 -17.98 -26.80
N GLY A 236 34.67 -19.03 -26.64
CA GLY A 236 34.95 -20.04 -25.64
C GLY A 236 34.72 -19.53 -24.24
N THR A 237 35.79 -19.15 -23.54
CA THR A 237 35.69 -18.49 -22.26
C THR A 237 36.29 -17.08 -22.27
N ALA A 238 36.89 -16.68 -23.38
CA ALA A 238 37.53 -15.38 -23.48
C ALA A 238 36.53 -14.32 -23.94
N HIS A 239 37.03 -13.10 -24.14
CA HIS A 239 36.22 -11.98 -24.61
C HIS A 239 36.92 -11.34 -25.79
N GLY A 240 36.13 -10.64 -26.62
CA GLY A 240 36.66 -10.08 -27.84
C GLY A 240 37.44 -8.79 -27.68
N SER A 241 37.11 -7.99 -26.67
CA SER A 241 37.66 -6.65 -26.54
C SER A 241 38.62 -6.49 -25.36
N ILE A 242 38.82 -7.54 -24.55
CA ILE A 242 39.68 -7.44 -23.38
C ILE A 242 40.48 -8.73 -23.25
N VAL A 243 41.81 -8.60 -23.16
CA VAL A 243 42.71 -9.74 -23.02
C VAL A 243 43.82 -9.37 -22.05
N PRO A 244 44.19 -10.25 -21.11
CA PRO A 244 43.66 -11.60 -20.90
C PRO A 244 42.42 -11.62 -20.03
N TYR A 245 41.42 -12.44 -20.37
CA TYR A 245 40.23 -12.57 -19.53
C TYR A 245 39.51 -13.84 -20.02
N GLN A 246 39.79 -14.96 -19.38
CA GLN A 246 39.26 -16.25 -19.81
C GLN A 246 39.57 -17.27 -18.72
N ALA A 247 39.15 -18.51 -18.98
CA ALA A 247 39.51 -19.64 -18.14
C ALA A 247 40.85 -20.20 -18.58
N PHE A 248 41.69 -20.54 -17.62
CA PHE A 248 43.01 -21.11 -17.87
C PHE A 248 43.09 -22.48 -17.24
N LYS A 249 43.55 -23.46 -18.01
CA LYS A 249 43.74 -24.80 -17.48
C LYS A 249 44.89 -24.80 -16.46
N THR A 250 44.61 -25.36 -15.29
CA THR A 250 45.60 -25.52 -14.23
C THR A 250 46.06 -26.99 -14.19
N LYS A 251 46.85 -27.32 -13.17
CA LYS A 251 47.35 -28.69 -13.04
C LYS A 251 46.22 -29.69 -12.79
N ASP A 252 45.14 -29.26 -12.14
CA ASP A 252 44.05 -30.17 -11.81
C ASP A 252 42.67 -29.62 -12.18
N GLY A 253 42.58 -28.47 -12.82
CA GLY A 253 41.29 -27.91 -13.16
C GLY A 253 41.35 -26.68 -14.03
N TYR A 254 40.55 -25.68 -13.70
CA TYR A 254 40.48 -24.44 -14.45
C TYR A 254 40.34 -23.27 -13.48
N ILE A 255 40.92 -22.14 -13.85
CA ILE A 255 40.77 -20.90 -13.11
C ILE A 255 40.48 -19.78 -14.08
N VAL A 256 39.49 -18.95 -13.76
CA VAL A 256 39.18 -17.76 -14.55
C VAL A 256 39.98 -16.60 -13.98
N VAL A 257 40.71 -15.91 -14.85
CA VAL A 257 41.53 -14.75 -14.48
C VAL A 257 41.40 -13.71 -15.57
N GLY A 258 41.33 -12.44 -15.18
CA GLY A 258 41.25 -11.36 -16.15
C GLY A 258 41.99 -10.13 -15.68
N ALA A 259 42.34 -9.29 -16.65
CA ALA A 259 42.99 -8.01 -16.41
C ALA A 259 42.37 -7.01 -17.38
N GLY A 260 41.61 -6.06 -16.83
CA GLY A 260 40.91 -5.08 -17.64
C GLY A 260 41.69 -3.86 -18.05
N ASN A 261 42.92 -3.71 -17.58
CA ASN A 261 43.73 -2.54 -17.90
C ASN A 261 45.19 -2.86 -17.59
N ASN A 262 46.07 -1.92 -17.91
CA ASN A 262 47.49 -2.19 -17.79
C ASN A 262 47.90 -2.46 -16.35
N GLN A 263 47.24 -1.85 -15.37
CA GLN A 263 47.63 -2.07 -13.99
C GLN A 263 47.20 -3.46 -13.51
N GLN A 264 46.01 -3.92 -13.90
CA GLN A 264 45.61 -5.28 -13.58
C GLN A 264 46.50 -6.29 -14.30
N PHE A 265 46.86 -6.01 -15.54
CA PHE A 265 47.75 -6.89 -16.28
C PHE A 265 49.12 -7.02 -15.58
N ALA A 266 49.64 -5.90 -15.08
CA ALA A 266 50.89 -5.96 -14.31
C ALA A 266 50.73 -6.83 -13.08
N THR A 267 49.61 -6.68 -12.36
CA THR A 267 49.36 -7.50 -11.17
C THR A 267 49.37 -8.99 -11.53
N VAL A 268 48.67 -9.36 -12.60
CA VAL A 268 48.60 -10.77 -12.99
C VAL A 268 49.98 -11.29 -13.34
N CYS A 269 50.75 -10.53 -14.13
CA CYS A 269 52.07 -10.99 -14.55
C CYS A 269 53.00 -11.19 -13.37
N LYS A 270 52.97 -10.26 -12.40
CA LYS A 270 53.82 -10.40 -11.23
C LYS A 270 53.47 -11.66 -10.45
N ILE A 271 52.17 -11.91 -10.27
CA ILE A 271 51.73 -13.11 -9.55
C ILE A 271 52.19 -14.36 -10.29
N LEU A 272 52.18 -14.33 -11.62
CA LEU A 272 52.60 -15.47 -12.40
C LEU A 272 54.10 -15.55 -12.60
N ASP A 273 54.87 -14.64 -11.98
CA ASP A 273 56.31 -14.61 -12.13
C ASP A 273 56.72 -14.43 -13.59
N LEU A 274 55.98 -13.59 -14.30
CA LEU A 274 56.26 -13.28 -15.70
C LEU A 274 56.30 -11.76 -15.89
N PRO A 275 57.13 -11.05 -15.12
CA PRO A 275 57.17 -9.58 -15.25
C PRO A 275 57.67 -9.11 -16.60
N GLU A 276 58.44 -9.92 -17.33
CA GLU A 276 58.96 -9.50 -18.63
C GLU A 276 57.85 -9.19 -19.62
N LEU A 277 56.64 -9.72 -19.40
CA LEU A 277 55.54 -9.47 -20.31
C LEU A 277 54.97 -8.06 -20.18
N ILE A 278 55.14 -7.42 -19.01
CA ILE A 278 54.52 -6.13 -18.77
C ILE A 278 55.06 -5.07 -19.72
N ASP A 279 56.38 -5.07 -19.94
CA ASP A 279 57.03 -4.07 -20.78
C ASP A 279 57.23 -4.53 -22.21
N ASN A 280 56.84 -5.75 -22.55
CA ASN A 280 56.96 -6.22 -23.92
C ASN A 280 56.12 -5.36 -24.84
N SER A 281 56.70 -4.98 -25.98
CA SER A 281 56.00 -4.08 -26.90
C SER A 281 54.68 -4.68 -27.38
N LYS A 282 54.57 -6.01 -27.40
CA LYS A 282 53.38 -6.65 -27.92
C LYS A 282 52.23 -6.64 -26.92
N TYR A 283 52.50 -6.45 -25.62
CA TYR A 283 51.47 -6.62 -24.60
C TYR A 283 51.33 -5.39 -23.69
N LYS A 284 51.85 -4.24 -24.09
CA LYS A 284 51.88 -3.11 -23.17
C LYS A 284 50.52 -2.46 -22.97
N THR A 285 49.60 -2.58 -23.93
CA THR A 285 48.26 -2.02 -23.82
C THR A 285 47.23 -3.10 -24.09
N ASN A 286 45.98 -2.81 -23.72
CA ASN A 286 44.90 -3.76 -23.98
C ASN A 286 44.68 -3.96 -25.47
N HIS A 287 44.70 -2.86 -26.25
CA HIS A 287 44.54 -2.99 -27.69
C HIS A 287 45.62 -3.88 -28.28
N LEU A 288 46.86 -3.76 -27.79
CA LEU A 288 47.94 -4.60 -28.28
C LEU A 288 47.80 -6.04 -27.79
N ARG A 289 47.31 -6.23 -26.56
CA ARG A 289 47.10 -7.58 -26.05
C ARG A 289 46.04 -8.33 -26.84
N VAL A 290 44.96 -7.64 -27.21
CA VAL A 290 43.95 -8.27 -28.07
C VAL A 290 44.56 -8.63 -29.41
N HIS A 291 45.34 -7.71 -29.99
CA HIS A 291 45.96 -7.97 -31.29
C HIS A 291 46.93 -9.14 -31.21
N ASN A 292 47.65 -9.27 -30.09
CA ASN A 292 48.60 -10.35 -29.87
C ASN A 292 48.05 -11.36 -28.87
N ARG A 293 46.74 -11.60 -28.88
CA ARG A 293 46.12 -12.41 -27.86
C ARG A 293 46.55 -13.87 -27.95
N LYS A 294 46.72 -14.39 -29.17
CA LYS A 294 47.04 -15.81 -29.31
C LYS A 294 48.39 -16.13 -28.69
N GLU A 295 49.39 -15.29 -28.92
CA GLU A 295 50.72 -15.56 -28.39
C GLU A 295 50.76 -15.33 -26.89
N LEU A 296 50.05 -14.30 -26.42
CA LEU A 296 50.00 -14.01 -24.99
C LEU A 296 49.31 -15.13 -24.22
N ILE A 297 48.12 -15.55 -24.68
CA ILE A 297 47.37 -16.58 -23.97
C ILE A 297 48.17 -17.88 -23.90
N LYS A 298 48.88 -18.21 -24.97
CA LYS A 298 49.71 -19.42 -24.97
C LYS A 298 50.79 -19.33 -23.90
N ILE A 299 51.45 -18.18 -23.79
CA ILE A 299 52.49 -18.00 -22.76
C ILE A 299 51.86 -18.11 -21.37
N LEU A 300 50.75 -17.42 -21.15
CA LEU A 300 50.09 -17.47 -19.85
C LEU A 300 49.58 -18.87 -19.54
N SER A 301 48.98 -19.54 -20.53
CA SER A 301 48.43 -20.87 -20.29
C SER A 301 49.52 -21.86 -19.87
N GLU A 302 50.70 -21.77 -20.46
CA GLU A 302 51.78 -22.68 -20.09
C GLU A 302 52.10 -22.54 -18.61
N ARG A 303 52.12 -21.32 -18.10
CA ARG A 303 52.42 -21.09 -16.69
C ARG A 303 51.29 -21.57 -15.79
N PHE A 304 50.04 -21.21 -16.11
CA PHE A 304 48.91 -21.62 -15.29
C PHE A 304 48.85 -23.13 -15.08
N GLU A 305 49.24 -23.91 -16.09
CA GLU A 305 49.08 -25.36 -15.96
C GLU A 305 50.11 -25.99 -15.03
N GLU A 306 51.12 -25.24 -14.56
CA GLU A 306 52.21 -25.80 -13.75
C GLU A 306 51.86 -25.87 -12.27
N GLU A 307 50.78 -25.24 -11.83
CA GLU A 307 50.41 -25.18 -10.42
C GLU A 307 48.97 -25.64 -10.23
N LEU A 308 48.68 -26.16 -9.04
CA LEU A 308 47.32 -26.56 -8.68
C LEU A 308 46.41 -25.35 -8.59
N THR A 309 45.10 -25.59 -8.77
CA THR A 309 44.13 -24.52 -8.63
C THR A 309 44.20 -23.89 -7.25
N SER A 310 44.34 -24.71 -6.20
CA SER A 310 44.39 -24.17 -4.84
C SER A 310 45.58 -23.22 -4.67
N LYS A 311 46.71 -23.55 -5.30
CA LYS A 311 47.87 -22.66 -5.20
C LYS A 311 47.62 -21.33 -5.88
N TRP A 312 47.04 -21.35 -7.08
CA TRP A 312 46.74 -20.09 -7.77
C TRP A 312 45.74 -19.27 -7.00
N LEU A 313 44.70 -19.91 -6.44
CA LEU A 313 43.73 -19.16 -5.64
C LEU A 313 44.39 -18.46 -4.46
N TYR A 314 45.37 -19.12 -3.83
CA TYR A 314 46.07 -18.48 -2.71
C TYR A 314 46.91 -17.31 -3.20
N LEU A 315 47.61 -17.47 -4.31
CA LEU A 315 48.47 -16.40 -4.82
C LEU A 315 47.68 -15.20 -5.31
N PHE A 316 46.41 -15.38 -5.68
CA PHE A 316 45.60 -14.28 -6.18
C PHE A 316 44.79 -13.59 -5.09
N GLU A 317 44.88 -14.05 -3.84
CA GLU A 317 44.16 -13.37 -2.77
C GLU A 317 44.59 -11.92 -2.69
N GLY A 318 43.62 -11.01 -2.67
CA GLY A 318 43.92 -9.59 -2.58
C GLY A 318 44.50 -8.97 -3.83
N SER A 319 44.56 -9.72 -4.92
CA SER A 319 45.08 -9.17 -6.17
C SER A 319 44.20 -8.04 -6.68
N GLY A 320 42.91 -8.07 -6.35
CA GLY A 320 41.97 -7.08 -6.85
C GLY A 320 41.57 -7.25 -8.29
N VAL A 321 41.93 -8.37 -8.92
CA VAL A 321 41.55 -8.63 -10.30
C VAL A 321 40.44 -9.68 -10.31
N PRO A 322 39.65 -9.78 -11.38
CA PRO A 322 38.64 -10.83 -11.46
C PRO A 322 39.31 -12.20 -11.56
N TYR A 323 38.98 -13.08 -10.62
CA TYR A 323 39.52 -14.43 -10.63
C TYR A 323 38.60 -15.33 -9.82
N GLY A 324 38.51 -16.58 -10.26
CA GLY A 324 37.70 -17.58 -9.59
C GLY A 324 37.88 -18.94 -10.20
N PRO A 325 37.73 -19.99 -9.38
CA PRO A 325 37.84 -21.36 -9.90
C PRO A 325 36.56 -21.79 -10.59
N ILE A 326 36.72 -22.69 -11.55
CA ILE A 326 35.59 -23.37 -12.17
C ILE A 326 35.20 -24.54 -11.27
N ASN A 327 34.06 -24.42 -10.60
CA ASN A 327 33.61 -25.41 -9.64
C ASN A 327 32.64 -26.38 -10.28
N ASN A 328 32.73 -27.66 -9.89
CA ASN A 328 31.70 -28.62 -10.21
C ASN A 328 30.69 -28.66 -9.05
N MET A 329 29.66 -29.52 -9.19
CA MET A 329 28.64 -29.58 -8.15
C MET A 329 29.24 -29.88 -6.79
N LYS A 330 30.25 -30.76 -6.75
CA LYS A 330 30.89 -31.11 -5.49
C LYS A 330 31.55 -29.89 -4.84
N ASN A 331 32.25 -29.08 -5.63
CA ASN A 331 32.91 -27.90 -5.08
C ASN A 331 31.89 -26.82 -4.70
N VAL A 332 30.83 -26.67 -5.50
CA VAL A 332 29.86 -25.61 -5.25
C VAL A 332 29.26 -25.74 -3.86
N PHE A 333 28.81 -26.93 -3.49
CA PHE A 333 28.11 -27.12 -2.24
C PHE A 333 29.03 -27.55 -1.09
N ALA A 334 30.33 -27.56 -1.33
CA ALA A 334 31.32 -27.56 -0.25
C ALA A 334 31.84 -26.15 0.03
N GLU A 335 31.52 -25.19 -0.82
CA GLU A 335 31.93 -23.81 -0.64
C GLU A 335 31.23 -23.19 0.55
N PRO A 336 31.95 -22.76 1.59
CA PRO A 336 31.26 -22.18 2.76
C PRO A 336 30.37 -21.01 2.42
N GLN A 337 30.71 -20.21 1.40
CA GLN A 337 29.87 -19.08 1.04
C GLN A 337 28.52 -19.55 0.52
N VAL A 338 28.51 -20.63 -0.27
CA VAL A 338 27.25 -21.14 -0.80
C VAL A 338 26.33 -21.58 0.33
N LEU A 339 26.86 -22.35 1.28
CA LEU A 339 26.07 -22.75 2.44
C LEU A 339 25.63 -21.53 3.25
N HIS A 340 26.51 -20.53 3.36
CA HIS A 340 26.20 -19.35 4.16
C HIS A 340 24.99 -18.61 3.58
N ASN A 341 24.88 -18.56 2.26
CA ASN A 341 23.77 -17.86 1.61
C ASN A 341 22.45 -18.62 1.69
N GLY A 342 22.41 -19.76 2.39
CA GLY A 342 21.18 -20.51 2.52
C GLY A 342 20.72 -21.19 1.24
N LEU A 343 21.63 -21.46 0.31
CA LEU A 343 21.27 -22.00 -0.99
C LEU A 343 20.97 -23.50 -0.95
N VAL A 344 21.22 -24.16 0.17
CA VAL A 344 20.86 -25.57 0.33
C VAL A 344 19.59 -25.59 1.17
N MET A 345 18.44 -25.60 0.48
CA MET A 345 17.14 -25.56 1.14
C MET A 345 16.62 -26.97 1.38
N GLU A 346 16.42 -27.31 2.64
CA GLU A 346 15.91 -28.62 3.04
C GLU A 346 14.42 -28.55 3.32
N MET A 347 13.69 -29.56 2.87
CA MET A 347 12.25 -29.63 3.05
C MET A 347 11.87 -31.04 3.49
N GLU A 348 10.79 -31.14 4.26
CA GLU A 348 10.28 -32.42 4.75
C GLU A 348 9.08 -32.82 3.91
N HIS A 349 9.29 -33.76 3.00
CA HIS A 349 8.19 -34.25 2.17
C HIS A 349 7.36 -35.25 2.97
N PRO A 350 6.03 -35.23 2.80
CA PRO A 350 5.18 -36.07 3.66
C PRO A 350 5.39 -37.56 3.44
N THR A 351 5.69 -37.99 2.22
CA THR A 351 5.90 -39.40 1.92
C THR A 351 7.30 -39.74 1.46
N VAL A 352 8.08 -38.76 1.00
CA VAL A 352 9.41 -39.01 0.47
C VAL A 352 10.52 -38.70 1.46
N GLY A 353 10.24 -37.92 2.49
CA GLY A 353 11.23 -37.59 3.50
C GLY A 353 11.96 -36.29 3.20
N LYS A 354 13.11 -36.14 3.85
CA LYS A 354 13.90 -34.93 3.70
C LYS A 354 14.49 -34.85 2.30
N ILE A 355 14.31 -33.70 1.65
CA ILE A 355 14.86 -33.44 0.33
C ILE A 355 15.48 -32.06 0.33
N SER A 356 16.53 -31.89 -0.48
CA SER A 356 17.27 -30.64 -0.56
C SER A 356 17.29 -30.14 -2.00
N VAL A 357 16.98 -28.86 -2.17
CA VAL A 357 17.02 -28.22 -3.48
C VAL A 357 17.61 -26.83 -3.34
N PRO A 358 18.03 -26.22 -4.45
CA PRO A 358 18.53 -24.85 -4.38
C PRO A 358 17.48 -23.90 -3.82
N GLY A 359 17.90 -23.07 -2.88
CA GLY A 359 17.01 -22.17 -2.19
C GLY A 359 16.78 -20.87 -2.93
N PRO A 360 16.00 -19.97 -2.32
CA PRO A 360 15.72 -18.68 -2.95
C PRO A 360 17.00 -17.88 -3.17
N ALA A 361 17.01 -17.12 -4.27
CA ALA A 361 18.21 -16.35 -4.62
C ALA A 361 18.28 -15.01 -3.88
N VAL A 362 17.13 -14.45 -3.51
CA VAL A 362 17.06 -13.12 -2.89
C VAL A 362 16.73 -13.29 -1.41
N ARG A 363 17.34 -12.44 -0.58
CA ARG A 363 17.10 -12.41 0.85
C ARG A 363 16.64 -11.03 1.27
N TYR A 364 15.55 -10.97 2.03
CA TYR A 364 14.97 -9.72 2.51
C TYR A 364 15.18 -9.60 4.01
N SER A 365 15.29 -8.35 4.49
CA SER A 365 15.59 -8.12 5.91
C SER A 365 14.36 -8.28 6.80
N LYS A 366 13.16 -8.08 6.24
CA LYS A 366 11.93 -8.05 7.03
C LYS A 366 11.19 -9.38 7.08
N PHE A 367 11.62 -10.39 6.33
CA PHE A 367 10.97 -11.69 6.40
C PHE A 367 11.94 -12.76 5.92
N LYS A 368 11.65 -13.99 6.30
CA LYS A 368 12.48 -15.15 5.97
C LYS A 368 11.70 -16.07 5.04
N MET A 369 12.41 -16.67 4.09
CA MET A 369 11.84 -17.64 3.16
C MET A 369 12.48 -19.01 3.30
N SER A 370 13.21 -19.24 4.40
CA SER A 370 13.92 -20.50 4.58
C SER A 370 13.00 -21.67 4.89
N GLU A 371 11.74 -21.42 5.21
CA GLU A 371 10.75 -22.44 5.48
C GLU A 371 9.74 -22.46 4.35
N ALA A 372 9.74 -23.53 3.57
CA ALA A 372 8.90 -23.66 2.40
C ALA A 372 8.02 -24.90 2.52
N ARG A 373 6.82 -24.79 1.97
CA ARG A 373 5.96 -25.96 1.86
C ARG A 373 6.55 -26.93 0.84
N PRO A 374 6.61 -28.23 1.13
CA PRO A 374 7.20 -29.17 0.19
C PRO A 374 6.37 -29.23 -1.09
N PRO A 375 6.97 -29.58 -2.21
CA PRO A 375 6.22 -29.72 -3.46
C PRO A 375 5.05 -30.66 -3.28
N PRO A 376 3.88 -30.31 -3.79
CA PRO A 376 2.68 -31.12 -3.52
C PRO A 376 2.67 -32.41 -4.33
N LEU A 377 2.03 -33.42 -3.74
CA LEU A 377 1.74 -34.63 -4.49
C LEU A 377 0.59 -34.39 -5.44
N LEU A 378 0.51 -35.21 -6.48
CA LEU A 378 -0.48 -35.00 -7.52
C LEU A 378 -1.88 -35.05 -6.94
N GLY A 379 -2.60 -33.92 -7.03
CA GLY A 379 -3.94 -33.86 -6.48
C GLY A 379 -3.99 -33.90 -4.96
N GLN A 380 -2.89 -33.55 -4.29
CA GLN A 380 -2.85 -33.64 -2.84
C GLN A 380 -3.87 -32.75 -2.18
N HIS A 381 -4.18 -31.59 -2.77
CA HIS A 381 -5.06 -30.61 -2.16
C HIS A 381 -6.37 -30.45 -2.94
N THR A 382 -6.75 -31.44 -3.74
CA THR A 382 -7.96 -31.33 -4.55
C THR A 382 -9.19 -31.07 -3.68
N THR A 383 -9.46 -31.97 -2.73
CA THR A 383 -10.63 -31.81 -1.87
C THR A 383 -10.54 -30.54 -1.05
N HIS A 384 -9.37 -30.26 -0.46
CA HIS A 384 -9.22 -29.06 0.35
C HIS A 384 -9.58 -27.81 -0.43
N ILE A 385 -9.13 -27.70 -1.68
CA ILE A 385 -9.39 -26.51 -2.47
C ILE A 385 -10.87 -26.42 -2.81
N LEU A 386 -11.48 -27.52 -3.25
CA LEU A 386 -12.88 -27.49 -3.62
C LEU A 386 -13.77 -27.12 -2.43
N LYS A 387 -13.47 -27.65 -1.25
CA LYS A 387 -14.30 -27.36 -0.08
C LYS A 387 -14.01 -25.98 0.50
N GLU A 388 -12.74 -25.68 0.74
CA GLU A 388 -12.38 -24.48 1.49
C GLU A 388 -12.36 -23.24 0.60
N VAL A 389 -11.87 -23.38 -0.63
CA VAL A 389 -11.72 -22.21 -1.50
C VAL A 389 -13.00 -21.93 -2.29
N LEU A 390 -13.68 -22.97 -2.78
CA LEU A 390 -14.86 -22.80 -3.61
C LEU A 390 -16.17 -23.14 -2.92
N ARG A 391 -16.13 -23.71 -1.71
CA ARG A 391 -17.31 -24.00 -0.90
C ARG A 391 -18.15 -25.11 -1.51
N TYR A 392 -17.52 -26.05 -2.20
CA TYR A 392 -18.22 -27.25 -2.64
C TYR A 392 -18.53 -28.13 -1.44
N ASP A 393 -19.68 -28.80 -1.49
CA ASP A 393 -20.04 -29.71 -0.42
C ASP A 393 -19.55 -31.13 -0.73
N ASP A 394 -19.60 -31.98 0.31
CA ASP A 394 -19.14 -33.35 0.15
C ASP A 394 -19.93 -34.07 -0.94
N ARG A 395 -21.16 -33.62 -1.19
CA ARG A 395 -22.02 -34.27 -2.17
C ARG A 395 -21.50 -34.05 -3.58
N ALA A 396 -21.17 -32.80 -3.92
CA ALA A 396 -20.70 -32.48 -5.27
C ALA A 396 -19.30 -33.02 -5.52
N ILE A 397 -18.43 -32.98 -4.50
CA ILE A 397 -17.05 -33.43 -4.69
C ILE A 397 -17.00 -34.91 -5.01
N GLY A 398 -17.76 -35.72 -4.28
CA GLY A 398 -17.81 -37.14 -4.57
C GLY A 398 -18.27 -37.43 -5.98
N GLU A 399 -19.19 -36.62 -6.51
CA GLU A 399 -19.64 -36.81 -7.87
C GLU A 399 -18.54 -36.51 -8.88
N LEU A 400 -17.79 -35.42 -8.66
CA LEU A 400 -16.69 -35.08 -9.55
C LEU A 400 -15.58 -36.12 -9.47
N LEU A 401 -15.33 -36.64 -8.26
CA LEU A 401 -14.35 -37.71 -8.11
C LEU A 401 -14.80 -38.98 -8.81
N SER A 402 -16.07 -39.34 -8.65
CA SER A 402 -16.58 -40.56 -9.28
C SER A 402 -16.48 -40.47 -10.80
N ALA A 403 -16.77 -39.31 -11.36
CA ALA A 403 -16.69 -39.12 -12.81
C ALA A 403 -15.26 -39.03 -13.31
N GLY A 404 -14.29 -38.84 -12.43
CA GLY A 404 -12.91 -38.66 -12.85
C GLY A 404 -12.56 -37.24 -13.25
N VAL A 405 -13.45 -36.27 -13.02
CA VAL A 405 -13.15 -34.89 -13.38
C VAL A 405 -11.99 -34.37 -12.54
N VAL A 406 -11.92 -34.78 -11.28
CA VAL A 406 -10.84 -34.39 -10.38
C VAL A 406 -10.33 -35.65 -9.70
N ASP A 407 -9.15 -35.53 -9.10
CA ASP A 407 -8.53 -36.66 -8.43
C ASP A 407 -7.89 -36.19 -7.14
N GLN A 408 -8.06 -36.98 -6.09
CA GLN A 408 -7.52 -36.67 -4.77
C GLN A 408 -6.49 -37.73 -4.41
N HIS A 409 -5.27 -37.28 -4.09
CA HIS A 409 -4.23 -38.20 -3.68
C HIS A 409 -4.58 -38.82 -2.34
N GLU A 410 -4.05 -40.02 -2.10
CA GLU A 410 -4.25 -40.66 -0.80
C GLU A 410 -3.78 -39.75 0.33
N THR A 411 -2.62 -39.11 0.15
CA THR A 411 -2.09 -38.19 1.15
C THR A 411 -2.70 -36.81 0.99
N HIS A 412 -3.21 -36.26 2.08
CA HIS A 412 -3.81 -34.92 2.06
C HIS A 412 -2.83 -33.86 2.54
N ASP B 8 0.09 8.95 -23.85
CA ASP B 8 0.49 9.74 -22.69
C ASP B 8 -0.67 9.95 -21.73
N MET B 9 -1.71 10.62 -22.21
CA MET B 9 -2.89 10.86 -21.37
C MET B 9 -3.51 9.54 -20.93
N ASN B 10 -3.68 8.60 -21.87
CA ASN B 10 -4.23 7.29 -21.58
C ASN B 10 -3.17 6.24 -21.32
N ASN B 11 -1.92 6.50 -21.69
CA ASN B 11 -0.84 5.51 -21.59
C ASN B 11 -0.14 5.68 -20.24
N ILE B 12 -0.80 5.20 -19.19
CA ILE B 12 -0.28 5.30 -17.82
C ILE B 12 0.37 3.97 -17.46
N LYS B 13 1.67 4.02 -17.14
CA LYS B 13 2.44 2.85 -16.80
C LYS B 13 2.35 2.56 -15.31
N PRO B 14 2.58 1.31 -14.90
CA PRO B 14 2.31 0.95 -13.50
C PRO B 14 3.14 1.68 -12.48
N LEU B 15 4.41 1.96 -12.78
CA LEU B 15 5.34 2.52 -11.80
C LEU B 15 5.49 4.03 -11.90
N GLU B 16 4.59 4.71 -12.61
CA GLU B 16 4.64 6.17 -12.64
C GLU B 16 4.46 6.72 -11.23
N GLY B 17 5.25 7.73 -10.89
CA GLY B 17 5.25 8.28 -9.56
C GLY B 17 6.23 7.63 -8.60
N VAL B 18 6.86 6.53 -9.00
CA VAL B 18 7.87 5.88 -8.18
C VAL B 18 9.23 6.44 -8.57
N LYS B 19 9.95 6.99 -7.59
CA LYS B 19 11.29 7.54 -7.80
C LYS B 19 12.32 6.50 -7.38
N ILE B 20 13.31 6.28 -8.23
CA ILE B 20 14.38 5.31 -7.96
C ILE B 20 15.71 6.05 -7.96
N LEU B 21 16.36 6.07 -6.80
CA LEU B 21 17.69 6.63 -6.66
C LEU B 21 18.71 5.55 -7.03
N ASP B 22 19.31 5.69 -8.21
CA ASP B 22 20.06 4.61 -8.87
C ASP B 22 21.55 4.95 -8.89
N LEU B 23 22.33 4.26 -8.07
CA LEU B 23 23.78 4.38 -8.06
C LEU B 23 24.48 3.22 -8.76
N THR B 24 23.75 2.44 -9.55
CA THR B 24 24.31 1.24 -10.15
C THR B 24 25.22 1.57 -11.33
N ARG B 25 26.10 0.63 -11.64
CA ARG B 25 27.02 0.73 -12.76
C ARG B 25 27.21 -0.65 -13.37
N VAL B 26 27.72 -0.67 -14.60
CA VAL B 26 28.00 -1.89 -15.35
C VAL B 26 26.71 -2.45 -15.94
N LEU B 27 26.31 -3.66 -15.53
CA LEU B 27 25.21 -4.33 -16.23
C LEU B 27 24.07 -4.78 -15.31
N ALA B 28 24.38 -5.55 -14.28
CA ALA B 28 23.33 -6.14 -13.44
C ALA B 28 22.37 -5.09 -12.91
N GLY B 29 22.92 -4.09 -12.22
CA GLY B 29 22.11 -3.04 -11.63
C GLY B 29 21.42 -2.18 -12.68
N PRO B 30 22.20 -1.67 -13.64
CA PRO B 30 21.57 -0.84 -14.69
C PRO B 30 20.48 -1.57 -15.45
N PHE B 31 20.65 -2.86 -15.70
CA PHE B 31 19.61 -3.63 -16.39
C PHE B 31 18.33 -3.68 -15.55
N ALA B 32 18.47 -3.85 -14.24
CA ALA B 32 17.29 -3.88 -13.37
C ALA B 32 16.56 -2.54 -13.40
N THR B 33 17.29 -1.43 -13.25
CA THR B 33 16.63 -0.13 -13.19
C THR B 33 16.09 0.30 -14.54
N MET B 34 16.70 -0.16 -15.63
CA MET B 34 16.15 0.14 -16.95
C MET B 34 14.78 -0.48 -17.12
N ASN B 35 14.62 -1.75 -16.69
CA ASN B 35 13.31 -2.39 -16.80
C ASN B 35 12.28 -1.71 -15.91
N LEU B 36 12.71 -1.16 -14.77
CA LEU B 36 11.79 -0.39 -13.94
C LEU B 36 11.46 0.96 -14.59
N GLY B 37 12.41 1.55 -15.30
CA GLY B 37 12.12 2.76 -16.05
C GLY B 37 11.12 2.50 -17.17
N ASP B 38 11.25 1.36 -17.84
CA ASP B 38 10.28 0.99 -18.87
C ASP B 38 8.86 0.94 -18.29
N LEU B 39 8.73 0.48 -17.05
CA LEU B 39 7.43 0.39 -16.40
C LEU B 39 6.96 1.72 -15.82
N GLY B 40 7.68 2.82 -16.10
CA GLY B 40 7.23 4.14 -15.73
C GLY B 40 7.94 4.77 -14.56
N ALA B 41 8.85 4.06 -13.90
CA ALA B 41 9.53 4.62 -12.74
C ALA B 41 10.45 5.75 -13.17
N GLU B 42 10.59 6.74 -12.29
CA GLU B 42 11.50 7.86 -12.51
C GLU B 42 12.86 7.47 -11.94
N VAL B 43 13.78 7.08 -12.82
CA VAL B 43 15.09 6.59 -12.43
C VAL B 43 16.08 7.75 -12.43
N ILE B 44 16.63 8.07 -11.26
CA ILE B 44 17.61 9.13 -11.09
C ILE B 44 18.98 8.47 -10.97
N LYS B 45 19.72 8.44 -12.08
CA LYS B 45 21.03 7.80 -12.11
C LYS B 45 22.07 8.76 -11.53
N VAL B 46 22.74 8.33 -10.47
CA VAL B 46 23.77 9.11 -9.79
C VAL B 46 25.12 8.65 -10.34
N GLU B 47 25.91 9.60 -10.88
CA GLU B 47 27.15 9.25 -11.55
C GLU B 47 28.30 10.11 -11.03
N ARG B 48 29.51 9.55 -11.12
CA ARG B 48 30.71 10.28 -10.74
C ARG B 48 30.97 11.42 -11.72
N PRO B 49 31.23 12.63 -11.23
CA PRO B 49 31.57 13.73 -12.14
C PRO B 49 32.82 13.39 -12.95
N GLY B 50 32.77 13.67 -14.24
CA GLY B 50 33.89 13.42 -15.11
C GLY B 50 33.82 12.07 -15.79
N ALA B 51 33.84 11.01 -14.99
CA ALA B 51 33.85 9.64 -15.54
C ALA B 51 32.45 9.08 -15.70
N GLY B 52 31.65 9.09 -14.64
CA GLY B 52 30.33 8.50 -14.71
C GLY B 52 30.38 6.98 -14.67
N ASP B 53 29.29 6.36 -15.12
CA ASP B 53 29.20 4.91 -15.15
C ASP B 53 30.38 4.33 -15.93
N ASP B 54 30.96 3.26 -15.39
CA ASP B 54 32.12 2.64 -16.01
C ASP B 54 31.89 2.31 -17.48
N THR B 55 30.69 1.83 -17.81
CA THR B 55 30.42 1.41 -19.18
C THR B 55 30.56 2.56 -20.18
N ARG B 56 30.53 3.81 -19.71
CA ARG B 56 30.65 4.93 -20.63
C ARG B 56 31.96 4.87 -21.42
N THR B 57 33.01 4.31 -20.81
CA THR B 57 34.33 4.25 -21.44
C THR B 57 34.61 2.92 -22.12
N TRP B 58 33.69 1.96 -22.07
CA TRP B 58 33.96 0.63 -22.64
C TRP B 58 33.62 0.69 -24.12
N GLY B 59 34.65 0.98 -24.92
CA GLY B 59 34.51 1.01 -26.36
C GLY B 59 35.87 0.97 -27.03
N PRO B 60 35.87 0.85 -28.36
CA PRO B 60 34.72 0.80 -29.26
C PRO B 60 33.89 -0.47 -29.05
N PRO B 61 32.69 -0.52 -29.63
CA PRO B 61 32.12 0.46 -30.56
C PRO B 61 31.64 1.73 -29.86
N PHE B 62 31.81 2.87 -30.51
CA PHE B 62 31.36 4.15 -30.00
C PHE B 62 30.41 4.81 -31.00
N VAL B 63 29.42 5.52 -30.47
CA VAL B 63 28.56 6.37 -31.27
C VAL B 63 28.74 7.79 -30.76
N GLY B 64 29.42 8.63 -31.53
CA GLY B 64 29.80 9.93 -31.02
C GLY B 64 30.68 9.76 -29.80
N THR B 65 30.23 10.31 -28.67
CA THR B 65 30.95 10.19 -27.40
C THR B 65 30.43 9.07 -26.52
N GLU B 66 29.28 8.47 -26.85
CA GLU B 66 28.64 7.46 -26.02
C GLU B 66 28.99 6.07 -26.52
N SER B 67 29.32 5.18 -25.59
CA SER B 67 29.60 3.80 -25.97
C SER B 67 28.29 3.04 -26.14
N THR B 68 28.30 2.07 -27.06
CA THR B 68 27.11 1.26 -27.29
C THR B 68 26.75 0.43 -26.07
N TYR B 69 27.74 -0.01 -25.30
CA TYR B 69 27.45 -0.73 -24.06
C TYR B 69 26.57 0.12 -23.15
N TYR B 70 26.98 1.36 -22.88
CA TYR B 70 26.21 2.22 -21.99
C TYR B 70 24.81 2.47 -22.55
N LEU B 71 24.71 2.75 -23.84
CA LEU B 71 23.41 3.05 -24.43
C LEU B 71 22.45 1.87 -24.32
N SER B 72 22.98 0.64 -24.38
CA SER B 72 22.12 -0.53 -24.49
C SER B 72 21.28 -0.75 -23.24
N VAL B 73 21.73 -0.29 -22.07
CA VAL B 73 21.05 -0.62 -20.83
C VAL B 73 20.85 0.61 -19.94
N ASN B 74 20.65 1.78 -20.54
CA ASN B 74 20.42 2.97 -19.72
C ASN B 74 19.35 3.91 -20.28
N ARG B 75 18.48 3.42 -21.16
CA ARG B 75 17.36 4.23 -21.58
C ARG B 75 16.40 4.46 -20.41
N ASN B 76 15.53 5.45 -20.56
CA ASN B 76 14.51 5.76 -19.55
C ASN B 76 15.12 6.09 -18.20
N LYS B 77 16.21 6.86 -18.22
CA LYS B 77 16.85 7.31 -16.99
C LYS B 77 17.28 8.77 -17.14
N LYS B 78 17.38 9.44 -15.99
CA LYS B 78 17.97 10.78 -15.92
C LYS B 78 19.29 10.69 -15.17
N SER B 79 20.19 11.63 -15.47
CA SER B 79 21.55 11.62 -14.93
C SER B 79 21.82 12.89 -14.13
N ILE B 80 22.30 12.71 -12.90
CA ILE B 80 22.82 13.79 -12.08
C ILE B 80 24.25 13.42 -11.70
N ALA B 81 25.20 14.29 -12.05
CA ALA B 81 26.61 14.06 -11.73
C ALA B 81 26.90 14.71 -10.38
N VAL B 82 27.11 13.89 -9.36
CA VAL B 82 27.38 14.36 -8.02
C VAL B 82 28.50 13.50 -7.42
N ASN B 83 29.42 14.16 -6.72
CA ASN B 83 30.55 13.48 -6.09
C ASN B 83 30.14 13.02 -4.70
N ILE B 84 29.82 11.72 -4.57
CA ILE B 84 29.36 11.19 -3.29
C ILE B 84 30.48 11.05 -2.27
N LYS B 85 31.74 11.29 -2.66
CA LYS B 85 32.81 11.38 -1.69
C LYS B 85 32.92 12.75 -1.04
N ASP B 86 32.17 13.73 -1.53
CA ASP B 86 32.15 15.06 -0.93
C ASP B 86 31.03 15.14 0.09
N PRO B 87 31.30 15.64 1.31
CA PRO B 87 30.23 15.73 2.30
C PRO B 87 28.98 16.44 1.79
N LYS B 88 29.15 17.47 0.96
CA LYS B 88 27.98 18.10 0.35
C LYS B 88 27.25 17.15 -0.58
N GLY B 89 27.99 16.27 -1.25
CA GLY B 89 27.35 15.27 -2.09
C GLY B 89 26.58 14.24 -1.28
N VAL B 90 27.16 13.80 -0.16
CA VAL B 90 26.43 12.92 0.74
C VAL B 90 25.11 13.56 1.15
N LYS B 91 25.15 14.87 1.43
CA LYS B 91 23.92 15.60 1.77
C LYS B 91 22.90 15.51 0.65
N ILE B 92 23.35 15.64 -0.60
CA ILE B 92 22.42 15.62 -1.73
C ILE B 92 21.80 14.23 -1.88
N ILE B 93 22.61 13.18 -1.69
CA ILE B 93 22.08 11.82 -1.81
C ILE B 93 21.05 11.55 -0.73
N LYS B 94 21.32 11.99 0.51
CA LYS B 94 20.35 11.78 1.57
C LYS B 94 19.06 12.56 1.32
N GLU B 95 19.18 13.79 0.81
CA GLU B 95 17.99 14.56 0.48
C GLU B 95 17.18 13.90 -0.63
N LEU B 96 17.87 13.28 -1.59
CA LEU B 96 17.18 12.57 -2.65
C LEU B 96 16.48 11.33 -2.11
N ALA B 97 17.16 10.57 -1.24
CA ALA B 97 16.55 9.37 -0.67
C ALA B 97 15.27 9.70 0.08
N ALA B 98 15.22 10.87 0.72
CA ALA B 98 14.04 11.25 1.49
C ALA B 98 12.80 11.41 0.63
N VAL B 99 12.97 11.68 -0.66
CA VAL B 99 11.84 11.85 -1.56
C VAL B 99 11.78 10.76 -2.63
N CYS B 100 12.60 9.72 -2.49
CA CYS B 100 12.62 8.61 -3.43
C CYS B 100 12.11 7.35 -2.74
N ASP B 101 11.58 6.44 -3.56
CA ASP B 101 10.99 5.21 -3.05
C ASP B 101 11.98 4.05 -3.01
N VAL B 102 12.97 4.04 -3.90
CA VAL B 102 13.90 2.93 -4.02
C VAL B 102 15.33 3.46 -4.08
N PHE B 103 16.25 2.69 -3.49
CA PHE B 103 17.67 2.99 -3.49
C PHE B 103 18.40 1.72 -3.94
N VAL B 104 19.19 1.83 -5.01
CA VAL B 104 19.84 0.68 -5.62
C VAL B 104 21.33 0.96 -5.74
N GLU B 105 22.16 -0.01 -5.37
CA GLU B 105 23.60 0.13 -5.47
C GLU B 105 24.21 -1.25 -5.67
N ASN B 106 25.40 -1.27 -6.27
CA ASN B 106 26.11 -2.53 -6.51
C ASN B 106 27.59 -2.38 -6.17
N TYR B 107 27.88 -1.69 -5.07
CA TYR B 107 29.24 -1.61 -4.56
C TYR B 107 29.52 -2.82 -3.68
N VAL B 108 30.81 -3.06 -3.43
CA VAL B 108 31.16 -4.13 -2.50
C VAL B 108 30.46 -3.88 -1.17
N PRO B 109 29.99 -4.92 -0.46
CA PRO B 109 29.29 -4.68 0.79
C PRO B 109 30.16 -3.88 1.76
N GLY B 110 29.55 -2.88 2.39
CA GLY B 110 30.24 -2.04 3.35
C GLY B 110 30.90 -0.80 2.76
N LYS B 111 31.05 -0.72 1.44
CA LYS B 111 31.70 0.44 0.85
C LYS B 111 30.88 1.71 1.05
N LEU B 112 29.60 1.67 0.68
CA LEU B 112 28.74 2.83 0.87
C LEU B 112 28.54 3.15 2.33
N SER B 113 28.53 2.13 3.20
CA SER B 113 28.38 2.39 4.62
C SER B 113 29.54 3.25 5.15
N ALA B 114 30.75 2.99 4.65
CA ALA B 114 31.90 3.80 5.07
C ALA B 114 31.83 5.22 4.54
N MET B 115 31.02 5.47 3.51
CA MET B 115 30.84 6.82 2.97
C MET B 115 29.65 7.54 3.57
N GLY B 116 28.95 6.92 4.51
CA GLY B 116 27.75 7.52 5.08
C GLY B 116 26.49 7.26 4.30
N LEU B 117 26.52 6.34 3.33
CA LEU B 117 25.37 6.06 2.48
C LEU B 117 24.92 4.60 2.59
N GLY B 118 25.24 3.93 3.70
CA GLY B 118 24.79 2.57 3.90
C GLY B 118 23.32 2.50 4.24
N TYR B 119 22.79 1.28 4.27
CA TYR B 119 21.37 1.11 4.58
C TYR B 119 21.02 1.72 5.93
N GLU B 120 21.87 1.50 6.94
CA GLU B 120 21.60 2.07 8.26
C GLU B 120 21.47 3.59 8.17
N ASP B 121 22.39 4.24 7.45
CA ASP B 121 22.36 5.69 7.33
C ASP B 121 21.12 6.17 6.58
N ILE B 122 20.79 5.51 5.48
CA ILE B 122 19.69 5.97 4.64
C ILE B 122 18.34 5.68 5.30
N ASP B 123 18.20 4.50 5.91
CA ASP B 123 16.93 4.16 6.55
C ASP B 123 16.61 5.12 7.68
N GLU B 124 17.63 5.65 8.36
CA GLU B 124 17.40 6.61 9.44
C GLU B 124 16.60 7.82 8.96
N ILE B 125 16.99 8.41 7.83
CA ILE B 125 16.31 9.59 7.32
C ILE B 125 15.27 9.27 6.26
N ALA B 126 15.15 8.00 5.86
CA ALA B 126 14.18 7.57 4.86
C ALA B 126 13.66 6.19 5.23
N PRO B 127 12.90 6.09 6.33
CA PRO B 127 12.42 4.77 6.78
C PRO B 127 11.51 4.07 5.79
N HIS B 128 11.07 4.75 4.74
CA HIS B 128 10.22 4.17 3.70
C HIS B 128 11.01 3.48 2.60
N ILE B 129 12.33 3.65 2.56
CA ILE B 129 13.09 3.36 1.35
C ILE B 129 13.21 1.85 1.16
N ILE B 130 13.16 1.43 -0.10
CA ILE B 130 13.49 0.06 -0.49
C ILE B 130 14.94 0.10 -0.93
N TYR B 131 15.81 -0.51 -0.15
CA TYR B 131 17.27 -0.44 -0.36
C TYR B 131 17.73 -1.78 -0.91
N CYS B 132 18.18 -1.78 -2.16
CA CYS B 132 18.56 -3.00 -2.86
C CYS B 132 20.04 -2.92 -3.23
N SER B 133 20.83 -3.85 -2.73
CA SER B 133 22.26 -3.92 -3.03
C SER B 133 22.53 -5.18 -3.86
N ILE B 134 23.19 -5.00 -5.00
CA ILE B 134 23.53 -6.08 -5.91
C ILE B 134 25.03 -6.29 -5.83
N THR B 135 25.44 -7.44 -5.30
CA THR B 135 26.84 -7.76 -5.09
C THR B 135 27.20 -9.05 -5.81
N GLY B 136 28.47 -9.43 -5.70
CA GLY B 136 28.96 -10.65 -6.31
C GLY B 136 28.56 -11.89 -5.54
N TYR B 137 28.60 -11.81 -4.21
CA TYR B 137 28.42 -12.98 -3.37
C TYR B 137 27.49 -12.79 -2.19
N GLY B 138 26.88 -11.62 -2.04
CA GLY B 138 26.03 -11.33 -0.90
C GLY B 138 26.66 -10.35 0.05
N GLN B 139 25.86 -9.93 1.04
CA GLN B 139 26.30 -8.91 1.98
C GLN B 139 27.27 -9.45 3.02
N THR B 140 27.19 -10.73 3.37
CA THR B 140 28.05 -11.31 4.39
C THR B 140 28.58 -12.64 3.90
N GLY B 141 29.58 -13.16 4.60
CA GLY B 141 30.17 -14.43 4.28
C GLY B 141 31.68 -14.34 4.12
N PRO B 142 32.33 -15.50 4.07
CA PRO B 142 33.81 -15.50 4.02
C PRO B 142 34.39 -14.75 2.83
N ILE B 143 33.75 -14.82 1.67
CA ILE B 143 34.26 -14.20 0.46
C ILE B 143 33.36 -13.05 -0.02
N SER B 144 32.55 -12.49 0.87
CA SER B 144 31.61 -11.44 0.49
C SER B 144 32.30 -10.13 0.10
N GLN B 145 33.58 -9.96 0.41
CA GLN B 145 34.27 -8.72 0.09
C GLN B 145 34.81 -8.67 -1.33
N ARG B 146 34.72 -9.75 -2.09
CA ARG B 146 35.16 -9.75 -3.48
C ARG B 146 34.16 -9.05 -4.37
N ALA B 147 34.67 -8.30 -5.36
CA ALA B 147 33.81 -7.64 -6.33
C ALA B 147 33.17 -8.67 -7.25
N GLY B 148 31.97 -8.34 -7.74
CA GLY B 148 31.22 -9.25 -8.57
C GLY B 148 31.60 -9.13 -10.04
N TYR B 149 31.79 -10.28 -10.69
CA TYR B 149 32.05 -10.35 -12.11
C TYR B 149 31.27 -11.52 -12.69
N ASP B 150 30.63 -11.29 -13.84
CA ASP B 150 29.79 -12.34 -14.42
C ASP B 150 30.58 -13.60 -14.71
N ALA B 151 31.74 -13.45 -15.37
CA ALA B 151 32.53 -14.62 -15.73
C ALA B 151 33.00 -15.38 -14.51
N VAL B 152 33.37 -14.66 -13.45
CA VAL B 152 33.80 -15.33 -12.23
C VAL B 152 32.63 -16.03 -11.55
N ALA B 153 31.48 -15.35 -11.48
CA ALA B 153 30.31 -15.94 -10.84
C ALA B 153 29.88 -17.22 -11.55
N SER B 154 29.84 -17.20 -12.88
CA SER B 154 29.45 -18.40 -13.62
C SER B 154 30.45 -19.52 -13.43
N ALA B 155 31.72 -19.19 -13.12
CA ALA B 155 32.71 -20.22 -12.85
C ALA B 155 32.53 -20.80 -11.45
N VAL B 156 32.40 -19.92 -10.44
CA VAL B 156 32.28 -20.37 -9.06
C VAL B 156 30.93 -21.05 -8.83
N SER B 157 29.89 -20.63 -9.55
CA SER B 157 28.53 -21.12 -9.30
C SER B 157 28.26 -22.50 -9.89
N GLY B 158 29.10 -22.97 -10.81
CA GLY B 158 28.91 -24.27 -11.42
C GLY B 158 28.35 -24.24 -12.82
N LEU B 159 27.95 -23.06 -13.31
CA LEU B 159 27.37 -22.98 -14.65
C LEU B 159 28.40 -23.34 -15.71
N MET B 160 29.62 -22.83 -15.57
CA MET B 160 30.67 -23.10 -16.55
C MET B 160 30.99 -24.58 -16.62
N HIS B 161 31.03 -25.24 -15.47
CA HIS B 161 31.36 -26.67 -15.44
C HIS B 161 30.36 -27.50 -16.25
N ILE B 162 29.09 -27.10 -16.28
CA ILE B 162 28.06 -27.85 -16.97
C ILE B 162 27.75 -27.28 -18.35
N THR B 163 28.57 -26.36 -18.84
CA THR B 163 28.36 -25.71 -20.14
C THR B 163 29.60 -25.95 -20.99
N GLY B 164 29.39 -26.54 -22.17
CA GLY B 164 30.46 -26.79 -23.10
C GLY B 164 30.29 -28.09 -23.85
N PRO B 165 31.14 -28.33 -24.85
CA PRO B 165 31.04 -29.56 -25.63
C PRO B 165 31.33 -30.79 -24.79
N GLU B 166 30.58 -31.86 -25.06
CA GLU B 166 30.79 -33.12 -24.36
C GLU B 166 32.21 -33.61 -24.58
N ASN B 167 32.93 -33.86 -23.49
CA ASN B 167 34.32 -34.27 -23.53
C ASN B 167 35.22 -33.12 -24.00
N GLY B 168 34.88 -31.89 -23.63
CA GLY B 168 35.65 -30.73 -24.04
C GLY B 168 35.82 -29.72 -22.91
N ASP B 169 36.39 -28.57 -23.24
CA ASP B 169 36.66 -27.54 -22.23
C ASP B 169 35.39 -26.81 -21.83
N PRO B 170 35.35 -26.23 -20.63
CA PRO B 170 34.19 -25.44 -20.23
C PRO B 170 34.01 -24.22 -21.12
N VAL B 171 32.78 -23.71 -21.14
CA VAL B 171 32.45 -22.54 -21.94
C VAL B 171 31.57 -21.63 -21.09
N ARG B 172 31.61 -20.33 -21.40
CA ARG B 172 30.73 -19.38 -20.73
C ARG B 172 29.62 -18.97 -21.68
N PRO B 173 28.44 -18.62 -21.17
CA PRO B 173 27.38 -18.10 -22.04
C PRO B 173 27.87 -16.89 -22.81
N GLY B 174 27.40 -16.76 -24.06
CA GLY B 174 27.83 -15.67 -24.92
C GLY B 174 27.61 -14.30 -24.31
N VAL B 175 26.53 -14.14 -23.55
CA VAL B 175 26.25 -12.89 -22.85
C VAL B 175 26.25 -13.17 -21.35
N ALA B 176 26.33 -12.10 -20.57
CA ALA B 176 26.45 -12.20 -19.12
C ALA B 176 25.08 -12.54 -18.52
N MET B 177 24.67 -13.80 -18.73
CA MET B 177 23.38 -14.25 -18.24
C MET B 177 23.32 -14.25 -16.71
N THR B 178 24.46 -14.46 -16.04
CA THR B 178 24.45 -14.41 -14.58
C THR B 178 24.14 -13.00 -14.09
N ASP B 179 24.77 -11.99 -14.69
CA ASP B 179 24.44 -10.60 -14.35
C ASP B 179 22.98 -10.30 -14.66
N LEU B 180 22.52 -10.68 -15.86
CA LEU B 180 21.16 -10.35 -16.27
C LEU B 180 20.12 -11.05 -15.40
N ALA B 181 20.36 -12.33 -15.10
CA ALA B 181 19.46 -13.05 -14.19
C ALA B 181 19.38 -12.34 -12.84
N THR B 182 20.53 -11.96 -12.29
CA THR B 182 20.54 -11.20 -11.05
C THR B 182 19.75 -9.89 -11.20
N GLY B 183 19.93 -9.20 -12.33
CA GLY B 183 19.17 -7.99 -12.55
C GLY B 183 17.67 -8.23 -12.57
N LEU B 184 17.23 -9.33 -13.18
CA LEU B 184 15.82 -9.65 -13.22
C LEU B 184 15.30 -10.02 -11.83
N TYR B 185 16.09 -10.77 -11.06
CA TYR B 185 15.74 -11.05 -9.68
C TYR B 185 15.51 -9.74 -8.92
N ALA B 186 16.42 -8.79 -9.07
CA ALA B 186 16.32 -7.52 -8.34
C ALA B 186 15.11 -6.70 -8.79
N TYR B 187 14.86 -6.65 -10.11
CA TYR B 187 13.76 -5.85 -10.61
C TYR B 187 12.41 -6.37 -10.12
N GLY B 188 12.31 -7.69 -9.90
CA GLY B 188 11.13 -8.25 -9.29
C GLY B 188 11.10 -8.06 -7.78
N ALA B 189 12.26 -8.21 -7.15
CA ALA B 189 12.34 -8.05 -5.70
C ALA B 189 11.96 -6.64 -5.28
N ILE B 190 12.40 -5.63 -6.05
CA ILE B 190 12.08 -4.25 -5.71
C ILE B 190 10.57 -4.03 -5.71
N MET B 191 9.87 -4.58 -6.70
CA MET B 191 8.43 -4.42 -6.74
C MET B 191 7.75 -5.20 -5.63
N ALA B 192 8.35 -6.30 -5.18
CA ALA B 192 7.85 -6.98 -3.99
C ALA B 192 7.98 -6.08 -2.77
N GLY B 193 9.09 -5.35 -2.68
CA GLY B 193 9.23 -4.39 -1.58
C GLY B 193 8.20 -3.29 -1.63
N LEU B 194 7.94 -2.76 -2.83
CA LEU B 194 6.93 -1.73 -2.98
C LEU B 194 5.56 -2.23 -2.53
N ILE B 195 5.18 -3.44 -2.97
CA ILE B 195 3.90 -4.02 -2.56
C ILE B 195 3.83 -4.15 -1.04
N GLN B 196 4.89 -4.67 -0.44
CA GLN B 196 4.95 -4.84 1.01
C GLN B 196 4.82 -3.50 1.72
N LYS B 197 5.38 -2.43 1.14
CA LYS B 197 5.24 -1.11 1.75
C LYS B 197 3.78 -0.66 1.83
N TYR B 198 2.93 -1.11 0.88
CA TYR B 198 1.51 -0.77 0.95
C TYR B 198 0.90 -1.19 2.27
N LYS B 199 1.36 -2.31 2.81
CA LYS B 199 0.84 -2.89 4.04
C LYS B 199 1.52 -2.31 5.28
N THR B 200 2.84 -2.17 5.26
CA THR B 200 3.59 -1.75 6.43
C THR B 200 3.92 -0.27 6.45
N GLY B 201 3.92 0.40 5.30
CA GLY B 201 4.35 1.79 5.27
C GLY B 201 5.83 1.97 5.47
N LYS B 202 6.58 0.89 5.58
CA LYS B 202 8.02 0.93 5.83
C LYS B 202 8.76 0.25 4.70
N GLY B 203 10.05 0.59 4.57
CA GLY B 203 10.91 -0.02 3.57
C GLY B 203 11.59 -1.26 4.11
N LEU B 204 12.60 -1.70 3.37
CA LEU B 204 13.36 -2.89 3.77
C LEU B 204 14.64 -2.94 2.96
N PHE B 205 15.49 -3.90 3.31
CA PHE B 205 16.76 -4.11 2.63
C PHE B 205 16.68 -5.40 1.81
N ILE B 206 17.24 -5.36 0.61
CA ILE B 206 17.21 -6.49 -0.32
C ILE B 206 18.63 -6.85 -0.69
N ASP B 207 18.96 -8.14 -0.59
CA ASP B 207 20.29 -8.65 -0.93
C ASP B 207 20.15 -9.54 -2.16
N CYS B 208 20.65 -9.04 -3.30
CA CYS B 208 20.78 -9.83 -4.51
C CYS B 208 22.26 -9.97 -4.85
N ASN B 209 22.66 -11.13 -5.34
CA ASN B 209 24.05 -11.34 -5.69
C ASN B 209 24.15 -12.39 -6.80
N LEU B 210 25.26 -12.33 -7.54
CA LEU B 210 25.44 -13.20 -8.69
C LEU B 210 25.49 -14.67 -8.30
N LEU B 211 26.19 -14.99 -7.21
CA LEU B 211 26.31 -16.39 -6.79
C LEU B 211 24.96 -16.99 -6.47
N SER B 212 24.17 -16.32 -5.63
CA SER B 212 22.86 -16.86 -5.26
C SER B 212 21.96 -17.03 -6.48
N SER B 213 21.95 -16.04 -7.38
CA SER B 213 21.10 -16.13 -8.56
C SER B 213 21.45 -17.34 -9.41
N GLN B 214 22.74 -17.56 -9.67
CA GLN B 214 23.13 -18.63 -10.57
C GLN B 214 22.94 -20.00 -9.94
N VAL B 215 23.25 -20.13 -8.65
CA VAL B 215 23.05 -21.42 -7.98
C VAL B 215 21.57 -21.79 -7.99
N ALA B 216 20.69 -20.81 -7.77
CA ALA B 216 19.26 -21.08 -7.84
C ALA B 216 18.86 -21.56 -9.23
N CYS B 217 19.48 -21.01 -10.27
CA CYS B 217 19.15 -21.40 -11.63
C CYS B 217 19.59 -22.83 -11.95
N LEU B 218 20.49 -23.40 -11.14
CA LEU B 218 20.87 -24.79 -11.34
C LEU B 218 19.70 -25.73 -11.15
N SER B 219 18.78 -25.39 -10.25
CA SER B 219 17.52 -26.11 -10.04
C SER B 219 17.71 -27.62 -10.03
N HIS B 220 17.18 -28.32 -11.03
CA HIS B 220 17.15 -29.78 -10.99
C HIS B 220 18.56 -30.36 -11.00
N ILE B 221 19.49 -29.73 -11.72
CA ILE B 221 20.86 -30.22 -11.77
C ILE B 221 21.46 -30.26 -10.36
N ALA B 222 21.28 -29.18 -9.59
CA ALA B 222 21.77 -29.16 -8.22
C ALA B 222 21.05 -30.17 -7.35
N ALA B 223 19.73 -30.30 -7.53
CA ALA B 223 18.97 -31.27 -6.74
C ALA B 223 19.47 -32.69 -6.95
N ASN B 224 19.87 -33.02 -8.19
CA ASN B 224 20.41 -34.34 -8.46
C ASN B 224 21.63 -34.63 -7.59
N TYR B 225 22.45 -33.62 -7.33
CA TYR B 225 23.61 -33.82 -6.46
C TYR B 225 23.21 -33.75 -5.00
N LEU B 226 22.42 -32.74 -4.62
CA LEU B 226 22.03 -32.59 -3.23
C LEU B 226 21.22 -33.78 -2.73
N ILE B 227 20.50 -34.43 -3.63
CA ILE B 227 19.63 -35.55 -3.27
C ILE B 227 20.29 -36.89 -3.61
N GLY B 228 20.75 -37.05 -4.84
CA GLY B 228 21.34 -38.29 -5.29
C GLY B 228 22.85 -38.32 -5.31
N ALA B 229 23.52 -37.26 -4.86
CA ALA B 229 24.98 -37.18 -4.86
C ALA B 229 25.55 -37.36 -6.26
N ALA B 230 24.76 -37.07 -7.30
CA ALA B 230 25.17 -37.24 -8.68
C ALA B 230 25.86 -35.99 -9.19
N GLU B 231 27.04 -36.16 -9.79
CA GLU B 231 27.76 -35.06 -10.42
C GLU B 231 27.24 -34.86 -11.84
N ALA B 232 27.28 -33.61 -12.30
CA ALA B 232 26.81 -33.24 -13.62
C ALA B 232 27.95 -33.19 -14.61
N LYS B 233 27.59 -33.16 -15.89
CA LYS B 233 28.57 -33.15 -16.98
C LYS B 233 28.10 -32.23 -18.09
N ARG B 234 29.00 -31.96 -19.02
CA ARG B 234 28.68 -31.19 -20.21
C ARG B 234 28.08 -32.10 -21.28
N TRP B 235 27.14 -31.56 -22.06
CA TRP B 235 26.46 -32.32 -23.09
C TRP B 235 26.51 -31.65 -24.46
N GLY B 236 27.25 -30.55 -24.60
CA GLY B 236 27.29 -29.81 -25.85
C GLY B 236 25.98 -29.10 -26.11
N THR B 237 25.17 -29.66 -27.00
CA THR B 237 23.81 -29.17 -27.21
C THR B 237 22.75 -30.24 -26.94
N ALA B 238 23.17 -31.46 -26.62
CA ALA B 238 22.24 -32.55 -26.38
C ALA B 238 21.83 -32.56 -24.91
N HIS B 239 21.00 -33.53 -24.55
CA HIS B 239 20.50 -33.68 -23.20
C HIS B 239 20.66 -35.12 -22.74
N GLY B 240 20.71 -35.30 -21.42
CA GLY B 240 20.97 -36.62 -20.88
C GLY B 240 19.77 -37.55 -20.89
N SER B 241 18.55 -37.00 -20.84
CA SER B 241 17.36 -37.80 -20.66
C SER B 241 16.46 -37.87 -21.89
N ILE B 242 16.80 -37.17 -22.98
CA ILE B 242 15.96 -37.14 -24.17
C ILE B 242 16.85 -37.18 -25.40
N VAL B 243 16.59 -38.13 -26.30
CA VAL B 243 17.34 -38.27 -27.54
C VAL B 243 16.38 -38.65 -28.66
N PRO B 244 16.45 -38.02 -29.83
CA PRO B 244 17.37 -36.94 -30.22
C PRO B 244 16.85 -35.56 -29.82
N TYR B 245 17.74 -34.69 -29.33
CA TYR B 245 17.37 -33.31 -29.02
C TYR B 245 18.68 -32.53 -28.85
N GLN B 246 19.12 -31.89 -29.91
CA GLN B 246 20.41 -31.19 -29.91
C GLN B 246 20.49 -30.35 -31.19
N ALA B 247 21.64 -29.68 -31.35
CA ALA B 247 21.96 -28.99 -32.58
C ALA B 247 22.64 -29.95 -33.55
N PHE B 248 22.25 -29.86 -34.82
CA PHE B 248 22.82 -30.69 -35.88
C PHE B 248 23.46 -29.79 -36.92
N LYS B 249 24.70 -30.12 -37.30
CA LYS B 249 25.38 -29.41 -38.36
C LYS B 249 24.71 -29.68 -39.69
N THR B 250 24.39 -28.62 -40.43
CA THR B 250 23.86 -28.74 -41.77
C THR B 250 24.98 -28.44 -42.76
N LYS B 251 24.65 -28.38 -44.06
CA LYS B 251 25.68 -28.14 -45.05
C LYS B 251 26.28 -26.75 -44.92
N ASP B 252 25.52 -25.79 -44.40
CA ASP B 252 26.00 -24.41 -44.29
C ASP B 252 25.81 -23.80 -42.91
N GLY B 253 25.32 -24.56 -41.93
CA GLY B 253 25.12 -24.02 -40.60
C GLY B 253 24.71 -25.05 -39.58
N TYR B 254 23.73 -24.71 -38.74
CA TYR B 254 23.24 -25.59 -37.69
C TYR B 254 21.73 -25.44 -37.57
N ILE B 255 21.06 -26.54 -37.24
CA ILE B 255 19.63 -26.55 -36.96
C ILE B 255 19.40 -27.37 -35.70
N VAL B 256 18.57 -26.86 -34.81
CA VAL B 256 18.16 -27.58 -33.61
C VAL B 256 16.90 -28.37 -33.93
N VAL B 257 16.94 -29.67 -33.64
CA VAL B 257 15.79 -30.55 -33.89
C VAL B 257 15.67 -31.51 -32.71
N GLY B 258 14.42 -31.78 -32.30
CA GLY B 258 14.17 -32.68 -31.19
C GLY B 258 12.92 -33.49 -31.42
N ALA B 259 12.82 -34.57 -30.64
CA ALA B 259 11.66 -35.45 -30.65
C ALA B 259 11.32 -35.78 -29.20
N GLY B 260 10.20 -35.25 -28.71
CA GLY B 260 9.80 -35.43 -27.34
C GLY B 260 9.07 -36.71 -27.03
N ASN B 261 8.76 -37.52 -28.03
CA ASN B 261 8.09 -38.79 -27.82
C ASN B 261 8.25 -39.62 -29.09
N ASN B 262 7.78 -40.87 -29.03
CA ASN B 262 7.99 -41.79 -30.13
C ASN B 262 7.29 -41.32 -31.40
N GLN B 263 6.16 -40.61 -31.27
CA GLN B 263 5.46 -40.16 -32.47
C GLN B 263 6.24 -39.04 -33.15
N GLN B 264 6.83 -38.13 -32.37
CA GLN B 264 7.67 -37.09 -32.94
C GLN B 264 8.94 -37.68 -33.55
N PHE B 265 9.51 -38.70 -32.92
CA PHE B 265 10.68 -39.37 -33.48
C PHE B 265 10.37 -39.95 -34.85
N ALA B 266 9.20 -40.57 -35.01
CA ALA B 266 8.79 -41.06 -36.31
C ALA B 266 8.67 -39.92 -37.32
N THR B 267 8.09 -38.80 -36.90
CA THR B 267 7.97 -37.64 -37.77
C THR B 267 9.33 -37.18 -38.27
N VAL B 268 10.30 -37.06 -37.36
CA VAL B 268 11.64 -36.61 -37.75
C VAL B 268 12.27 -37.58 -38.74
N CYS B 269 12.14 -38.89 -38.47
CA CYS B 269 12.77 -39.88 -39.33
C CYS B 269 12.21 -39.82 -40.74
N LYS B 270 10.89 -39.66 -40.88
CA LYS B 270 10.29 -39.56 -42.20
C LYS B 270 10.81 -38.34 -42.94
N ILE B 271 10.90 -37.21 -42.25
CA ILE B 271 11.41 -35.99 -42.86
C ILE B 271 12.85 -36.19 -43.31
N LEU B 272 13.64 -36.93 -42.54
CA LEU B 272 15.03 -37.17 -42.86
C LEU B 272 15.22 -38.35 -43.82
N ASP B 273 14.14 -38.95 -44.31
CA ASP B 273 14.21 -40.11 -45.20
C ASP B 273 14.96 -41.26 -44.53
N LEU B 274 14.72 -41.46 -43.24
CA LEU B 274 15.31 -42.55 -42.47
C LEU B 274 14.22 -43.32 -41.74
N PRO B 275 13.22 -43.82 -42.47
CA PRO B 275 12.13 -44.56 -41.80
C PRO B 275 12.58 -45.86 -41.16
N GLU B 276 13.69 -46.45 -41.62
CA GLU B 276 14.14 -47.72 -41.05
C GLU B 276 14.49 -47.59 -39.58
N LEU B 277 14.75 -46.37 -39.09
CA LEU B 277 15.09 -46.17 -37.69
C LEU B 277 13.88 -46.28 -36.77
N ILE B 278 12.67 -46.08 -37.30
CA ILE B 278 11.48 -46.03 -36.44
C ILE B 278 11.26 -47.35 -35.73
N ASP B 279 11.41 -48.46 -36.44
CA ASP B 279 11.20 -49.79 -35.88
C ASP B 279 12.50 -50.47 -35.45
N ASN B 280 13.63 -49.78 -35.57
CA ASN B 280 14.90 -50.35 -35.14
C ASN B 280 14.87 -50.69 -33.66
N SER B 281 15.36 -51.88 -33.33
CA SER B 281 15.29 -52.35 -31.94
C SER B 281 16.07 -51.44 -30.99
N LYS B 282 17.11 -50.78 -31.49
CA LYS B 282 17.92 -49.92 -30.62
C LYS B 282 17.30 -48.54 -30.41
N TYR B 283 16.38 -48.11 -31.27
CA TYR B 283 15.89 -46.74 -31.23
C TYR B 283 14.38 -46.64 -31.14
N LYS B 284 13.69 -47.73 -30.76
CA LYS B 284 12.23 -47.71 -30.84
C LYS B 284 11.59 -46.85 -29.77
N THR B 285 12.25 -46.67 -28.62
CA THR B 285 11.73 -45.86 -27.55
C THR B 285 12.77 -44.82 -27.14
N ASN B 286 12.32 -43.81 -26.38
CA ASN B 286 13.25 -42.80 -25.89
C ASN B 286 14.27 -43.41 -24.94
N HIS B 287 13.84 -44.30 -24.06
CA HIS B 287 14.78 -44.95 -23.14
C HIS B 287 15.86 -45.67 -23.91
N LEU B 288 15.49 -46.34 -25.02
CA LEU B 288 16.47 -47.02 -25.85
C LEU B 288 17.32 -46.05 -26.67
N ARG B 289 16.73 -44.93 -27.11
CA ARG B 289 17.49 -43.94 -27.86
C ARG B 289 18.56 -43.30 -26.99
N VAL B 290 18.25 -43.00 -25.73
CA VAL B 290 19.25 -42.45 -24.82
C VAL B 290 20.38 -43.45 -24.62
N HIS B 291 20.02 -44.72 -24.38
CA HIS B 291 21.04 -45.74 -24.15
C HIS B 291 21.94 -45.92 -25.37
N ASN B 292 21.36 -45.82 -26.57
CA ASN B 292 22.09 -46.00 -27.83
C ASN B 292 22.28 -44.66 -28.54
N ARG B 293 22.50 -43.60 -27.77
CA ARG B 293 22.51 -42.25 -28.33
C ARG B 293 23.70 -42.02 -29.24
N LYS B 294 24.85 -42.61 -28.93
CA LYS B 294 26.06 -42.30 -29.69
C LYS B 294 25.93 -42.72 -31.15
N GLU B 295 25.41 -43.93 -31.39
CA GLU B 295 25.30 -44.40 -32.76
C GLU B 295 24.14 -43.72 -33.49
N LEU B 296 23.04 -43.44 -32.79
CA LEU B 296 21.91 -42.78 -33.42
C LEU B 296 22.26 -41.38 -33.89
N ILE B 297 22.91 -40.59 -33.03
CA ILE B 297 23.25 -39.21 -33.40
C ILE B 297 24.17 -39.19 -34.61
N LYS B 298 25.11 -40.14 -34.69
CA LYS B 298 25.99 -40.19 -35.84
C LYS B 298 25.21 -40.43 -37.12
N ILE B 299 24.24 -41.35 -37.09
CA ILE B 299 23.43 -41.63 -38.27
C ILE B 299 22.63 -40.40 -38.66
N LEU B 300 21.96 -39.77 -37.68
CA LEU B 300 21.19 -38.57 -37.97
C LEU B 300 22.09 -37.43 -38.43
N SER B 301 23.24 -37.25 -37.76
CA SER B 301 24.14 -36.17 -38.13
C SER B 301 24.61 -36.30 -39.57
N GLU B 302 24.85 -37.54 -40.02
CA GLU B 302 25.29 -37.75 -41.39
C GLU B 302 24.26 -37.21 -42.38
N ARG B 303 22.98 -37.43 -42.12
CA ARG B 303 21.94 -36.96 -43.02
C ARG B 303 21.79 -35.44 -42.96
N PHE B 304 21.73 -34.88 -41.74
CA PHE B 304 21.56 -33.44 -41.60
C PHE B 304 22.61 -32.65 -42.38
N GLU B 305 23.84 -33.16 -42.49
CA GLU B 305 24.92 -32.41 -43.13
C GLU B 305 24.79 -32.33 -44.65
N GLU B 306 23.88 -33.08 -45.26
CA GLU B 306 23.80 -33.14 -46.71
C GLU B 306 22.94 -32.03 -47.31
N GLU B 307 22.17 -31.31 -46.50
CA GLU B 307 21.25 -30.31 -47.01
C GLU B 307 21.50 -28.96 -46.32
N LEU B 308 21.16 -27.89 -47.02
CA LEU B 308 21.26 -26.55 -46.47
C LEU B 308 20.25 -26.36 -45.35
N THR B 309 20.55 -25.41 -44.46
CA THR B 309 19.61 -25.07 -43.39
C THR B 309 18.27 -24.64 -43.97
N SER B 310 18.30 -23.86 -45.05
CA SER B 310 17.05 -23.40 -45.66
C SER B 310 16.20 -24.58 -46.13
N LYS B 311 16.82 -25.63 -46.64
CA LYS B 311 16.06 -26.80 -47.09
C LYS B 311 15.41 -27.52 -45.92
N TRP B 312 16.16 -27.71 -44.82
CA TRP B 312 15.58 -28.39 -43.66
C TRP B 312 14.44 -27.58 -43.06
N LEU B 313 14.60 -26.26 -42.97
CA LEU B 313 13.51 -25.44 -42.43
C LEU B 313 12.24 -25.59 -43.27
N TYR B 314 12.39 -25.70 -44.59
CA TYR B 314 11.23 -25.90 -45.45
C TYR B 314 10.63 -27.29 -45.24
N LEU B 315 11.48 -28.31 -45.14
CA LEU B 315 10.97 -29.67 -44.95
C LEU B 315 10.35 -29.87 -43.58
N PHE B 316 10.72 -29.06 -42.59
CA PHE B 316 10.18 -29.17 -41.25
C PHE B 316 8.96 -28.28 -41.00
N GLU B 317 8.52 -27.52 -42.00
CA GLU B 317 7.31 -26.72 -41.84
C GLU B 317 6.12 -27.61 -41.48
N GLY B 318 5.41 -27.22 -40.43
CA GLY B 318 4.24 -27.97 -40.00
C GLY B 318 4.53 -29.31 -39.37
N SER B 319 5.81 -29.64 -39.15
CA SER B 319 6.13 -30.93 -38.53
C SER B 319 5.58 -31.03 -37.11
N GLY B 320 5.46 -29.90 -36.42
CA GLY B 320 4.99 -29.93 -35.04
C GLY B 320 6.01 -30.42 -34.05
N VAL B 321 7.26 -30.59 -34.45
CA VAL B 321 8.31 -31.03 -33.53
C VAL B 321 9.16 -29.82 -33.17
N PRO B 322 9.90 -29.86 -32.05
CA PRO B 322 10.79 -28.74 -31.71
C PRO B 322 11.92 -28.65 -32.73
N TYR B 323 12.02 -27.50 -33.40
CA TYR B 323 13.08 -27.27 -34.36
C TYR B 323 13.26 -25.78 -34.56
N GLY B 324 14.50 -25.39 -34.82
CA GLY B 324 14.84 -24.01 -35.10
C GLY B 324 16.27 -23.86 -35.53
N PRO B 325 16.55 -22.88 -36.38
CA PRO B 325 17.92 -22.64 -36.83
C PRO B 325 18.72 -21.86 -35.79
N ILE B 326 20.03 -22.07 -35.82
CA ILE B 326 20.95 -21.27 -35.03
C ILE B 326 21.21 -19.98 -35.80
N ASN B 327 20.67 -18.86 -35.30
CA ASN B 327 20.75 -17.58 -35.98
C ASN B 327 21.91 -16.76 -35.45
N ASN B 328 22.55 -16.01 -36.35
CA ASN B 328 23.47 -14.96 -35.97
C ASN B 328 22.70 -13.65 -35.83
N MET B 329 23.42 -12.57 -35.48
CA MET B 329 22.74 -11.29 -35.26
C MET B 329 21.97 -10.85 -36.50
N LYS B 330 22.55 -11.04 -37.69
CA LYS B 330 21.83 -10.63 -38.91
C LYS B 330 20.55 -11.45 -39.08
N ASN B 331 20.61 -12.75 -38.83
CA ASN B 331 19.40 -13.57 -38.95
C ASN B 331 18.40 -13.22 -37.86
N VAL B 332 18.89 -12.92 -36.66
CA VAL B 332 18.00 -12.61 -35.54
C VAL B 332 17.10 -11.41 -35.89
N PHE B 333 17.71 -10.34 -36.38
CA PHE B 333 16.98 -9.09 -36.62
C PHE B 333 16.48 -8.98 -38.05
N ALA B 334 16.63 -10.02 -38.87
CA ALA B 334 15.87 -10.17 -40.09
C ALA B 334 14.65 -11.06 -39.90
N GLU B 335 14.55 -11.75 -38.78
CA GLU B 335 13.42 -12.63 -38.50
C GLU B 335 12.17 -11.78 -38.33
N PRO B 336 11.15 -11.95 -39.17
CA PRO B 336 9.94 -11.11 -39.02
C PRO B 336 9.30 -11.20 -37.64
N GLN B 337 9.40 -12.35 -36.98
CA GLN B 337 8.81 -12.46 -35.65
C GLN B 337 9.51 -11.54 -34.65
N VAL B 338 10.84 -11.44 -34.76
CA VAL B 338 11.60 -10.56 -33.86
C VAL B 338 11.15 -9.11 -34.05
N LEU B 339 11.08 -8.65 -35.29
CA LEU B 339 10.60 -7.30 -35.56
C LEU B 339 9.15 -7.14 -35.11
N HIS B 340 8.34 -8.18 -35.28
CA HIS B 340 6.93 -8.09 -34.91
C HIS B 340 6.76 -7.84 -33.41
N ASN B 341 7.62 -8.45 -32.59
CA ASN B 341 7.55 -8.27 -31.15
C ASN B 341 8.08 -6.93 -30.68
N GLY B 342 8.45 -6.04 -31.59
CA GLY B 342 8.94 -4.72 -31.19
C GLY B 342 10.30 -4.72 -30.52
N LEU B 343 11.13 -5.73 -30.79
CA LEU B 343 12.40 -5.87 -30.10
C LEU B 343 13.49 -4.93 -30.63
N VAL B 344 13.24 -4.23 -31.73
CA VAL B 344 14.17 -3.23 -32.25
C VAL B 344 13.60 -1.88 -31.85
N MET B 345 14.05 -1.38 -30.70
CA MET B 345 13.57 -0.11 -30.14
C MET B 345 14.47 1.03 -30.61
N GLU B 346 13.90 1.97 -31.34
CA GLU B 346 14.63 3.13 -31.85
C GLU B 346 14.40 4.33 -30.95
N MET B 347 15.47 5.08 -30.69
CA MET B 347 15.41 6.26 -29.83
C MET B 347 16.16 7.41 -30.48
N GLU B 348 15.73 8.63 -30.17
CA GLU B 348 16.36 9.85 -30.67
C GLU B 348 17.24 10.46 -29.58
N HIS B 349 18.55 10.27 -29.73
CA HIS B 349 19.48 10.86 -28.78
C HIS B 349 19.71 12.34 -29.13
N PRO B 350 19.82 13.20 -28.11
CA PRO B 350 19.89 14.65 -28.40
C PRO B 350 21.16 15.06 -29.15
N THR B 351 22.29 14.39 -28.90
CA THR B 351 23.55 14.72 -29.56
C THR B 351 24.08 13.63 -30.47
N VAL B 352 23.62 12.39 -30.31
CA VAL B 352 24.13 11.28 -31.10
C VAL B 352 23.19 10.88 -32.23
N GLY B 353 21.92 11.27 -32.16
CA GLY B 353 20.98 10.95 -33.21
C GLY B 353 20.21 9.67 -32.94
N LYS B 354 19.64 9.14 -34.02
CA LYS B 354 18.82 7.94 -33.95
C LYS B 354 19.68 6.73 -33.58
N ILE B 355 19.26 5.98 -32.56
CA ILE B 355 19.95 4.78 -32.14
C ILE B 355 18.94 3.67 -31.92
N SER B 356 19.38 2.43 -32.14
CA SER B 356 18.53 1.26 -32.02
C SER B 356 19.13 0.27 -31.03
N VAL B 357 18.31 -0.19 -30.08
CA VAL B 357 18.72 -1.18 -29.10
C VAL B 357 17.59 -2.19 -28.91
N PRO B 358 17.90 -3.34 -28.31
CA PRO B 358 16.84 -4.32 -28.01
C PRO B 358 15.77 -3.71 -27.12
N GLY B 359 14.52 -3.91 -27.49
CA GLY B 359 13.41 -3.32 -26.76
C GLY B 359 12.97 -4.15 -25.57
N PRO B 360 11.94 -3.67 -24.87
CA PRO B 360 11.43 -4.41 -23.70
C PRO B 360 10.92 -5.79 -24.09
N ALA B 361 11.12 -6.76 -23.18
CA ALA B 361 10.76 -8.14 -23.46
C ALA B 361 9.28 -8.43 -23.22
N VAL B 362 8.62 -7.68 -22.32
CA VAL B 362 7.25 -7.94 -21.93
C VAL B 362 6.34 -6.90 -22.56
N ARG B 363 5.16 -7.33 -23.00
CA ARG B 363 4.15 -6.44 -23.55
C ARG B 363 2.87 -6.57 -22.74
N TYR B 364 2.33 -5.43 -22.32
CA TYR B 364 1.11 -5.37 -21.52
C TYR B 364 -0.03 -4.81 -22.36
N SER B 365 -1.25 -5.25 -22.03
CA SER B 365 -2.42 -4.85 -22.81
C SER B 365 -2.91 -3.44 -22.45
N LYS B 366 -2.60 -2.93 -21.26
CA LYS B 366 -3.15 -1.67 -20.80
C LYS B 366 -2.22 -0.48 -21.00
N PHE B 367 -0.99 -0.68 -21.45
CA PHE B 367 -0.10 0.44 -21.69
C PHE B 367 0.98 0.07 -22.69
N LYS B 368 1.63 1.10 -23.25
CA LYS B 368 2.64 0.92 -24.27
C LYS B 368 4.00 1.34 -23.72
N MET B 369 5.03 0.57 -24.06
CA MET B 369 6.40 0.90 -23.67
C MET B 369 7.31 1.11 -24.87
N SER B 370 6.74 1.25 -26.07
CA SER B 370 7.55 1.37 -27.28
C SER B 370 8.23 2.72 -27.41
N GLU B 371 7.85 3.70 -26.58
CA GLU B 371 8.42 5.05 -26.63
C GLU B 371 9.25 5.26 -25.37
N ALA B 372 10.56 5.38 -25.54
CA ALA B 372 11.49 5.46 -24.41
C ALA B 372 12.29 6.74 -24.46
N ARG B 373 12.61 7.27 -23.28
CA ARG B 373 13.55 8.37 -23.16
C ARG B 373 14.96 7.87 -23.48
N PRO B 374 15.73 8.57 -24.31
CA PRO B 374 17.07 8.07 -24.65
C PRO B 374 17.97 8.06 -23.43
N PRO B 375 18.99 7.21 -23.42
CA PRO B 375 19.93 7.18 -22.30
C PRO B 375 20.53 8.56 -22.07
N PRO B 376 20.63 9.00 -20.83
CA PRO B 376 21.06 10.37 -20.55
C PRO B 376 22.55 10.59 -20.75
N LEU B 377 22.90 11.82 -21.09
CA LEU B 377 24.29 12.24 -21.10
C LEU B 377 24.75 12.48 -19.66
N LEU B 378 26.07 12.41 -19.47
CA LEU B 378 26.62 12.52 -18.12
C LEU B 378 26.24 13.86 -17.50
N GLY B 379 25.47 13.81 -16.41
CA GLY B 379 25.04 15.03 -15.76
C GLY B 379 24.06 15.86 -16.55
N GLN B 380 23.35 15.25 -17.50
CA GLN B 380 22.43 16.01 -18.34
C GLN B 380 21.33 16.67 -17.54
N HIS B 381 20.87 16.02 -16.47
CA HIS B 381 19.72 16.48 -15.70
C HIS B 381 20.10 16.96 -14.30
N THR B 382 21.36 17.33 -14.09
CA THR B 382 21.81 17.77 -12.78
C THR B 382 20.97 18.94 -12.27
N THR B 383 20.92 20.03 -13.03
CA THR B 383 20.16 21.20 -12.60
C THR B 383 18.68 20.87 -12.42
N HIS B 384 18.11 20.16 -13.39
CA HIS B 384 16.69 19.82 -13.32
C HIS B 384 16.36 19.07 -12.02
N ILE B 385 17.19 18.11 -11.66
CA ILE B 385 16.92 17.30 -10.46
C ILE B 385 17.05 18.14 -9.21
N LEU B 386 18.11 18.93 -9.11
CA LEU B 386 18.32 19.74 -7.91
C LEU B 386 17.19 20.74 -7.72
N LYS B 387 16.75 21.37 -8.81
CA LYS B 387 15.68 22.36 -8.73
C LYS B 387 14.31 21.70 -8.64
N GLU B 388 14.03 20.74 -9.52
CA GLU B 388 12.67 20.20 -9.62
C GLU B 388 12.41 19.14 -8.56
N VAL B 389 13.40 18.30 -8.27
CA VAL B 389 13.18 17.21 -7.32
C VAL B 389 13.49 17.64 -5.88
N LEU B 390 14.54 18.44 -5.68
CA LEU B 390 14.96 18.83 -4.34
C LEU B 390 14.65 20.28 -3.98
N ARG B 391 14.18 21.09 -4.94
CA ARG B 391 13.74 22.44 -4.64
C ARG B 391 14.88 23.38 -4.29
N TYR B 392 16.07 23.13 -4.83
CA TYR B 392 17.15 24.09 -4.68
C TYR B 392 16.88 25.33 -5.54
N ASP B 393 17.31 26.48 -5.03
CA ASP B 393 17.17 27.73 -5.77
C ASP B 393 18.43 27.96 -6.62
N ASP B 394 18.35 28.94 -7.53
CA ASP B 394 19.43 29.15 -8.48
C ASP B 394 20.77 29.46 -7.80
N ARG B 395 20.75 30.12 -6.64
CA ARG B 395 22.02 30.44 -5.99
C ARG B 395 22.66 29.19 -5.37
N ALA B 396 21.88 28.38 -4.68
CA ALA B 396 22.47 27.20 -4.05
C ALA B 396 22.98 26.23 -5.11
N ILE B 397 22.25 26.10 -6.22
CA ILE B 397 22.71 25.24 -7.29
C ILE B 397 23.98 25.79 -7.91
N GLY B 398 24.02 27.10 -8.16
CA GLY B 398 25.21 27.72 -8.73
C GLY B 398 26.43 27.58 -7.83
N GLU B 399 26.22 27.62 -6.51
CA GLU B 399 27.32 27.43 -5.58
C GLU B 399 27.84 25.99 -5.64
N LEU B 400 26.93 25.02 -5.73
CA LEU B 400 27.36 23.62 -5.83
C LEU B 400 28.11 23.38 -7.12
N LEU B 401 27.70 24.01 -8.21
CA LEU B 401 28.44 23.90 -9.46
C LEU B 401 29.81 24.54 -9.35
N SER B 402 29.87 25.75 -8.79
CA SER B 402 31.15 26.44 -8.65
C SER B 402 32.09 25.67 -7.72
N ALA B 403 31.55 25.08 -6.66
CA ALA B 403 32.37 24.33 -5.72
C ALA B 403 32.82 22.98 -6.28
N GLY B 404 32.23 22.54 -7.38
CA GLY B 404 32.58 21.25 -7.95
C GLY B 404 31.86 20.07 -7.35
N VAL B 405 30.87 20.29 -6.49
CA VAL B 405 30.14 19.18 -5.90
C VAL B 405 29.31 18.46 -6.95
N VAL B 406 28.77 19.19 -7.93
CA VAL B 406 27.96 18.63 -8.99
C VAL B 406 28.46 19.18 -10.32
N ASP B 407 28.01 18.54 -11.41
CA ASP B 407 28.41 18.93 -12.76
C ASP B 407 27.19 18.87 -13.68
N GLN B 408 27.06 19.88 -14.53
CA GLN B 408 25.95 19.97 -15.47
C GLN B 408 26.49 19.91 -16.90
N HIS B 409 25.96 18.96 -17.68
CA HIS B 409 26.33 18.82 -19.07
C HIS B 409 25.83 20.01 -19.90
N GLU B 410 26.50 20.24 -21.03
CA GLU B 410 26.06 21.29 -21.95
C GLU B 410 24.60 21.09 -22.34
N THR B 411 24.23 19.86 -22.66
CA THR B 411 22.85 19.55 -23.04
C THR B 411 22.02 19.30 -21.79
N HIS B 412 20.89 19.99 -21.68
CA HIS B 412 20.01 19.85 -20.52
C HIS B 412 18.87 18.87 -20.78
N ASN C 10 -8.73 18.44 46.27
CA ASN C 10 -10.16 18.71 46.38
C ASN C 10 -10.92 18.14 45.19
N ASN C 11 -10.69 18.75 44.02
CA ASN C 11 -11.38 18.36 42.79
C ASN C 11 -10.42 17.47 41.99
N ILE C 12 -10.54 16.16 42.20
CA ILE C 12 -9.65 15.19 41.58
C ILE C 12 -10.26 14.74 40.25
N LYS C 13 -9.49 14.89 39.18
CA LYS C 13 -9.95 14.56 37.85
C LYS C 13 -9.41 13.20 37.42
N PRO C 14 -10.06 12.56 36.44
CA PRO C 14 -9.66 11.19 36.08
C PRO C 14 -8.23 11.08 35.59
N LEU C 15 -7.82 11.97 34.68
CA LEU C 15 -6.49 11.92 34.09
C LEU C 15 -5.44 12.67 34.91
N GLU C 16 -5.76 13.00 36.15
CA GLU C 16 -4.78 13.63 37.02
C GLU C 16 -3.51 12.78 37.09
N GLY C 17 -2.36 13.44 36.94
CA GLY C 17 -1.09 12.74 36.95
C GLY C 17 -0.66 12.17 35.62
N VAL C 18 -1.48 12.28 34.58
CA VAL C 18 -1.14 11.79 33.26
C VAL C 18 -0.44 12.89 32.48
N LYS C 19 0.77 12.62 32.00
CA LYS C 19 1.53 13.56 31.20
C LYS C 19 1.35 13.22 29.72
N ILE C 20 1.03 14.22 28.92
CA ILE C 20 0.84 14.06 27.48
C ILE C 20 1.87 14.93 26.77
N LEU C 21 2.78 14.29 26.03
CA LEU C 21 3.75 14.99 25.22
C LEU C 21 3.10 15.30 23.88
N ASP C 22 2.77 16.57 23.66
CA ASP C 22 1.88 16.98 22.59
C ASP C 22 2.65 17.74 21.53
N LEU C 23 2.84 17.11 20.36
CA LEU C 23 3.46 17.75 19.21
C LEU C 23 2.45 18.15 18.15
N THR C 24 1.17 18.22 18.52
CA THR C 24 0.10 18.48 17.55
C THR C 24 0.07 19.96 17.16
N ARG C 25 -0.53 20.22 16.00
CA ARG C 25 -0.64 21.57 15.47
C ARG C 25 -1.99 21.74 14.78
N VAL C 26 -2.38 23.00 14.60
CA VAL C 26 -3.63 23.37 13.92
C VAL C 26 -4.82 23.04 14.80
N LEU C 27 -5.70 22.12 14.36
CA LEU C 27 -6.98 21.93 15.01
C LEU C 27 -7.23 20.49 15.45
N ALA C 28 -7.15 19.52 14.55
CA ALA C 28 -7.53 18.15 14.89
C ALA C 28 -6.78 17.65 16.12
N GLY C 29 -5.45 17.72 16.09
CA GLY C 29 -4.65 17.25 17.19
C GLY C 29 -4.82 18.07 18.45
N PRO C 30 -4.65 19.40 18.34
CA PRO C 30 -4.82 20.24 19.54
C PRO C 30 -6.19 20.10 20.19
N PHE C 31 -7.24 19.91 19.41
CA PHE C 31 -8.57 19.74 19.99
C PHE C 31 -8.64 18.49 20.86
N ALA C 32 -8.02 17.39 20.40
CA ALA C 32 -8.00 16.17 21.19
C ALA C 32 -7.28 16.38 22.52
N THR C 33 -6.08 17.00 22.47
CA THR C 33 -5.30 17.17 23.69
C THR C 33 -5.91 18.20 24.63
N MET C 34 -6.65 19.18 24.10
CA MET C 34 -7.35 20.12 24.97
C MET C 34 -8.39 19.41 25.81
N ASN C 35 -9.18 18.53 25.18
CA ASN C 35 -10.20 17.80 25.93
C ASN C 35 -9.58 16.86 26.95
N LEU C 36 -8.40 16.31 26.66
CA LEU C 36 -7.69 15.53 27.66
C LEU C 36 -7.12 16.42 28.75
N GLY C 37 -6.71 17.64 28.41
CA GLY C 37 -6.30 18.59 29.44
C GLY C 37 -7.43 18.98 30.37
N ASP C 38 -8.63 19.15 29.81
CA ASP C 38 -9.80 19.42 30.66
C ASP C 38 -10.01 18.32 31.69
N LEU C 39 -9.71 17.08 31.33
CA LEU C 39 -9.89 15.94 32.22
C LEU C 39 -8.75 15.79 33.23
N GLY C 40 -7.84 16.76 33.30
CA GLY C 40 -6.79 16.77 34.31
C GLY C 40 -5.42 16.38 33.82
N ALA C 41 -5.26 15.99 32.56
CA ALA C 41 -3.96 15.60 32.06
C ALA C 41 -3.04 16.81 31.96
N GLU C 42 -1.75 16.59 32.23
CA GLU C 42 -0.74 17.63 32.05
C GLU C 42 -0.24 17.55 30.61
N VAL C 43 -0.73 18.44 29.76
CA VAL C 43 -0.39 18.44 28.35
C VAL C 43 0.82 19.33 28.15
N ILE C 44 1.92 18.75 27.68
CA ILE C 44 3.17 19.46 27.43
C ILE C 44 3.25 19.70 25.93
N LYS C 45 2.88 20.89 25.51
CA LYS C 45 2.86 21.25 24.09
C LYS C 45 4.27 21.61 23.64
N VAL C 46 4.78 20.88 22.66
CA VAL C 46 6.11 21.10 22.09
C VAL C 46 5.96 21.92 20.83
N GLU C 47 6.63 23.07 20.80
CA GLU C 47 6.47 24.04 19.72
C GLU C 47 7.81 24.46 19.16
N ARG C 48 7.76 24.93 17.91
CA ARG C 48 8.95 25.45 17.24
C ARG C 48 9.37 26.75 17.91
N PRO C 49 10.64 26.90 18.29
CA PRO C 49 11.10 28.18 18.81
C PRO C 49 10.89 29.28 17.78
N GLY C 50 10.36 30.42 18.24
CA GLY C 50 10.10 31.52 17.32
C GLY C 50 8.71 31.54 16.76
N ALA C 51 8.33 30.50 16.01
CA ALA C 51 7.02 30.45 15.37
C ALA C 51 5.96 29.77 16.24
N GLY C 52 6.25 28.56 16.71
CA GLY C 52 5.28 27.82 17.49
C GLY C 52 4.20 27.22 16.62
N ASP C 53 3.09 26.85 17.27
CA ASP C 53 1.96 26.29 16.55
C ASP C 53 1.52 27.23 15.44
N ASP C 54 1.23 26.65 14.27
CA ASP C 54 0.84 27.46 13.12
C ASP C 54 -0.28 28.43 13.45
N THR C 55 -1.24 28.00 14.27
CA THR C 55 -2.40 28.83 14.58
C THR C 55 -2.01 30.12 15.29
N ARG C 56 -0.82 30.20 15.89
CA ARG C 56 -0.41 31.42 16.58
C ARG C 56 -0.37 32.63 15.66
N THR C 57 -0.05 32.41 14.39
CA THR C 57 0.12 33.50 13.43
C THR C 57 -1.12 33.77 12.59
N TRP C 58 -2.19 33.00 12.78
CA TRP C 58 -3.39 33.12 11.95
C TRP C 58 -4.33 34.17 12.56
N GLY C 59 -4.22 35.40 12.05
CA GLY C 59 -5.08 36.49 12.46
C GLY C 59 -5.05 37.61 11.45
N PRO C 60 -5.91 38.63 11.64
CA PRO C 60 -6.86 38.84 12.75
C PRO C 60 -7.98 37.81 12.74
N PRO C 61 -8.78 37.73 13.82
CA PRO C 61 -8.75 38.61 15.00
C PRO C 61 -7.60 38.30 15.95
N PHE C 62 -7.05 39.34 16.58
CA PHE C 62 -5.99 39.21 17.56
C PHE C 62 -6.41 39.83 18.88
N VAL C 63 -5.97 39.22 19.97
CA VAL C 63 -6.10 39.78 21.31
C VAL C 63 -4.68 39.96 21.82
N GLY C 64 -4.23 41.21 21.88
CA GLY C 64 -2.82 41.45 22.16
C GLY C 64 -1.99 40.80 21.07
N THR C 65 -1.11 39.89 21.46
CA THR C 65 -0.29 39.16 20.50
C THR C 65 -0.84 37.79 20.14
N GLU C 66 -1.87 37.31 20.85
CA GLU C 66 -2.40 35.97 20.66
C GLU C 66 -3.59 36.01 19.73
N SER C 67 -3.61 35.09 18.76
CA SER C 67 -4.74 34.98 17.84
C SER C 67 -5.87 34.17 18.48
N THR C 68 -7.10 34.49 18.08
CA THR C 68 -8.26 33.76 18.58
C THR C 68 -8.23 32.29 18.15
N TYR C 69 -7.66 32.00 16.98
CA TYR C 69 -7.51 30.61 16.54
C TYR C 69 -6.77 29.79 17.59
N TYR C 70 -5.57 30.25 17.97
CA TYR C 70 -4.76 29.49 18.92
C TYR C 70 -5.43 29.42 20.28
N LEU C 71 -5.97 30.53 20.77
CA LEU C 71 -6.54 30.56 22.12
C LEU C 71 -7.72 29.59 22.25
N SER C 72 -8.48 29.40 21.18
CA SER C 72 -9.74 28.67 21.29
C SER C 72 -9.55 27.19 21.63
N VAL C 73 -8.40 26.61 21.26
CA VAL C 73 -8.24 25.17 21.39
C VAL C 73 -6.90 24.82 22.02
N ASN C 74 -6.40 25.67 22.92
CA ASN C 74 -5.13 25.36 23.56
C ASN C 74 -5.11 25.70 25.05
N ARG C 75 -6.27 25.83 25.69
CA ARG C 75 -6.31 25.96 27.13
C ARG C 75 -5.82 24.67 27.79
N ASN C 76 -5.51 24.78 29.08
CA ASN C 76 -5.11 23.62 29.88
C ASN C 76 -3.90 22.91 29.29
N LYS C 77 -2.94 23.68 28.80
CA LYS C 77 -1.72 23.13 28.24
C LYS C 77 -0.54 23.97 28.70
N LYS C 78 0.63 23.34 28.72
CA LYS C 78 1.89 24.03 28.92
C LYS C 78 2.67 24.01 27.62
N SER C 79 3.53 25.01 27.44
CA SER C 79 4.29 25.18 26.22
C SER C 79 5.77 25.12 26.52
N ILE C 80 6.48 24.23 25.83
CA ILE C 80 7.94 24.19 25.85
C ILE C 80 8.42 24.31 24.40
N ALA C 81 9.27 25.31 24.16
CA ALA C 81 9.80 25.56 22.82
C ALA C 81 11.10 24.78 22.64
N VAL C 82 11.07 23.78 21.76
CA VAL C 82 12.23 22.94 21.51
C VAL C 82 12.40 22.80 20.01
N ASN C 83 13.64 22.92 19.55
CA ASN C 83 13.95 22.81 18.12
C ASN C 83 14.17 21.35 17.79
N ILE C 84 13.13 20.69 17.26
CA ILE C 84 13.23 19.26 16.94
C ILE C 84 14.01 19.02 15.66
N LYS C 85 14.41 20.08 14.95
CA LYS C 85 15.29 19.94 13.81
C LYS C 85 16.75 19.78 14.21
N ASP C 86 17.09 20.03 15.46
CA ASP C 86 18.42 19.86 16.00
C ASP C 86 18.54 18.52 16.70
N PRO C 87 19.57 17.73 16.42
CA PRO C 87 19.74 16.47 17.17
C PRO C 87 19.70 16.69 18.67
N LYS C 88 20.21 17.83 19.14
CA LYS C 88 20.15 18.15 20.56
C LYS C 88 18.70 18.28 21.03
N GLY C 89 17.82 18.80 20.17
CA GLY C 89 16.42 18.89 20.53
C GLY C 89 15.74 17.54 20.57
N VAL C 90 16.04 16.68 19.59
CA VAL C 90 15.52 15.31 19.60
C VAL C 90 15.90 14.60 20.90
N LYS C 91 17.12 14.81 21.36
CA LYS C 91 17.56 14.21 22.62
C LYS C 91 16.67 14.63 23.78
N ILE C 92 16.30 15.91 23.84
CA ILE C 92 15.47 16.39 24.95
C ILE C 92 14.07 15.80 24.89
N ILE C 93 13.50 15.73 23.69
CA ILE C 93 12.16 15.17 23.53
C ILE C 93 12.13 13.71 23.96
N LYS C 94 13.16 12.95 23.58
CA LYS C 94 13.24 11.56 23.98
C LYS C 94 13.34 11.41 25.49
N GLU C 95 14.10 12.32 26.14
CA GLU C 95 14.18 12.28 27.59
C GLU C 95 12.82 12.56 28.23
N LEU C 96 12.04 13.46 27.64
CA LEU C 96 10.70 13.71 28.15
C LEU C 96 9.78 12.53 27.87
N ALA C 97 9.84 11.98 26.66
CA ALA C 97 8.97 10.86 26.31
C ALA C 97 9.14 9.70 27.27
N ALA C 98 10.37 9.49 27.77
CA ALA C 98 10.62 8.39 28.70
C ALA C 98 9.83 8.55 29.99
N VAL C 99 9.41 9.77 30.33
CA VAL C 99 8.69 10.05 31.55
C VAL C 99 7.26 10.52 31.28
N CYS C 100 6.78 10.37 30.05
CA CYS C 100 5.42 10.74 29.69
C CYS C 100 4.58 9.51 29.40
N ASP C 101 3.27 9.66 29.57
CA ASP C 101 2.32 8.57 29.38
C ASP C 101 1.75 8.52 27.97
N VAL C 102 1.62 9.65 27.30
CA VAL C 102 1.02 9.72 25.98
C VAL C 102 1.90 10.57 25.08
N PHE C 103 1.96 10.20 23.80
CA PHE C 103 2.69 10.93 22.77
C PHE C 103 1.75 11.13 21.60
N VAL C 104 1.52 12.38 21.23
CA VAL C 104 0.53 12.72 20.20
C VAL C 104 1.20 13.58 19.13
N GLU C 105 0.93 13.25 17.87
CA GLU C 105 1.47 14.01 16.75
C GLU C 105 0.50 13.88 15.58
N ASN C 106 0.55 14.86 14.68
CA ASN C 106 -0.32 14.86 13.51
C ASN C 106 0.45 15.27 12.26
N TYR C 107 1.68 14.78 12.14
CA TYR C 107 2.46 14.94 10.91
C TYR C 107 2.13 13.83 9.92
N VAL C 108 2.51 14.06 8.66
CA VAL C 108 2.37 13.05 7.62
C VAL C 108 3.10 11.79 8.10
N PRO C 109 2.60 10.60 7.78
CA PRO C 109 3.25 9.38 8.26
C PRO C 109 4.72 9.33 7.87
N GLY C 110 5.56 8.97 8.83
CA GLY C 110 6.98 8.83 8.59
C GLY C 110 7.79 10.08 8.80
N LYS C 111 7.16 11.26 8.92
CA LYS C 111 7.93 12.49 9.07
C LYS C 111 8.69 12.50 10.40
N LEU C 112 7.98 12.25 11.50
CA LEU C 112 8.66 12.20 12.79
C LEU C 112 9.65 11.05 12.85
N SER C 113 9.35 9.94 12.18
CA SER C 113 10.27 8.80 12.17
C SER C 113 11.60 9.17 11.54
N ALA C 114 11.58 9.97 10.46
CA ALA C 114 12.82 10.39 9.82
C ALA C 114 13.64 11.32 10.71
N MET C 115 13.00 11.95 11.71
CA MET C 115 13.68 12.82 12.66
C MET C 115 14.11 12.10 13.92
N GLY C 116 13.88 10.80 14.02
CA GLY C 116 14.20 10.05 15.21
C GLY C 116 13.13 10.05 16.28
N LEU C 117 11.91 10.47 15.97
CA LEU C 117 10.83 10.54 16.94
C LEU C 117 9.64 9.67 16.54
N GLY C 118 9.86 8.64 15.73
CA GLY C 118 8.79 7.72 15.37
C GLY C 118 8.44 6.77 16.51
N TYR C 119 7.36 6.03 16.30
CA TYR C 119 6.91 5.11 17.33
C TYR C 119 7.99 4.10 17.70
N GLU C 120 8.71 3.59 16.69
CA GLU C 120 9.78 2.63 16.96
C GLU C 120 10.81 3.22 17.89
N ASP C 121 11.23 4.46 17.63
CA ASP C 121 12.23 5.11 18.48
C ASP C 121 11.69 5.36 19.88
N ILE C 122 10.46 5.88 19.97
CA ILE C 122 9.91 6.25 21.28
C ILE C 122 9.57 5.02 22.10
N ASP C 123 8.98 4.01 21.48
CA ASP C 123 8.63 2.80 22.21
C ASP C 123 9.87 2.14 22.81
N GLU C 124 11.01 2.26 22.14
CA GLU C 124 12.25 1.67 22.66
C GLU C 124 12.57 2.23 24.04
N ILE C 125 12.47 3.55 24.20
CA ILE C 125 12.80 4.20 25.47
C ILE C 125 11.57 4.43 26.34
N ALA C 126 10.36 4.17 25.84
CA ALA C 126 9.13 4.33 26.62
C ALA C 126 8.14 3.26 26.22
N PRO C 127 8.43 2.00 26.55
CA PRO C 127 7.54 0.89 26.13
C PRO C 127 6.15 0.99 26.72
N HIS C 128 5.92 1.87 27.70
CA HIS C 128 4.61 2.06 28.31
C HIS C 128 3.74 3.06 27.57
N ILE C 129 4.30 3.79 26.62
CA ILE C 129 3.69 5.01 26.12
C ILE C 129 2.52 4.68 25.20
N ILE C 130 1.50 5.53 25.23
CA ILE C 130 0.41 5.52 24.27
C ILE C 130 0.75 6.52 23.18
N TYR C 131 1.04 6.03 21.98
CA TYR C 131 1.50 6.84 20.86
C TYR C 131 0.34 6.98 19.88
N CYS C 132 -0.16 8.20 19.70
CA CYS C 132 -1.32 8.46 18.86
C CYS C 132 -0.93 9.39 17.73
N SER C 133 -1.14 8.94 16.49
CA SER C 133 -0.85 9.71 15.30
C SER C 133 -2.16 10.08 14.60
N ILE C 134 -2.36 11.37 14.34
CA ILE C 134 -3.55 11.86 13.65
C ILE C 134 -3.12 12.34 12.27
N THR C 135 -3.55 11.63 11.23
CA THR C 135 -3.15 11.91 9.86
C THR C 135 -4.37 12.16 8.99
N GLY C 136 -4.13 12.44 7.72
CA GLY C 136 -5.21 12.67 6.77
C GLY C 136 -5.89 11.41 6.30
N TYR C 137 -5.12 10.34 6.06
CA TYR C 137 -5.66 9.14 5.45
C TYR C 137 -5.21 7.85 6.11
N GLY C 138 -4.46 7.90 7.20
CA GLY C 138 -3.94 6.72 7.85
C GLY C 138 -2.44 6.57 7.65
N GLN C 139 -1.89 5.59 8.38
CA GLN C 139 -0.44 5.40 8.36
C GLN C 139 0.06 4.73 7.09
N THR C 140 -0.78 3.92 6.44
CA THR C 140 -0.38 3.21 5.24
C THR C 140 -1.47 3.32 4.19
N GLY C 141 -1.12 2.99 2.95
CA GLY C 141 -2.06 3.04 1.86
C GLY C 141 -1.54 3.84 0.68
N PRO C 142 -2.24 3.74 -0.45
CA PRO C 142 -1.75 4.42 -1.66
C PRO C 142 -1.61 5.93 -1.51
N ILE C 143 -2.51 6.58 -0.77
CA ILE C 143 -2.49 8.03 -0.63
C ILE C 143 -2.19 8.45 0.80
N SER C 144 -1.56 7.57 1.59
CA SER C 144 -1.30 7.89 2.99
C SER C 144 -0.27 9.01 3.14
N GLN C 145 0.47 9.34 2.08
CA GLN C 145 1.47 10.39 2.15
C GLN C 145 0.91 11.79 1.89
N ARG C 146 -0.37 11.91 1.54
CA ARG C 146 -0.97 13.22 1.36
C ARG C 146 -1.27 13.84 2.72
N ALA C 147 -1.05 15.15 2.81
CA ALA C 147 -1.35 15.88 4.04
C ALA C 147 -2.86 15.97 4.26
N GLY C 148 -3.26 16.00 5.52
CA GLY C 148 -4.66 16.04 5.88
C GLY C 148 -5.19 17.47 5.95
N TYR C 149 -6.34 17.68 5.32
CA TYR C 149 -7.04 18.96 5.38
C TYR C 149 -8.53 18.68 5.52
N ASP C 150 -9.20 19.44 6.38
CA ASP C 150 -10.61 19.17 6.65
C ASP C 150 -11.44 19.27 5.38
N ALA C 151 -11.26 20.35 4.61
CA ALA C 151 -12.07 20.53 3.41
C ALA C 151 -11.83 19.44 2.39
N VAL C 152 -10.58 18.98 2.26
CA VAL C 152 -10.27 17.90 1.33
C VAL C 152 -10.86 16.59 1.81
N ALA C 153 -10.71 16.30 3.11
CA ALA C 153 -11.22 15.05 3.65
C ALA C 153 -12.73 14.94 3.46
N SER C 154 -13.46 16.02 3.74
CA SER C 154 -14.92 15.97 3.58
C SER C 154 -15.32 15.77 2.13
N ALA C 155 -14.46 16.12 1.18
CA ALA C 155 -14.75 15.88 -0.23
C ALA C 155 -14.51 14.42 -0.60
N VAL C 156 -13.35 13.87 -0.25
CA VAL C 156 -13.05 12.49 -0.60
C VAL C 156 -13.92 11.51 0.16
N SER C 157 -14.34 11.86 1.37
CA SER C 157 -15.10 10.95 2.22
C SER C 157 -16.57 10.89 1.84
N GLY C 158 -17.07 11.84 1.05
CA GLY C 158 -18.45 11.84 0.62
C GLY C 158 -19.34 12.81 1.34
N LEU C 159 -18.85 13.47 2.40
CA LEU C 159 -19.71 14.38 3.16
C LEU C 159 -20.11 15.60 2.32
N MET C 160 -19.17 16.18 1.58
CA MET C 160 -19.49 17.36 0.80
C MET C 160 -20.54 17.07 -0.27
N HIS C 161 -20.45 15.90 -0.91
CA HIS C 161 -21.41 15.58 -1.96
C HIS C 161 -22.84 15.56 -1.46
N ILE C 162 -23.04 15.17 -0.19
CA ILE C 162 -24.38 15.06 0.38
C ILE C 162 -24.76 16.28 1.22
N THR C 163 -23.98 17.35 1.14
CA THR C 163 -24.22 18.56 1.91
C THR C 163 -24.34 19.74 0.97
N GLY C 164 -25.47 20.45 1.05
CA GLY C 164 -25.70 21.61 0.23
C GLY C 164 -27.15 21.72 -0.20
N PRO C 165 -27.50 22.85 -0.84
CA PRO C 165 -28.89 23.02 -1.28
C PRO C 165 -29.26 22.01 -2.34
N GLU C 166 -30.50 21.52 -2.26
CA GLU C 166 -31.00 20.58 -3.25
C GLU C 166 -30.94 21.22 -4.64
N ASN C 167 -30.28 20.54 -5.58
CA ASN C 167 -30.09 21.05 -6.93
C ASN C 167 -29.15 22.24 -6.97
N GLY C 168 -28.13 22.25 -6.09
CA GLY C 168 -27.16 23.32 -6.05
C GLY C 168 -25.77 22.76 -5.84
N ASP C 169 -24.81 23.68 -5.68
CA ASP C 169 -23.44 23.24 -5.53
C ASP C 169 -23.19 22.68 -4.13
N PRO C 170 -22.22 21.78 -3.99
CA PRO C 170 -21.87 21.27 -2.66
C PRO C 170 -21.31 22.39 -1.78
N VAL C 171 -21.44 22.18 -0.47
CA VAL C 171 -20.96 23.13 0.53
C VAL C 171 -20.25 22.36 1.63
N ARG C 172 -19.39 23.05 2.35
CA ARG C 172 -18.71 22.47 3.48
C ARG C 172 -19.33 22.93 4.78
N PRO C 173 -19.28 22.11 5.83
CA PRO C 173 -19.75 22.56 7.14
C PRO C 173 -19.03 23.82 7.58
N GLY C 174 -19.77 24.69 8.29
CA GLY C 174 -19.21 25.96 8.71
C GLY C 174 -17.91 25.82 9.50
N VAL C 175 -17.80 24.77 10.31
CA VAL C 175 -16.59 24.48 11.05
C VAL C 175 -16.06 23.13 10.60
N ALA C 176 -14.77 22.88 10.93
CA ALA C 176 -14.08 21.68 10.48
C ALA C 176 -14.52 20.48 11.31
N MET C 177 -15.76 20.04 11.03
CA MET C 177 -16.34 18.93 11.80
C MET C 177 -15.57 17.63 11.57
N THR C 178 -14.96 17.46 10.40
CA THR C 178 -14.14 16.27 10.17
C THR C 178 -12.91 16.27 11.07
N ASP C 179 -12.23 17.42 11.17
CA ASP C 179 -11.12 17.54 12.11
C ASP C 179 -11.59 17.29 13.54
N LEU C 180 -12.72 17.91 13.93
CA LEU C 180 -13.18 17.80 15.30
C LEU C 180 -13.62 16.37 15.61
N ALA C 181 -14.35 15.73 14.68
CA ALA C 181 -14.72 14.34 14.88
C ALA C 181 -13.49 13.46 15.05
N THR C 182 -12.48 13.65 14.19
CA THR C 182 -11.24 12.90 14.33
C THR C 182 -10.60 13.17 15.69
N GLY C 183 -10.60 14.43 16.13
CA GLY C 183 -10.07 14.74 17.45
C GLY C 183 -10.83 14.03 18.56
N LEU C 184 -12.15 13.95 18.44
CA LEU C 184 -12.95 13.26 19.45
C LEU C 184 -12.68 11.76 19.42
N TYR C 185 -12.52 11.18 18.23
CA TYR C 185 -12.08 9.80 18.14
C TYR C 185 -10.78 9.59 18.89
N ALA C 186 -9.80 10.47 18.66
CA ALA C 186 -8.49 10.30 19.27
C ALA C 186 -8.55 10.46 20.78
N TYR C 187 -9.34 11.43 21.26
CA TYR C 187 -9.41 11.68 22.70
C TYR C 187 -10.00 10.49 23.44
N GLY C 188 -10.91 9.76 22.80
CA GLY C 188 -11.41 8.52 23.38
C GLY C 188 -10.44 7.37 23.21
N ALA C 189 -9.81 7.29 22.03
CA ALA C 189 -8.87 6.20 21.76
C ALA C 189 -7.68 6.24 22.70
N ILE C 190 -7.18 7.44 23.02
CA ILE C 190 -6.05 7.55 23.93
C ILE C 190 -6.40 6.98 25.29
N MET C 191 -7.60 7.26 25.79
CA MET C 191 -8.02 6.74 27.09
C MET C 191 -8.25 5.24 27.02
N ALA C 192 -8.65 4.71 25.86
CA ALA C 192 -8.69 3.26 25.67
C ALA C 192 -7.29 2.66 25.79
N GLY C 193 -6.29 3.35 25.25
CA GLY C 193 -4.93 2.88 25.39
C GLY C 193 -4.44 2.86 26.82
N LEU C 194 -4.74 3.92 27.59
CA LEU C 194 -4.38 3.95 29.00
C LEU C 194 -5.03 2.79 29.75
N ILE C 195 -6.32 2.55 29.49
CA ILE C 195 -6.99 1.41 30.10
C ILE C 195 -6.24 0.13 29.76
N GLN C 196 -5.87 -0.06 28.49
CA GLN C 196 -5.12 -1.27 28.15
C GLN C 196 -3.78 -1.31 28.88
N LYS C 197 -3.08 -0.17 28.97
CA LYS C 197 -1.81 -0.15 29.68
C LYS C 197 -2.02 -0.50 31.14
N TYR C 198 -3.16 -0.08 31.70
CA TYR C 198 -3.49 -0.41 33.08
C TYR C 198 -3.59 -1.92 33.26
N LYS C 199 -4.05 -2.62 32.24
CA LYS C 199 -4.22 -4.07 32.28
C LYS C 199 -2.94 -4.81 31.91
N THR C 200 -2.27 -4.38 30.84
CA THR C 200 -1.10 -5.08 30.33
C THR C 200 0.22 -4.50 30.80
N GLY C 201 0.23 -3.26 31.28
CA GLY C 201 1.47 -2.59 31.63
C GLY C 201 2.30 -2.17 30.44
N LYS C 202 1.81 -2.34 29.22
CA LYS C 202 2.51 -1.97 28.00
C LYS C 202 1.67 -0.97 27.23
N GLY C 203 2.34 -0.19 26.38
CA GLY C 203 1.68 0.79 25.54
C GLY C 203 1.27 0.21 24.20
N LEU C 204 0.91 1.11 23.29
CA LEU C 204 0.51 0.70 21.94
C LEU C 204 0.50 1.93 21.05
N PHE C 205 0.28 1.67 19.76
CA PHE C 205 0.19 2.72 18.74
C PHE C 205 -1.25 2.84 18.26
N ILE C 206 -1.69 4.09 18.06
CA ILE C 206 -3.06 4.39 17.66
C ILE C 206 -3.04 5.16 16.36
N ASP C 207 -3.84 4.72 15.39
CA ASP C 207 -3.95 5.34 14.07
C ASP C 207 -5.33 5.97 13.95
N CYS C 208 -5.39 7.30 14.00
CA CYS C 208 -6.59 8.07 13.70
C CYS C 208 -6.34 8.90 12.46
N ASN C 209 -7.37 9.05 11.62
CA ASN C 209 -7.21 9.85 10.41
C ASN C 209 -8.58 10.41 9.99
N LEU C 210 -8.53 11.49 9.23
CA LEU C 210 -9.76 12.19 8.84
C LEU C 210 -10.64 11.31 7.97
N LEU C 211 -10.05 10.57 7.03
CA LEU C 211 -10.84 9.77 6.11
C LEU C 211 -11.67 8.73 6.86
N SER C 212 -11.01 7.94 7.72
CA SER C 212 -11.74 6.90 8.45
C SER C 212 -12.82 7.50 9.33
N SER C 213 -12.51 8.61 10.02
CA SER C 213 -13.48 9.24 10.90
C SER C 213 -14.72 9.66 10.12
N GLN C 214 -14.53 10.32 8.97
CA GLN C 214 -15.68 10.86 8.24
C GLN C 214 -16.46 9.73 7.56
N VAL C 215 -15.77 8.73 7.02
CA VAL C 215 -16.46 7.62 6.39
C VAL C 215 -17.31 6.88 7.42
N ALA C 216 -16.78 6.68 8.62
CA ALA C 216 -17.54 6.02 9.67
C ALA C 216 -18.80 6.82 10.01
N CYS C 217 -18.72 8.15 9.98
CA CYS C 217 -19.87 8.98 10.29
C CYS C 217 -20.95 8.92 9.22
N LEU C 218 -20.62 8.45 8.01
CA LEU C 218 -21.64 8.31 6.99
C LEU C 218 -22.70 7.29 7.40
N SER C 219 -22.31 6.26 8.14
CA SER C 219 -23.23 5.29 8.72
C SER C 219 -24.31 4.82 7.75
N HIS C 220 -25.57 5.18 8.02
CA HIS C 220 -26.68 4.60 7.26
C HIS C 220 -26.62 4.98 5.79
N ILE C 221 -26.20 6.20 5.47
CA ILE C 221 -26.11 6.62 4.08
C ILE C 221 -25.17 5.70 3.32
N ALA C 222 -24.00 5.42 3.91
CA ALA C 222 -23.09 4.46 3.30
C ALA C 222 -23.70 3.07 3.27
N ALA C 223 -24.39 2.68 4.34
CA ALA C 223 -25.05 1.38 4.38
C ALA C 223 -26.09 1.26 3.27
N ASN C 224 -26.80 2.36 2.98
CA ASN C 224 -27.77 2.33 1.90
C ASN C 224 -27.11 1.97 0.58
N TYR C 225 -25.90 2.45 0.35
CA TYR C 225 -25.18 2.10 -0.87
C TYR C 225 -24.49 0.74 -0.76
N LEU C 226 -23.80 0.50 0.36
CA LEU C 226 -23.05 -0.75 0.50
C LEU C 226 -23.97 -1.96 0.46
N ILE C 227 -25.21 -1.81 0.87
CA ILE C 227 -26.17 -2.91 0.90
C ILE C 227 -27.12 -2.86 -0.27
N GLY C 228 -27.76 -1.71 -0.50
CA GLY C 228 -28.72 -1.57 -1.56
C GLY C 228 -28.22 -0.89 -2.83
N ALA C 229 -26.94 -0.54 -2.89
CA ALA C 229 -26.36 0.14 -4.05
C ALA C 229 -27.08 1.44 -4.36
N ALA C 230 -27.72 2.04 -3.36
CA ALA C 230 -28.46 3.28 -3.53
C ALA C 230 -27.54 4.47 -3.33
N GLU C 231 -27.54 5.39 -4.30
CA GLU C 231 -26.77 6.62 -4.18
C GLU C 231 -27.54 7.69 -3.42
N ALA C 232 -26.81 8.53 -2.71
CA ALA C 232 -27.38 9.60 -1.91
C ALA C 232 -27.34 10.92 -2.66
N LYS C 233 -28.09 11.90 -2.14
CA LYS C 233 -28.18 13.22 -2.75
C LYS C 233 -28.21 14.29 -1.68
N ARG C 234 -28.09 15.54 -2.11
CA ARG C 234 -28.20 16.69 -1.22
C ARG C 234 -29.67 17.07 -1.03
N TRP C 235 -29.98 17.55 0.18
CA TRP C 235 -31.35 17.94 0.51
C TRP C 235 -31.45 19.36 1.07
N GLY C 236 -30.35 20.12 1.08
CA GLY C 236 -30.38 21.44 1.67
C GLY C 236 -30.52 21.39 3.17
N THR C 237 -31.73 21.60 3.68
CA THR C 237 -32.04 21.43 5.08
C THR C 237 -33.09 20.35 5.33
N ALA C 238 -33.67 19.77 4.28
CA ALA C 238 -34.71 18.78 4.42
C ALA C 238 -34.10 17.38 4.54
N HIS C 239 -34.98 16.38 4.63
CA HIS C 239 -34.57 14.99 4.75
C HIS C 239 -35.31 14.15 3.72
N GLY C 240 -34.71 13.02 3.35
CA GLY C 240 -35.30 12.18 2.33
C GLY C 240 -36.44 11.31 2.81
N SER C 241 -36.43 10.94 4.09
CA SER C 241 -37.36 9.95 4.61
C SER C 241 -38.41 10.52 5.57
N ILE C 242 -38.36 11.82 5.86
CA ILE C 242 -39.29 12.43 6.80
C ILE C 242 -39.71 13.80 6.28
N VAL C 243 -41.02 14.00 6.16
CA VAL C 243 -41.59 15.28 5.72
C VAL C 243 -42.85 15.54 6.51
N PRO C 244 -43.04 16.76 7.04
CA PRO C 244 -42.15 17.91 6.95
C PRO C 244 -41.08 17.91 8.03
N TYR C 245 -39.84 18.23 7.65
CA TYR C 245 -38.74 18.37 8.59
C TYR C 245 -37.58 19.09 7.90
N GLN C 246 -37.51 20.40 8.09
CA GLN C 246 -36.50 21.21 7.41
C GLN C 246 -36.50 22.60 8.03
N ALA C 247 -35.63 23.46 7.51
CA ALA C 247 -35.64 24.87 7.85
C ALA C 247 -36.61 25.60 6.92
N PHE C 248 -37.38 26.52 7.50
CA PHE C 248 -38.36 27.28 6.76
C PHE C 248 -38.01 28.75 6.85
N LYS C 249 -37.99 29.44 5.70
CA LYS C 249 -37.73 30.86 5.69
C LYS C 249 -38.90 31.58 6.36
N THR C 250 -38.59 32.46 7.30
CA THR C 250 -39.62 33.26 7.93
C THR C 250 -39.59 34.66 7.33
N LYS C 251 -40.41 35.56 7.88
CA LYS C 251 -40.48 36.89 7.31
C LYS C 251 -39.19 37.66 7.53
N ASP C 252 -38.44 37.32 8.59
CA ASP C 252 -37.20 37.99 8.93
C ASP C 252 -36.04 37.04 9.19
N GLY C 253 -36.21 35.73 9.02
CA GLY C 253 -35.14 34.79 9.28
C GLY C 253 -35.47 33.37 8.88
N TYR C 254 -35.12 32.40 9.73
CA TYR C 254 -35.37 30.99 9.46
C TYR C 254 -35.76 30.30 10.77
N ILE C 255 -36.65 29.32 10.64
CA ILE C 255 -37.06 28.46 11.76
C ILE C 255 -37.07 27.02 11.27
N VAL C 256 -36.50 26.12 12.06
CA VAL C 256 -36.55 24.70 11.78
C VAL C 256 -37.78 24.11 12.48
N VAL C 257 -38.60 23.39 11.72
CA VAL C 257 -39.80 22.75 12.25
C VAL C 257 -39.93 21.38 11.62
N GLY C 258 -40.35 20.40 12.41
CA GLY C 258 -40.52 19.05 11.92
C GLY C 258 -41.68 18.35 12.59
N ALA C 259 -42.13 17.28 11.95
CA ALA C 259 -43.21 16.44 12.49
C ALA C 259 -42.80 14.99 12.28
N GLY C 260 -42.51 14.29 13.37
CA GLY C 260 -42.04 12.92 13.28
C GLY C 260 -43.11 11.86 13.12
N ASN C 261 -44.38 12.25 13.16
CA ASN C 261 -45.48 11.30 12.98
C ASN C 261 -46.73 12.09 12.66
N ASN C 262 -47.80 11.35 12.35
CA ASN C 262 -49.04 11.99 11.92
C ASN C 262 -49.63 12.85 13.03
N GLN C 263 -49.41 12.47 14.28
CA GLN C 263 -49.96 13.24 15.39
C GLN C 263 -49.19 14.55 15.57
N GLN C 264 -47.86 14.52 15.42
CA GLN C 264 -47.08 15.75 15.45
C GLN C 264 -47.39 16.62 14.24
N PHE C 265 -47.63 15.99 13.09
CA PHE C 265 -48.01 16.76 11.90
C PHE C 265 -49.29 17.54 12.13
N ALA C 266 -50.27 16.92 12.80
CA ALA C 266 -51.49 17.66 13.14
C ALA C 266 -51.18 18.86 14.02
N THR C 267 -50.30 18.68 15.02
CA THR C 267 -49.91 19.79 15.87
C THR C 267 -49.35 20.95 15.06
N VAL C 268 -48.44 20.63 14.12
CA VAL C 268 -47.84 21.66 13.28
C VAL C 268 -48.89 22.35 12.43
N CYS C 269 -49.80 21.57 11.83
CA CYS C 269 -50.79 22.13 10.91
C CYS C 269 -51.71 23.13 11.63
N LYS C 270 -52.19 22.80 12.83
CA LYS C 270 -53.04 23.75 13.54
C LYS C 270 -52.28 25.01 13.92
N ILE C 271 -51.03 24.88 14.38
CA ILE C 271 -50.26 26.05 14.76
C ILE C 271 -50.13 27.00 13.58
N LEU C 272 -50.00 26.46 12.37
CA LEU C 272 -49.83 27.24 11.16
C LEU C 272 -51.16 27.72 10.55
N ASP C 273 -52.30 27.47 11.21
CA ASP C 273 -53.61 27.83 10.66
C ASP C 273 -53.86 27.13 9.34
N LEU C 274 -53.46 25.86 9.24
CA LEU C 274 -53.69 25.05 8.05
C LEU C 274 -54.30 23.71 8.45
N PRO C 275 -55.44 23.73 9.13
CA PRO C 275 -56.06 22.45 9.56
C PRO C 275 -56.53 21.59 8.40
N GLU C 276 -56.80 22.15 7.23
CA GLU C 276 -57.29 21.37 6.10
C GLU C 276 -56.30 20.31 5.64
N LEU C 277 -55.01 20.47 5.96
CA LEU C 277 -54.01 19.52 5.51
C LEU C 277 -54.05 18.20 6.27
N ILE C 278 -54.60 18.19 7.48
CA ILE C 278 -54.54 16.99 8.32
C ILE C 278 -55.28 15.83 7.68
N ASP C 279 -56.45 16.08 7.10
CA ASP C 279 -57.27 15.02 6.54
C ASP C 279 -57.08 14.80 5.04
N ASN C 280 -56.24 15.60 4.38
CA ASN C 280 -56.01 15.40 2.96
C ASN C 280 -55.36 14.04 2.72
N SER C 281 -55.84 13.34 1.70
CA SER C 281 -55.33 12.00 1.41
C SER C 281 -53.85 12.04 1.05
N LYS C 282 -53.36 13.19 0.56
CA LYS C 282 -51.97 13.30 0.13
C LYS C 282 -51.00 13.38 1.30
N TYR C 283 -51.48 13.74 2.48
CA TYR C 283 -50.60 14.03 3.62
C TYR C 283 -50.96 13.21 4.86
N LYS C 284 -51.69 12.10 4.70
CA LYS C 284 -52.20 11.42 5.88
C LYS C 284 -51.11 10.66 6.63
N THR C 285 -50.06 10.22 5.95
CA THR C 285 -48.97 9.51 6.60
C THR C 285 -47.64 10.17 6.23
N ASN C 286 -46.59 9.80 6.96
CA ASN C 286 -45.27 10.29 6.61
C ASN C 286 -44.85 9.79 5.23
N HIS C 287 -45.14 8.53 4.93
CA HIS C 287 -44.84 7.99 3.61
C HIS C 287 -45.57 8.77 2.52
N LEU C 288 -46.82 9.15 2.78
CA LEU C 288 -47.55 9.94 1.79
C LEU C 288 -47.07 11.38 1.76
N ARG C 289 -46.67 11.93 2.91
CA ARG C 289 -46.14 13.29 2.92
C ARG C 289 -44.81 13.36 2.17
N VAL C 290 -43.96 12.36 2.36
CA VAL C 290 -42.71 12.31 1.60
C VAL C 290 -43.01 12.20 0.11
N HIS C 291 -43.96 11.33 -0.24
CA HIS C 291 -44.31 11.15 -1.65
C HIS C 291 -44.85 12.43 -2.26
N ASN C 292 -45.59 13.22 -1.49
CA ASN C 292 -46.18 14.47 -1.95
C ASN C 292 -45.45 15.67 -1.35
N ARG C 293 -44.14 15.56 -1.20
CA ARG C 293 -43.38 16.56 -0.47
C ARG C 293 -43.29 17.89 -1.21
N LYS C 294 -43.21 17.85 -2.54
CA LYS C 294 -42.97 19.08 -3.30
C LYS C 294 -44.10 20.08 -3.11
N GLU C 295 -45.35 19.63 -3.22
CA GLU C 295 -46.48 20.56 -3.05
C GLU C 295 -46.74 20.88 -1.58
N LEU C 296 -46.58 19.91 -0.68
CA LEU C 296 -46.84 20.18 0.73
C LEU C 296 -45.91 21.25 1.27
N ILE C 297 -44.60 21.13 1.00
CA ILE C 297 -43.66 22.12 1.51
C ILE C 297 -43.97 23.50 0.99
N LYS C 298 -44.44 23.60 -0.27
CA LYS C 298 -44.80 24.91 -0.81
C LYS C 298 -45.88 25.56 0.05
N ILE C 299 -46.89 24.79 0.43
CA ILE C 299 -47.97 25.33 1.24
C ILE C 299 -47.46 25.81 2.58
N LEU C 300 -46.66 24.97 3.25
CA LEU C 300 -46.12 25.34 4.55
C LEU C 300 -45.18 26.53 4.44
N SER C 301 -44.31 26.54 3.42
CA SER C 301 -43.35 27.63 3.28
C SER C 301 -44.04 28.97 3.11
N GLU C 302 -45.14 29.00 2.36
CA GLU C 302 -45.87 30.25 2.17
C GLU C 302 -46.35 30.82 3.49
N ARG C 303 -46.86 29.97 4.38
CA ARG C 303 -47.35 30.45 5.66
C ARG C 303 -46.21 30.90 6.57
N PHE C 304 -45.18 30.08 6.69
CA PHE C 304 -44.03 30.44 7.51
C PHE C 304 -43.46 31.80 7.13
N GLU C 305 -43.56 32.17 5.85
CA GLU C 305 -42.97 33.40 5.36
C GLU C 305 -43.73 34.64 5.79
N GLU C 306 -44.93 34.49 6.33
CA GLU C 306 -45.77 35.63 6.62
C GLU C 306 -45.57 36.21 8.02
N GLU C 307 -44.87 35.49 8.90
CA GLU C 307 -44.70 35.93 10.27
C GLU C 307 -43.22 35.96 10.63
N LEU C 308 -42.88 36.82 11.60
CA LEU C 308 -41.52 36.89 12.09
C LEU C 308 -41.15 35.62 12.85
N THR C 309 -39.84 35.35 12.91
CA THR C 309 -39.36 34.20 13.67
C THR C 309 -39.82 34.26 15.12
N SER C 310 -39.80 35.44 15.72
CA SER C 310 -40.21 35.58 17.11
C SER C 310 -41.66 35.16 17.30
N LYS C 311 -42.52 35.46 16.33
CA LYS C 311 -43.92 35.07 16.42
C LYS C 311 -44.08 33.55 16.35
N TRP C 312 -43.38 32.90 15.41
CA TRP C 312 -43.48 31.45 15.30
C TRP C 312 -42.95 30.76 16.55
N LEU C 313 -41.83 31.24 17.10
CA LEU C 313 -41.32 30.67 18.34
C LEU C 313 -42.34 30.77 19.46
N TYR C 314 -43.09 31.88 19.49
CA TYR C 314 -44.14 32.04 20.49
C TYR C 314 -45.28 31.05 20.26
N LEU C 315 -45.71 30.88 19.01
CA LEU C 315 -46.80 29.97 18.71
C LEU C 315 -46.43 28.50 18.89
N PHE C 316 -45.15 28.15 18.80
CA PHE C 316 -44.71 26.77 18.95
C PHE C 316 -44.35 26.42 20.39
N GLU C 317 -44.46 27.35 21.32
CA GLU C 317 -44.17 27.06 22.72
C GLU C 317 -45.04 25.92 23.20
N GLY C 318 -44.41 24.91 23.81
CA GLY C 318 -45.14 23.78 24.34
C GLY C 318 -45.73 22.86 23.29
N SER C 319 -45.41 23.08 22.01
CA SER C 319 -45.97 22.22 20.96
C SER C 319 -45.50 20.78 21.10
N GLY C 320 -44.32 20.57 21.65
CA GLY C 320 -43.78 19.23 21.77
C GLY C 320 -43.27 18.63 20.49
N VAL C 321 -43.18 19.41 19.41
CA VAL C 321 -42.65 18.93 18.14
C VAL C 321 -41.24 19.46 17.97
N PRO C 322 -40.42 18.86 17.11
CA PRO C 322 -39.06 19.39 16.87
C PRO C 322 -39.14 20.77 16.23
N TYR C 323 -38.58 21.77 16.91
CA TYR C 323 -38.56 23.12 16.37
C TYR C 323 -37.45 23.90 17.06
N GLY C 324 -36.85 24.83 16.32
CA GLY C 324 -35.81 25.68 16.85
C GLY C 324 -35.41 26.75 15.86
N PRO C 325 -35.00 27.91 16.36
CA PRO C 325 -34.55 28.97 15.47
C PRO C 325 -33.12 28.73 15.01
N ILE C 326 -32.82 29.25 13.82
CA ILE C 326 -31.44 29.27 13.33
C ILE C 326 -30.76 30.49 13.94
N ASN C 327 -29.85 30.25 14.88
CA ASN C 327 -29.21 31.33 15.62
C ASN C 327 -27.86 31.68 15.00
N ASN C 328 -27.53 32.97 15.04
CA ASN C 328 -26.18 33.41 14.75
C ASN C 328 -25.37 33.44 16.05
N MET C 329 -24.10 33.83 15.97
CA MET C 329 -23.26 33.86 17.16
C MET C 329 -23.88 34.73 18.25
N LYS C 330 -24.45 35.87 17.86
CA LYS C 330 -25.09 36.76 18.83
C LYS C 330 -26.25 36.06 19.53
N ASN C 331 -27.11 35.38 18.76
CA ASN C 331 -28.25 34.70 19.35
C ASN C 331 -27.83 33.47 20.14
N VAL C 332 -26.81 32.75 19.66
CA VAL C 332 -26.38 31.53 20.33
C VAL C 332 -25.99 31.82 21.77
N PHE C 333 -25.18 32.87 21.98
CA PHE C 333 -24.64 33.19 23.29
C PHE C 333 -25.49 34.17 24.07
N ALA C 334 -26.68 34.50 23.56
CA ALA C 334 -27.72 35.13 24.37
C ALA C 334 -28.71 34.12 24.93
N GLU C 335 -28.67 32.88 24.45
CA GLU C 335 -29.56 31.83 24.94
C GLU C 335 -29.24 31.46 26.38
N PRO C 336 -30.18 31.61 27.32
CA PRO C 336 -29.88 31.23 28.71
C PRO C 336 -29.43 29.79 28.85
N GLN C 337 -29.93 28.88 28.00
CA GLN C 337 -29.50 27.49 28.10
C GLN C 337 -28.02 27.34 27.79
N VAL C 338 -27.52 28.06 26.80
CA VAL C 338 -26.09 28.01 26.49
C VAL C 338 -25.28 28.51 27.67
N LEU C 339 -25.66 29.66 28.22
CA LEU C 339 -24.96 30.19 29.38
C LEU C 339 -25.11 29.26 30.58
N HIS C 340 -26.28 28.65 30.74
CA HIS C 340 -26.49 27.76 31.87
C HIS C 340 -25.56 26.55 31.82
N ASN C 341 -25.28 26.05 30.62
CA ASN C 341 -24.42 24.88 30.44
C ASN C 341 -22.94 25.19 30.63
N GLY C 342 -22.59 26.42 31.00
CA GLY C 342 -21.20 26.76 31.20
C GLY C 342 -20.38 26.83 29.93
N LEU C 343 -21.03 27.06 28.78
CA LEU C 343 -20.35 27.03 27.49
C LEU C 343 -19.52 28.28 27.21
N VAL C 344 -19.68 29.33 28.02
CA VAL C 344 -18.86 30.53 27.90
C VAL C 344 -17.82 30.45 29.01
N MET C 345 -16.65 29.91 28.68
CA MET C 345 -15.58 29.72 29.65
C MET C 345 -14.67 30.95 29.62
N GLU C 346 -14.58 31.64 30.74
CA GLU C 346 -13.76 32.84 30.87
C GLU C 346 -12.43 32.47 31.52
N MET C 347 -11.35 33.04 31.00
CA MET C 347 -10.00 32.74 31.49
C MET C 347 -9.22 34.03 31.66
N GLU C 348 -8.30 34.02 32.63
CA GLU C 348 -7.46 35.18 32.91
C GLU C 348 -6.08 34.90 32.31
N HIS C 349 -5.81 35.52 31.16
CA HIS C 349 -4.51 35.32 30.51
C HIS C 349 -3.45 36.19 31.19
N PRO C 350 -2.23 35.70 31.33
CA PRO C 350 -1.23 36.43 32.12
C PRO C 350 -0.83 37.76 31.52
N THR C 351 -0.80 37.87 30.19
CA THR C 351 -0.42 39.11 29.52
C THR C 351 -1.53 39.76 28.71
N VAL C 352 -2.57 39.01 28.35
CA VAL C 352 -3.63 39.55 27.51
C VAL C 352 -4.90 39.89 28.29
N GLY C 353 -5.07 39.35 29.50
CA GLY C 353 -6.25 39.63 30.29
C GLY C 353 -7.34 38.59 30.12
N LYS C 354 -8.56 38.98 30.47
CA LYS C 354 -9.70 38.07 30.38
C LYS C 354 -10.03 37.72 28.94
N ILE C 355 -10.18 36.43 28.67
CA ILE C 355 -10.59 35.91 27.37
C ILE C 355 -11.69 34.89 27.60
N SER C 356 -12.60 34.79 26.64
CA SER C 356 -13.74 33.87 26.72
C SER C 356 -13.74 32.97 25.50
N VAL C 357 -13.84 31.66 25.72
CA VAL C 357 -13.92 30.68 24.64
C VAL C 357 -14.96 29.63 25.01
N PRO C 358 -15.39 28.84 24.02
CA PRO C 358 -16.35 27.77 24.30
C PRO C 358 -15.80 26.79 25.34
N GLY C 359 -16.62 26.48 26.33
CA GLY C 359 -16.21 25.63 27.43
C GLY C 359 -16.36 24.16 27.13
N PRO C 360 -16.03 23.30 28.10
CA PRO C 360 -16.14 21.86 27.89
C PRO C 360 -17.56 21.45 27.56
N ALA C 361 -17.68 20.43 26.71
CA ALA C 361 -19.00 19.98 26.27
C ALA C 361 -19.64 19.01 27.26
N VAL C 362 -18.85 18.30 28.04
CA VAL C 362 -19.34 17.26 28.95
C VAL C 362 -19.22 17.75 30.38
N ARG C 363 -20.20 17.39 31.21
CA ARG C 363 -20.22 17.72 32.62
C ARG C 363 -20.29 16.44 33.43
N TYR C 364 -19.40 16.29 34.41
CA TYR C 364 -19.34 15.13 35.28
C TYR C 364 -19.79 15.52 36.68
N SER C 365 -20.37 14.56 37.39
CA SER C 365 -20.93 14.85 38.71
C SER C 365 -19.86 14.90 39.81
N LYS C 366 -18.73 14.22 39.61
CA LYS C 366 -17.74 14.08 40.67
C LYS C 366 -16.60 15.09 40.56
N PHE C 367 -16.54 15.88 39.49
CA PHE C 367 -15.50 16.90 39.36
C PHE C 367 -15.95 17.97 38.38
N LYS C 368 -15.33 19.13 38.48
CA LYS C 368 -15.62 20.30 37.66
C LYS C 368 -14.44 20.63 36.76
N MET C 369 -14.75 21.08 35.54
CA MET C 369 -13.75 21.53 34.58
C MET C 369 -13.93 22.99 34.20
N SER C 370 -14.70 23.75 34.99
CA SER C 370 -15.01 25.14 34.67
C SER C 370 -13.85 26.09 34.89
N GLU C 371 -12.80 25.67 35.61
CA GLU C 371 -11.62 26.49 35.86
C GLU C 371 -10.44 25.89 35.12
N ALA C 372 -9.94 26.61 34.11
CA ALA C 372 -8.91 26.10 33.21
C ALA C 372 -7.69 26.99 33.22
N ARG C 373 -6.53 26.37 33.05
CA ARG C 373 -5.29 27.12 32.84
C ARG C 373 -5.36 27.81 31.48
N PRO C 374 -5.02 29.09 31.39
CA PRO C 374 -5.12 29.80 30.12
C PRO C 374 -4.16 29.23 29.10
N PRO C 375 -4.44 29.38 27.81
CA PRO C 375 -3.52 28.89 26.78
C PRO C 375 -2.14 29.48 26.98
N PRO C 376 -1.10 28.65 26.88
CA PRO C 376 0.25 29.11 27.21
C PRO C 376 0.85 30.00 26.14
N LEU C 377 1.73 30.89 26.56
CA LEU C 377 2.56 31.64 25.64
C LEU C 377 3.69 30.75 25.11
N LEU C 378 4.22 31.13 23.94
CA LEU C 378 5.23 30.31 23.29
C LEU C 378 6.45 30.13 24.18
N GLY C 379 6.73 28.89 24.56
CA GLY C 379 7.86 28.62 25.42
C GLY C 379 7.71 29.13 26.83
N GLN C 380 6.48 29.35 27.30
CA GLN C 380 6.27 29.90 28.64
C GLN C 380 6.82 28.98 29.72
N HIS C 381 6.74 27.67 29.52
CA HIS C 381 7.09 26.71 30.56
C HIS C 381 8.35 25.91 30.25
N THR C 382 9.19 26.43 29.33
CA THR C 382 10.40 25.70 28.95
C THR C 382 11.29 25.43 30.16
N THR C 383 11.69 26.48 30.88
CA THR C 383 12.58 26.31 32.02
C THR C 383 11.95 25.44 33.10
N HIS C 384 10.67 25.70 33.43
CA HIS C 384 10.02 24.92 34.47
C HIS C 384 10.03 23.43 34.15
N ILE C 385 9.74 23.07 32.91
CA ILE C 385 9.70 21.65 32.53
C ILE C 385 11.10 21.04 32.59
N LEU C 386 12.09 21.73 32.04
CA LEU C 386 13.44 21.20 32.03
C LEU C 386 13.97 20.99 33.44
N LYS C 387 13.67 21.92 34.35
CA LYS C 387 14.15 21.80 35.72
C LYS C 387 13.32 20.79 36.50
N GLU C 388 12.00 20.90 36.43
CA GLU C 388 11.15 20.09 37.30
C GLU C 388 10.99 18.67 36.78
N VAL C 389 10.86 18.51 35.46
CA VAL C 389 10.63 17.17 34.91
C VAL C 389 11.95 16.47 34.59
N LEU C 390 12.92 17.19 34.04
CA LEU C 390 14.18 16.58 33.62
C LEU C 390 15.35 16.91 34.52
N ARG C 391 15.20 17.82 35.48
CA ARG C 391 16.23 18.11 36.47
C ARG C 391 17.41 18.86 35.88
N TYR C 392 17.19 19.66 34.84
CA TYR C 392 18.24 20.53 34.31
C TYR C 392 18.48 21.71 35.26
N ASP C 393 19.74 22.11 35.37
CA ASP C 393 20.13 23.29 36.13
C ASP C 393 20.29 24.49 35.20
N ASP C 394 20.42 25.67 35.80
CA ASP C 394 20.59 26.89 35.02
C ASP C 394 21.83 26.80 34.13
N ARG C 395 22.81 25.99 34.53
CA ARG C 395 24.04 25.87 33.76
C ARG C 395 23.80 25.18 32.43
N ALA C 396 23.09 24.04 32.46
CA ALA C 396 22.79 23.32 31.22
C ALA C 396 21.75 24.05 30.39
N ILE C 397 20.75 24.67 31.06
CA ILE C 397 19.69 25.36 30.33
C ILE C 397 20.26 26.57 29.57
N GLY C 398 21.15 27.32 30.21
CA GLY C 398 21.76 28.46 29.53
C GLY C 398 22.49 28.08 28.26
N GLU C 399 23.12 26.90 28.26
CA GLU C 399 23.75 26.40 27.03
C GLU C 399 22.72 26.11 25.95
N LEU C 400 21.60 25.50 26.33
CA LEU C 400 20.57 25.19 25.34
C LEU C 400 19.94 26.45 24.77
N LEU C 401 19.73 27.47 25.61
CA LEU C 401 19.19 28.73 25.11
C LEU C 401 20.17 29.41 24.16
N SER C 402 21.45 29.46 24.54
CA SER C 402 22.44 30.11 23.69
C SER C 402 22.57 29.38 22.35
N ALA C 403 22.51 28.04 22.38
CA ALA C 403 22.63 27.25 21.16
C ALA C 403 21.38 27.31 20.29
N GLY C 404 20.27 27.81 20.82
CA GLY C 404 19.02 27.81 20.08
C GLY C 404 18.25 26.52 20.11
N VAL C 405 18.67 25.55 20.94
CA VAL C 405 17.97 24.28 21.03
C VAL C 405 16.59 24.47 21.66
N VAL C 406 16.49 25.36 22.65
CA VAL C 406 15.24 25.65 23.33
C VAL C 406 15.08 27.15 23.44
N ASP C 407 13.85 27.57 23.75
CA ASP C 407 13.53 28.99 23.88
C ASP C 407 12.59 29.18 25.07
N GLN C 408 12.84 30.23 25.85
CA GLN C 408 12.05 30.55 27.03
C GLN C 408 11.39 31.91 26.84
N HIS C 409 10.07 31.96 26.99
CA HIS C 409 9.36 33.22 26.91
C HIS C 409 9.73 34.11 28.08
N GLU C 410 9.61 35.43 27.88
CA GLU C 410 9.86 36.36 28.98
C GLU C 410 8.97 36.05 30.16
N THR C 411 7.68 35.79 29.91
CA THR C 411 6.75 35.47 30.98
C THR C 411 6.81 33.99 31.32
N HIS C 412 6.98 33.69 32.60
CA HIS C 412 7.04 32.31 33.07
C HIS C 412 5.70 31.86 33.62
N ASN D 11 -4.89 -11.30 21.06
CA ASN D 11 -4.83 -10.46 22.25
C ASN D 11 -6.21 -9.99 22.69
N ILE D 12 -6.28 -9.46 23.90
CA ILE D 12 -7.53 -9.02 24.49
C ILE D 12 -7.75 -7.55 24.18
N LYS D 13 -9.00 -7.17 23.94
CA LYS D 13 -9.35 -5.79 23.70
C LYS D 13 -9.42 -5.02 25.02
N PRO D 14 -9.29 -3.69 24.98
CA PRO D 14 -9.19 -2.93 26.24
C PRO D 14 -10.44 -3.03 27.11
N LEU D 15 -11.63 -3.02 26.52
CA LEU D 15 -12.87 -3.02 27.29
C LEU D 15 -13.46 -4.41 27.48
N GLU D 16 -12.68 -5.46 27.24
CA GLU D 16 -13.17 -6.81 27.47
C GLU D 16 -13.55 -6.98 28.94
N GLY D 17 -14.68 -7.65 29.17
CA GLY D 17 -15.19 -7.85 30.51
C GLY D 17 -16.05 -6.72 31.04
N VAL D 18 -16.19 -5.63 30.30
CA VAL D 18 -17.01 -4.50 30.71
C VAL D 18 -18.40 -4.68 30.12
N LYS D 19 -19.42 -4.69 30.97
CA LYS D 19 -20.81 -4.79 30.54
C LYS D 19 -21.44 -3.39 30.52
N ILE D 20 -22.12 -3.08 29.42
CA ILE D 20 -22.79 -1.81 29.24
C ILE D 20 -24.28 -2.08 29.05
N LEU D 21 -25.09 -1.59 29.98
CA LEU D 21 -26.55 -1.68 29.88
C LEU D 21 -27.03 -0.50 29.03
N ASP D 22 -27.45 -0.79 27.80
CA ASP D 22 -27.64 0.22 26.76
C ASP D 22 -29.13 0.39 26.50
N LEU D 23 -29.70 1.52 26.95
CA LEU D 23 -31.09 1.88 26.70
C LEU D 23 -31.22 2.95 25.63
N THR D 24 -30.16 3.18 24.84
CA THR D 24 -30.16 4.27 23.87
C THR D 24 -30.99 3.90 22.64
N ARG D 25 -31.40 4.93 21.90
CA ARG D 25 -32.19 4.75 20.69
C ARG D 25 -31.74 5.77 19.64
N VAL D 26 -32.08 5.48 18.39
CA VAL D 26 -31.78 6.34 17.26
C VAL D 26 -30.28 6.30 16.95
N LEU D 27 -29.58 7.42 17.15
CA LEU D 27 -28.21 7.52 16.65
C LEU D 27 -27.19 7.92 17.70
N ALA D 28 -27.40 9.03 18.40
CA ALA D 28 -26.38 9.57 19.30
C ALA D 28 -25.89 8.51 20.29
N GLY D 29 -26.82 7.92 21.04
CA GLY D 29 -26.47 6.92 22.02
C GLY D 29 -25.95 5.63 21.39
N PRO D 30 -26.70 5.07 20.44
CA PRO D 30 -26.24 3.82 19.81
C PRO D 30 -24.87 3.94 19.16
N PHE D 31 -24.56 5.09 18.55
CA PHE D 31 -23.24 5.27 17.95
C PHE D 31 -22.15 5.21 19.02
N ALA D 32 -22.38 5.84 20.16
CA ALA D 32 -21.40 5.79 21.25
C ALA D 32 -21.20 4.35 21.73
N THR D 33 -22.30 3.63 21.97
CA THR D 33 -22.19 2.28 22.49
C THR D 33 -21.66 1.30 21.46
N MET D 34 -21.88 1.56 20.17
CA MET D 34 -21.30 0.72 19.13
C MET D 34 -19.77 0.82 19.17
N ASN D 35 -19.24 2.03 19.27
CA ASN D 35 -17.79 2.19 19.32
C ASN D 35 -17.19 1.58 20.58
N LEU D 36 -17.93 1.60 21.68
CA LEU D 36 -17.46 0.89 22.87
C LEU D 36 -17.55 -0.61 22.68
N GLY D 37 -18.55 -1.09 21.93
CA GLY D 37 -18.59 -2.50 21.59
C GLY D 37 -17.42 -2.93 20.73
N ASP D 38 -17.01 -2.08 19.78
CA ASP D 38 -15.83 -2.36 18.99
C ASP D 38 -14.60 -2.57 19.87
N LEU D 39 -14.50 -1.80 20.96
CA LEU D 39 -13.36 -1.87 21.87
C LEU D 39 -13.46 -3.05 22.84
N GLY D 40 -14.41 -3.95 22.66
CA GLY D 40 -14.50 -5.17 23.44
C GLY D 40 -15.56 -5.21 24.51
N ALA D 41 -16.30 -4.12 24.73
CA ALA D 41 -17.34 -4.11 25.74
C ALA D 41 -18.51 -5.01 25.34
N GLU D 42 -19.12 -5.64 26.34
CA GLU D 42 -20.33 -6.44 26.13
C GLU D 42 -21.54 -5.51 26.28
N VAL D 43 -22.10 -5.09 25.15
CA VAL D 43 -23.20 -4.14 25.15
C VAL D 43 -24.52 -4.90 25.17
N ILE D 44 -25.30 -4.71 26.24
CA ILE D 44 -26.60 -5.34 26.38
C ILE D 44 -27.64 -4.30 26.04
N LYS D 45 -28.14 -4.36 24.81
CA LYS D 45 -29.12 -3.39 24.33
C LYS D 45 -30.50 -3.78 24.85
N VAL D 46 -31.13 -2.89 25.62
CA VAL D 46 -32.46 -3.11 26.17
C VAL D 46 -33.46 -2.45 25.24
N GLU D 47 -34.41 -3.22 24.72
CA GLU D 47 -35.35 -2.73 23.74
C GLU D 47 -36.78 -3.04 24.18
N ARG D 48 -37.70 -2.19 23.75
CA ARG D 48 -39.11 -2.40 24.08
C ARG D 48 -39.63 -3.60 23.28
N PRO D 49 -40.29 -4.57 23.92
CA PRO D 49 -40.83 -5.71 23.18
C PRO D 49 -41.81 -5.29 22.09
N GLY D 50 -41.68 -5.94 20.93
CA GLY D 50 -42.54 -5.67 19.80
C GLY D 50 -41.98 -4.67 18.82
N ALA D 51 -41.77 -3.43 19.28
CA ALA D 51 -41.28 -2.38 18.40
C ALA D 51 -39.76 -2.26 18.43
N GLY D 52 -39.19 -2.12 19.63
CA GLY D 52 -37.75 -1.96 19.74
C GLY D 52 -37.29 -0.56 19.35
N ASP D 53 -35.99 -0.46 19.07
CA ASP D 53 -35.41 0.81 18.64
C ASP D 53 -36.15 1.36 17.44
N ASP D 54 -36.43 2.66 17.45
CA ASP D 54 -37.16 3.28 16.35
C ASP D 54 -36.54 2.94 15.00
N THR D 55 -35.21 2.90 14.95
CA THR D 55 -34.52 2.69 13.68
C THR D 55 -34.91 1.38 13.02
N ARG D 56 -35.46 0.43 13.77
CA ARG D 56 -35.86 -0.85 13.18
C ARG D 56 -36.95 -0.66 12.14
N THR D 57 -37.84 0.31 12.31
CA THR D 57 -38.98 0.51 11.42
C THR D 57 -38.73 1.59 10.36
N TRP D 58 -37.56 2.23 10.37
CA TRP D 58 -37.26 3.32 9.44
C TRP D 58 -36.74 2.74 8.14
N GLY D 59 -37.65 2.53 7.19
CA GLY D 59 -37.31 2.03 5.88
C GLY D 59 -38.43 2.27 4.89
N PRO D 60 -38.19 1.99 3.61
CA PRO D 60 -36.95 1.42 3.03
C PRO D 60 -35.77 2.38 3.13
N PRO D 61 -34.56 1.90 2.86
CA PRO D 61 -34.23 0.56 2.39
C PRO D 61 -34.28 -0.50 3.47
N PHE D 62 -34.73 -1.70 3.13
CA PHE D 62 -34.79 -2.84 4.04
C PHE D 62 -33.97 -4.00 3.47
N VAL D 63 -33.35 -4.75 4.38
CA VAL D 63 -32.69 -6.02 4.04
C VAL D 63 -33.41 -7.10 4.83
N GLY D 64 -34.21 -7.91 4.15
CA GLY D 64 -35.08 -8.82 4.86
C GLY D 64 -36.02 -8.01 5.72
N THR D 65 -35.98 -8.24 7.03
CA THR D 65 -36.78 -7.49 7.99
C THR D 65 -36.02 -6.33 8.64
N GLU D 66 -34.70 -6.26 8.45
CA GLU D 66 -33.87 -5.26 9.11
C GLU D 66 -33.64 -4.06 8.20
N SER D 67 -33.81 -2.86 8.74
CA SER D 67 -33.53 -1.64 7.99
C SER D 67 -32.05 -1.32 8.03
N THR D 68 -31.57 -0.65 6.98
CA THR D 68 -30.17 -0.24 6.95
C THR D 68 -29.86 0.75 8.06
N TYR D 69 -30.86 1.56 8.45
CA TYR D 69 -30.68 2.49 9.56
C TYR D 69 -30.19 1.75 10.81
N TYR D 70 -30.94 0.73 11.23
CA TYR D 70 -30.61 0.01 12.46
C TYR D 70 -29.28 -0.71 12.32
N LEU D 71 -29.06 -1.40 11.21
CA LEU D 71 -27.85 -2.21 11.06
C LEU D 71 -26.59 -1.37 11.11
N SER D 72 -26.65 -0.12 10.64
CA SER D 72 -25.42 0.66 10.47
C SER D 72 -24.76 0.99 11.80
N VAL D 73 -25.51 1.06 12.90
CA VAL D 73 -24.94 1.54 14.15
C VAL D 73 -25.30 0.65 15.33
N ASN D 74 -25.44 -0.67 15.09
CA ASN D 74 -25.76 -1.56 16.21
C ASN D 74 -25.01 -2.88 16.17
N ARG D 75 -23.89 -2.96 15.44
CA ARG D 75 -23.04 -4.12 15.52
C ARG D 75 -22.42 -4.26 16.91
N ASN D 76 -21.90 -5.44 17.20
CA ASN D 76 -21.21 -5.69 18.46
C ASN D 76 -22.10 -5.40 19.67
N LYS D 77 -23.37 -5.78 19.55
CA LYS D 77 -24.33 -5.62 20.63
C LYS D 77 -25.20 -6.86 20.74
N LYS D 78 -25.73 -7.07 21.94
CA LYS D 78 -26.75 -8.07 22.19
C LYS D 78 -28.08 -7.37 22.48
N SER D 79 -29.17 -8.06 22.21
CA SER D 79 -30.51 -7.49 22.37
C SER D 79 -31.31 -8.31 23.37
N ILE D 80 -31.86 -7.64 24.37
CA ILE D 80 -32.82 -8.23 25.29
C ILE D 80 -34.09 -7.39 25.24
N ALA D 81 -35.21 -8.03 24.96
CA ALA D 81 -36.50 -7.35 24.87
C ALA D 81 -37.14 -7.36 26.24
N VAL D 82 -37.24 -6.18 26.86
CA VAL D 82 -37.80 -6.03 28.20
C VAL D 82 -38.76 -4.86 28.19
N ASN D 83 -39.91 -5.05 28.81
CA ASN D 83 -40.94 -4.00 28.90
C ASN D 83 -40.67 -3.16 30.14
N ILE D 84 -40.00 -2.01 29.96
CA ILE D 84 -39.69 -1.17 31.11
C ILE D 84 -40.89 -0.38 31.61
N LYS D 85 -42.01 -0.44 30.89
CA LYS D 85 -43.25 0.12 31.40
C LYS D 85 -43.96 -0.81 32.38
N ASP D 86 -43.52 -2.05 32.47
CA ASP D 86 -44.07 -3.02 33.41
C ASP D 86 -43.21 -3.04 34.66
N PRO D 87 -43.81 -2.96 35.86
CA PRO D 87 -42.99 -3.05 37.08
C PRO D 87 -42.07 -4.25 37.11
N LYS D 88 -42.51 -5.37 36.53
CA LYS D 88 -41.67 -6.55 36.43
C LYS D 88 -40.45 -6.31 35.55
N GLY D 89 -40.60 -5.49 34.51
CA GLY D 89 -39.45 -5.17 33.66
C GLY D 89 -38.45 -4.26 34.35
N VAL D 90 -38.92 -3.23 35.05
CA VAL D 90 -38.02 -2.37 35.81
C VAL D 90 -37.20 -3.19 36.80
N LYS D 91 -37.85 -4.16 37.45
CA LYS D 91 -37.15 -5.04 38.39
C LYS D 91 -36.01 -5.78 37.69
N ILE D 92 -36.24 -6.27 36.47
CA ILE D 92 -35.19 -7.00 35.77
C ILE D 92 -34.05 -6.08 35.39
N ILE D 93 -34.36 -4.86 34.96
CA ILE D 93 -33.31 -3.91 34.59
C ILE D 93 -32.44 -3.60 35.79
N LYS D 94 -33.06 -3.41 36.96
CA LYS D 94 -32.29 -3.14 38.17
C LYS D 94 -31.39 -4.32 38.52
N GLU D 95 -31.87 -5.55 38.33
CA GLU D 95 -31.02 -6.70 38.58
C GLU D 95 -29.83 -6.74 37.63
N LEU D 96 -30.04 -6.32 36.37
CA LEU D 96 -28.95 -6.24 35.42
C LEU D 96 -27.97 -5.12 35.79
N ALA D 97 -28.49 -3.95 36.15
CA ALA D 97 -27.63 -2.83 36.47
C ALA D 97 -26.68 -3.14 37.61
N ALA D 98 -27.11 -3.95 38.59
CA ALA D 98 -26.27 -4.27 39.72
C ALA D 98 -25.01 -5.02 39.32
N VAL D 99 -25.03 -5.68 38.16
CA VAL D 99 -23.89 -6.46 37.69
C VAL D 99 -23.29 -5.88 36.42
N CYS D 100 -23.66 -4.65 36.05
CA CYS D 100 -23.11 -3.99 34.88
C CYS D 100 -22.21 -2.82 35.30
N ASP D 101 -21.28 -2.49 34.42
CA ASP D 101 -20.30 -1.44 34.70
C ASP D 101 -20.72 -0.07 34.19
N VAL D 102 -21.52 -0.01 33.12
CA VAL D 102 -21.93 1.24 32.51
C VAL D 102 -23.43 1.20 32.25
N PHE D 103 -24.08 2.36 32.40
CA PHE D 103 -25.51 2.53 32.13
C PHE D 103 -25.68 3.74 31.24
N VAL D 104 -26.30 3.54 30.07
CA VAL D 104 -26.43 4.59 29.06
C VAL D 104 -27.90 4.72 28.67
N GLU D 105 -28.38 5.95 28.57
CA GLU D 105 -29.75 6.24 28.16
C GLU D 105 -29.78 7.61 27.49
N ASN D 106 -30.78 7.82 26.63
CA ASN D 106 -30.92 9.09 25.91
C ASN D 106 -32.36 9.55 25.91
N TYR D 107 -33.06 9.35 27.02
CA TYR D 107 -34.40 9.90 27.22
C TYR D 107 -34.32 11.33 27.75
N VAL D 108 -35.44 12.03 27.66
CA VAL D 108 -35.55 13.37 28.24
C VAL D 108 -35.18 13.29 29.71
N PRO D 109 -34.51 14.29 30.27
CA PRO D 109 -34.10 14.22 31.68
C PRO D 109 -35.29 14.02 32.60
N GLY D 110 -35.12 13.09 33.55
CA GLY D 110 -36.12 12.80 34.55
C GLY D 110 -37.12 11.73 34.21
N LYS D 111 -37.24 11.34 32.93
CA LYS D 111 -38.24 10.34 32.58
C LYS D 111 -37.86 8.97 33.14
N LEU D 112 -36.61 8.54 32.95
CA LEU D 112 -36.19 7.28 33.55
C LEU D 112 -36.23 7.35 35.06
N SER D 113 -35.93 8.52 35.65
CA SER D 113 -36.02 8.66 37.09
C SER D 113 -37.45 8.44 37.57
N ALA D 114 -38.44 8.93 36.80
CA ALA D 114 -39.83 8.74 37.17
C ALA D 114 -40.27 7.28 37.05
N MET D 115 -39.54 6.48 36.29
CA MET D 115 -39.82 5.06 36.16
C MET D 115 -39.03 4.20 37.13
N GLY D 116 -38.23 4.81 37.99
CA GLY D 116 -37.38 4.08 38.91
C GLY D 116 -36.02 3.70 38.37
N LEU D 117 -35.60 4.28 37.24
CA LEU D 117 -34.32 3.95 36.63
C LEU D 117 -33.41 5.16 36.51
N GLY D 118 -33.62 6.18 37.33
CA GLY D 118 -32.73 7.32 37.34
C GLY D 118 -31.40 7.02 38.01
N TYR D 119 -30.49 7.98 37.89
CA TYR D 119 -29.17 7.80 38.49
C TYR D 119 -29.28 7.56 39.98
N GLU D 120 -30.20 8.25 40.65
CA GLU D 120 -30.37 8.10 42.08
C GLU D 120 -30.65 6.64 42.45
N ASP D 121 -31.59 6.02 41.72
CA ASP D 121 -31.96 4.64 42.00
C ASP D 121 -30.85 3.67 41.64
N ILE D 122 -30.23 3.85 40.47
CA ILE D 122 -29.25 2.88 39.98
C ILE D 122 -27.97 2.93 40.81
N ASP D 123 -27.51 4.14 41.16
CA ASP D 123 -26.29 4.24 41.95
C ASP D 123 -26.44 3.56 43.31
N GLU D 124 -27.64 3.56 43.87
CA GLU D 124 -27.86 2.91 45.16
C GLU D 124 -27.49 1.44 45.11
N ILE D 125 -27.92 0.73 44.06
CA ILE D 125 -27.64 -0.69 43.94
C ILE D 125 -26.39 -0.99 43.11
N ALA D 126 -25.78 0.02 42.51
CA ALA D 126 -24.56 -0.15 41.73
C ALA D 126 -23.68 1.08 41.91
N PRO D 127 -23.14 1.28 43.11
CA PRO D 127 -22.34 2.50 43.37
C PRO D 127 -21.10 2.60 42.49
N HIS D 128 -20.74 1.54 41.78
CA HIS D 128 -19.61 1.54 40.87
C HIS D 128 -19.97 2.03 39.47
N ILE D 129 -21.27 2.21 39.19
CA ILE D 129 -21.74 2.32 37.82
C ILE D 129 -21.35 3.67 37.22
N ILE D 130 -21.02 3.65 35.93
CA ILE D 130 -20.85 4.86 35.14
C ILE D 130 -22.16 5.11 34.42
N TYR D 131 -22.86 6.17 34.80
CA TYR D 131 -24.19 6.49 34.30
C TYR D 131 -24.08 7.67 33.34
N CYS D 132 -24.37 7.44 32.06
CA CYS D 132 -24.20 8.43 31.02
C CYS D 132 -25.55 8.73 30.39
N SER D 133 -25.96 10.00 30.44
CA SER D 133 -27.22 10.45 29.84
C SER D 133 -26.92 11.36 28.66
N ILE D 134 -27.50 11.04 27.51
CA ILE D 134 -27.33 11.82 26.29
C ILE D 134 -28.67 12.49 26.00
N THR D 135 -28.72 13.81 26.14
CA THR D 135 -29.93 14.60 26.00
C THR D 135 -29.73 15.67 24.94
N GLY D 136 -30.78 16.47 24.72
CA GLY D 136 -30.72 17.55 23.77
C GLY D 136 -29.98 18.78 24.25
N TYR D 137 -30.18 19.15 25.52
CA TYR D 137 -29.65 20.40 26.04
C TYR D 137 -29.01 20.29 27.42
N GLY D 138 -28.91 19.10 27.98
CA GLY D 138 -28.39 18.91 29.32
C GLY D 138 -29.50 18.51 30.30
N GLN D 139 -29.06 18.18 31.52
CA GLN D 139 -30.00 17.66 32.51
C GLN D 139 -30.87 18.76 33.11
N THR D 140 -30.37 19.99 33.16
CA THR D 140 -31.10 21.10 33.76
C THR D 140 -31.03 22.32 32.85
N GLY D 141 -31.88 23.30 33.14
CA GLY D 141 -31.92 24.52 32.38
C GLY D 141 -33.30 24.85 31.87
N PRO D 142 -33.48 26.08 31.36
CA PRO D 142 -34.82 26.49 30.93
C PRO D 142 -35.44 25.61 29.85
N ILE D 143 -34.63 25.11 28.92
CA ILE D 143 -35.13 24.30 27.81
C ILE D 143 -34.63 22.86 27.89
N SER D 144 -34.20 22.41 29.07
CA SER D 144 -33.66 21.06 29.19
C SER D 144 -34.71 19.98 28.98
N GLN D 145 -35.99 20.31 29.02
CA GLN D 145 -37.06 19.33 28.85
C GLN D 145 -37.40 19.07 27.39
N ARG D 146 -36.83 19.81 26.46
CA ARG D 146 -37.07 19.57 25.04
C ARG D 146 -36.28 18.36 24.57
N ALA D 147 -36.90 17.57 23.69
CA ALA D 147 -36.22 16.41 23.13
C ALA D 147 -35.13 16.86 22.15
N GLY D 148 -34.07 16.05 22.05
CA GLY D 148 -32.94 16.38 21.21
C GLY D 148 -33.12 15.90 19.78
N TYR D 149 -32.82 16.78 18.83
CA TYR D 149 -32.81 16.44 17.42
C TYR D 149 -31.62 17.10 16.75
N ASP D 150 -30.96 16.35 15.86
CA ASP D 150 -29.74 16.84 15.23
C ASP D 150 -29.99 18.13 14.47
N ALA D 151 -31.04 18.17 13.64
CA ALA D 151 -31.30 19.36 12.84
C ALA D 151 -31.63 20.56 13.70
N VAL D 152 -32.39 20.35 14.78
CA VAL D 152 -32.73 21.46 15.66
C VAL D 152 -31.50 21.95 16.41
N ALA D 153 -30.71 21.01 16.95
CA ALA D 153 -29.52 21.40 17.70
C ALA D 153 -28.55 22.20 16.82
N SER D 154 -28.32 21.73 15.59
CA SER D 154 -27.40 22.44 14.70
C SER D 154 -27.94 23.83 14.34
N ALA D 155 -29.25 24.02 14.40
CA ALA D 155 -29.83 25.33 14.13
C ALA D 155 -29.66 26.26 15.33
N VAL D 156 -30.05 25.81 16.52
CA VAL D 156 -29.94 26.66 17.71
C VAL D 156 -28.50 26.90 18.07
N SER D 157 -27.61 25.95 17.77
CA SER D 157 -26.22 26.05 18.19
C SER D 157 -25.39 26.97 17.30
N GLY D 158 -25.89 27.35 16.13
CA GLY D 158 -25.19 28.26 15.24
C GLY D 158 -24.53 27.60 14.05
N LEU D 159 -24.53 26.27 13.97
CA LEU D 159 -23.87 25.60 12.86
C LEU D 159 -24.55 25.90 11.53
N MET D 160 -25.89 25.86 11.50
CA MET D 160 -26.60 26.08 10.25
C MET D 160 -26.37 27.48 9.72
N HIS D 161 -26.34 28.48 10.60
CA HIS D 161 -26.18 29.86 10.14
C HIS D 161 -24.86 30.07 9.40
N ILE D 162 -23.81 29.34 9.79
CA ILE D 162 -22.48 29.51 9.19
C ILE D 162 -22.20 28.44 8.14
N THR D 163 -23.21 27.67 7.73
CA THR D 163 -23.05 26.61 6.76
C THR D 163 -24.02 26.85 5.60
N GLY D 164 -23.48 26.91 4.39
CA GLY D 164 -24.28 27.10 3.21
C GLY D 164 -23.57 27.94 2.16
N PRO D 165 -24.16 28.05 0.98
CA PRO D 165 -23.52 28.82 -0.10
C PRO D 165 -23.42 30.30 0.27
N GLU D 166 -22.30 30.91 -0.12
CA GLU D 166 -22.12 32.32 0.13
C GLU D 166 -23.24 33.11 -0.55
N ASN D 167 -23.95 33.92 0.23
CA ASN D 167 -25.08 34.69 -0.27
C ASN D 167 -26.27 33.79 -0.58
N GLY D 168 -26.44 32.71 0.19
CA GLY D 168 -27.54 31.78 -0.02
C GLY D 168 -28.16 31.31 1.28
N ASP D 169 -29.10 30.37 1.18
CA ASP D 169 -29.81 29.89 2.35
C ASP D 169 -28.93 28.92 3.16
N PRO D 170 -29.20 28.81 4.46
CA PRO D 170 -28.45 27.84 5.28
C PRO D 170 -28.73 26.41 4.84
N VAL D 171 -27.78 25.53 5.16
CA VAL D 171 -27.86 24.11 4.83
C VAL D 171 -27.42 23.30 6.04
N ARG D 172 -27.86 22.06 6.10
CA ARG D 172 -27.45 21.18 7.17
C ARG D 172 -26.40 20.20 6.67
N PRO D 173 -25.50 19.74 7.55
CA PRO D 173 -24.56 18.69 7.15
C PRO D 173 -25.33 17.46 6.66
N GLY D 174 -24.76 16.79 5.66
CA GLY D 174 -25.43 15.65 5.07
C GLY D 174 -25.80 14.58 6.07
N VAL D 175 -24.97 14.39 7.09
CA VAL D 175 -25.24 13.44 8.17
C VAL D 175 -25.33 14.20 9.48
N ALA D 176 -25.90 13.54 10.48
CA ALA D 176 -26.16 14.15 11.79
C ALA D 176 -24.85 14.25 12.57
N MET D 177 -23.99 15.16 12.13
CA MET D 177 -22.68 15.32 12.77
C MET D 177 -22.82 15.78 14.21
N THR D 178 -23.87 16.54 14.53
CA THR D 178 -24.10 16.94 15.91
C THR D 178 -24.39 15.73 16.79
N ASP D 179 -25.25 14.83 16.32
CA ASP D 179 -25.49 13.58 17.05
C ASP D 179 -24.21 12.77 17.19
N LEU D 180 -23.46 12.62 16.09
CA LEU D 180 -22.26 11.78 16.12
C LEU D 180 -21.19 12.38 17.01
N ALA D 181 -20.99 13.69 16.94
CA ALA D 181 -20.04 14.35 17.83
C ALA D 181 -20.41 14.11 19.29
N THR D 182 -21.69 14.27 19.62
CA THR D 182 -22.14 13.98 20.98
C THR D 182 -21.85 12.54 21.35
N GLY D 183 -22.11 11.60 20.43
CA GLY D 183 -21.79 10.21 20.69
C GLY D 183 -20.32 9.99 20.94
N LEU D 184 -19.46 10.66 20.17
CA LEU D 184 -18.02 10.53 20.38
C LEU D 184 -17.59 11.15 21.70
N TYR D 185 -18.18 12.29 22.06
CA TYR D 185 -17.96 12.85 23.39
C TYR D 185 -18.29 11.84 24.47
N ALA D 186 -19.45 11.20 24.35
CA ALA D 186 -19.88 10.23 25.36
C ALA D 186 -18.97 9.01 25.37
N TYR D 187 -18.57 8.52 24.18
CA TYR D 187 -17.73 7.33 24.12
C TYR D 187 -16.39 7.56 24.79
N GLY D 188 -15.87 8.79 24.73
CA GLY D 188 -14.68 9.14 25.46
C GLY D 188 -14.97 9.41 26.93
N ALA D 189 -16.07 10.10 27.21
CA ALA D 189 -16.42 10.43 28.58
C ALA D 189 -16.68 9.16 29.41
N ILE D 190 -17.33 8.17 28.80
CA ILE D 190 -17.60 6.92 29.52
C ILE D 190 -16.29 6.26 29.94
N MET D 191 -15.30 6.27 29.05
CA MET D 191 -14.01 5.67 29.37
C MET D 191 -13.26 6.48 30.41
N ALA D 192 -13.46 7.79 30.44
CA ALA D 192 -12.91 8.61 31.53
C ALA D 192 -13.54 8.21 32.86
N GLY D 193 -14.85 7.92 32.86
CA GLY D 193 -15.49 7.46 34.08
C GLY D 193 -14.94 6.13 34.57
N LEU D 194 -14.72 5.20 33.64
CA LEU D 194 -14.12 3.92 34.00
C LEU D 194 -12.75 4.12 34.63
N ILE D 195 -11.92 4.98 34.04
CA ILE D 195 -10.61 5.28 34.61
C ILE D 195 -10.76 5.80 36.04
N GLN D 196 -11.68 6.74 36.25
CA GLN D 196 -11.92 7.25 37.60
C GLN D 196 -12.38 6.15 38.54
N LYS D 197 -13.27 5.27 38.07
CA LYS D 197 -13.71 4.17 38.92
C LYS D 197 -12.54 3.27 39.27
N TYR D 198 -11.60 3.10 38.34
CA TYR D 198 -10.42 2.29 38.60
C TYR D 198 -9.59 2.90 39.73
N LYS D 199 -9.62 4.23 39.87
CA LYS D 199 -8.89 4.96 40.89
C LYS D 199 -9.63 5.01 42.23
N THR D 200 -10.92 5.36 42.19
CA THR D 200 -11.70 5.58 43.40
C THR D 200 -12.55 4.39 43.82
N GLY D 201 -12.82 3.46 42.92
CA GLY D 201 -13.73 2.37 43.20
C GLY D 201 -15.20 2.77 43.19
N LYS D 202 -15.52 4.02 42.87
CA LYS D 202 -16.90 4.48 42.80
C LYS D 202 -17.16 5.02 41.39
N GLY D 203 -18.44 5.05 41.04
CA GLY D 203 -18.87 5.56 39.74
C GLY D 203 -19.17 7.05 39.78
N LEU D 204 -19.85 7.50 38.73
CA LEU D 204 -20.23 8.90 38.63
C LEU D 204 -21.29 9.04 37.54
N PHE D 205 -21.82 10.26 37.43
CA PHE D 205 -22.83 10.61 36.44
C PHE D 205 -22.22 11.50 35.37
N ILE D 206 -22.58 11.25 34.12
CA ILE D 206 -22.04 11.98 32.97
C ILE D 206 -23.19 12.62 32.22
N ASP D 207 -23.06 13.92 31.93
CA ASP D 207 -24.07 14.69 31.22
C ASP D 207 -23.50 15.09 29.86
N CYS D 208 -24.00 14.46 28.80
CA CYS D 208 -23.72 14.83 27.43
C CYS D 208 -24.99 15.33 26.75
N ASN D 209 -24.86 16.33 25.89
CA ASN D 209 -26.01 16.86 25.19
C ASN D 209 -25.57 17.47 23.87
N LEU D 210 -26.51 17.53 22.92
CA LEU D 210 -26.20 18.01 21.58
C LEU D 210 -25.78 19.47 21.59
N LEU D 211 -26.47 20.30 22.39
CA LEU D 211 -26.15 21.73 22.41
C LEU D 211 -24.71 21.96 22.83
N SER D 212 -24.31 21.38 23.97
CA SER D 212 -22.94 21.58 24.45
C SER D 212 -21.92 21.06 23.44
N SER D 213 -22.19 19.90 22.85
CA SER D 213 -21.25 19.32 21.89
C SER D 213 -21.03 20.25 20.70
N GLN D 214 -22.12 20.76 20.12
CA GLN D 214 -21.99 21.56 18.91
C GLN D 214 -21.42 22.95 19.21
N VAL D 215 -21.83 23.55 20.33
CA VAL D 215 -21.30 24.86 20.69
C VAL D 215 -19.79 24.77 20.93
N ALA D 216 -19.34 23.71 21.60
CA ALA D 216 -17.91 23.51 21.80
C ALA D 216 -17.18 23.40 20.47
N CYS D 217 -17.81 22.75 19.49
CA CYS D 217 -17.17 22.60 18.18
C CYS D 217 -17.07 23.92 17.42
N LEU D 218 -17.84 24.93 17.82
CA LEU D 218 -17.70 26.24 17.18
C LEU D 218 -16.30 26.81 17.39
N SER D 219 -15.68 26.51 18.54
CA SER D 219 -14.29 26.83 18.82
C SER D 219 -13.90 28.23 18.39
N HIS D 220 -13.02 28.35 17.38
CA HIS D 220 -12.46 29.66 17.06
C HIS D 220 -13.53 30.62 16.57
N ILE D 221 -14.53 30.11 15.84
CA ILE D 221 -15.60 30.98 15.35
C ILE D 221 -16.33 31.63 16.52
N ALA D 222 -16.63 30.85 17.56
CA ALA D 222 -17.25 31.42 18.75
C ALA D 222 -16.30 32.38 19.45
N ALA D 223 -15.02 32.03 19.51
CA ALA D 223 -14.05 32.92 20.13
C ALA D 223 -13.99 34.26 19.40
N ASN D 224 -14.12 34.24 18.07
CA ASN D 224 -14.13 35.48 17.31
C ASN D 224 -15.27 36.40 17.78
N TYR D 225 -16.42 35.82 18.12
CA TYR D 225 -17.53 36.64 18.60
C TYR D 225 -17.37 36.96 20.09
N LEU D 226 -17.05 35.95 20.90
CA LEU D 226 -16.96 36.18 22.34
C LEU D 226 -15.86 37.19 22.69
N ILE D 227 -14.83 37.27 21.86
CA ILE D 227 -13.70 38.16 22.12
C ILE D 227 -13.79 39.44 21.30
N GLY D 228 -13.96 39.32 19.98
CA GLY D 228 -14.02 40.44 19.09
C GLY D 228 -15.40 40.86 18.65
N ALA D 229 -16.46 40.20 19.15
CA ALA D 229 -17.83 40.50 18.76
C ALA D 229 -18.03 40.39 17.26
N ALA D 230 -17.22 39.58 16.60
CA ALA D 230 -17.31 39.42 15.15
C ALA D 230 -18.31 38.33 14.81
N GLU D 231 -19.27 38.68 13.95
CA GLU D 231 -20.26 37.73 13.47
C GLU D 231 -19.72 36.97 12.27
N ALA D 232 -20.17 35.72 12.13
CA ALA D 232 -19.72 34.85 11.05
C ALA D 232 -20.71 34.87 9.89
N LYS D 233 -20.25 34.36 8.75
CA LYS D 233 -21.04 34.34 7.53
C LYS D 233 -20.79 33.02 6.80
N ARG D 234 -21.62 32.75 5.80
CA ARG D 234 -21.46 31.57 4.97
C ARG D 234 -20.47 31.83 3.84
N TRP D 235 -19.70 30.80 3.49
CA TRP D 235 -18.69 30.91 2.44
C TRP D 235 -18.83 29.83 1.37
N GLY D 236 -19.88 29.02 1.41
CA GLY D 236 -20.02 27.94 0.45
C GLY D 236 -19.02 26.83 0.67
N THR D 237 -17.95 26.80 -0.13
CA THR D 237 -16.85 25.89 0.08
C THR D 237 -15.51 26.61 0.31
N ALA D 238 -15.49 27.93 0.21
CA ALA D 238 -14.26 28.70 0.36
C ALA D 238 -14.04 29.09 1.82
N HIS D 239 -12.98 29.84 2.05
CA HIS D 239 -12.62 30.33 3.37
C HIS D 239 -12.36 31.83 3.30
N GLY D 240 -12.52 32.50 4.44
CA GLY D 240 -12.38 33.95 4.47
C GLY D 240 -10.95 34.43 4.50
N SER D 241 -10.04 33.64 5.06
CA SER D 241 -8.68 34.08 5.31
C SER D 241 -7.64 33.40 4.42
N ILE D 242 -8.05 32.50 3.53
CA ILE D 242 -7.11 31.77 2.69
C ILE D 242 -7.69 31.65 1.29
N VAL D 243 -6.91 32.08 0.30
CA VAL D 243 -7.29 32.00 -1.10
C VAL D 243 -6.06 31.64 -1.93
N PRO D 244 -6.14 30.69 -2.85
CA PRO D 244 -7.33 29.89 -3.21
C PRO D 244 -7.47 28.65 -2.32
N TYR D 245 -8.69 28.35 -1.89
CA TYR D 245 -8.95 27.13 -1.12
C TYR D 245 -10.47 26.92 -1.12
N GLN D 246 -10.95 26.12 -2.07
CA GLN D 246 -12.38 25.91 -2.23
C GLN D 246 -12.60 24.78 -3.22
N ALA D 247 -13.86 24.45 -3.46
CA ALA D 247 -14.25 23.52 -4.50
C ALA D 247 -14.43 24.28 -5.81
N PHE D 248 -13.95 23.69 -6.91
CA PHE D 248 -14.05 24.28 -8.23
C PHE D 248 -14.83 23.36 -9.15
N LYS D 249 -15.81 23.92 -9.86
CA LYS D 249 -16.54 23.13 -10.84
C LYS D 249 -15.62 22.74 -11.99
N THR D 250 -15.60 21.46 -12.31
CA THR D 250 -14.84 20.92 -13.41
C THR D 250 -15.78 20.62 -14.59
N LYS D 251 -15.26 19.95 -15.61
CA LYS D 251 -16.06 19.66 -16.78
C LYS D 251 -17.20 18.69 -16.48
N ASP D 252 -17.02 17.80 -15.50
CA ASP D 252 -18.03 16.80 -15.18
C ASP D 252 -18.31 16.68 -13.68
N GLY D 253 -17.71 17.52 -12.84
CA GLY D 253 -17.92 17.43 -11.41
C GLY D 253 -17.30 18.55 -10.62
N TYR D 254 -16.65 18.22 -9.51
CA TYR D 254 -16.03 19.22 -8.64
C TYR D 254 -14.71 18.68 -8.11
N ILE D 255 -13.75 19.58 -7.94
CA ILE D 255 -12.47 19.26 -7.33
C ILE D 255 -12.14 20.35 -6.33
N VAL D 256 -11.69 19.94 -5.14
CA VAL D 256 -11.22 20.88 -4.13
C VAL D 256 -9.72 21.07 -4.29
N VAL D 257 -9.31 22.33 -4.38
CA VAL D 257 -7.90 22.69 -4.53
C VAL D 257 -7.61 23.90 -3.65
N GLY D 258 -6.45 23.88 -3.00
CA GLY D 258 -6.07 24.96 -2.12
C GLY D 258 -4.57 25.20 -2.18
N ALA D 259 -4.18 26.37 -1.68
CA ALA D 259 -2.77 26.75 -1.60
C ALA D 259 -2.53 27.37 -0.23
N GLY D 260 -1.81 26.66 0.63
CA GLY D 260 -1.53 27.08 1.98
C GLY D 260 -0.33 27.99 2.14
N ASN D 261 0.38 28.27 1.05
CA ASN D 261 1.55 29.13 1.09
C ASN D 261 1.88 29.59 -0.32
N ASN D 262 2.86 30.49 -0.42
CA ASN D 262 3.15 31.15 -1.69
C ASN D 262 3.65 30.15 -2.75
N GLN D 263 4.41 29.13 -2.34
CA GLN D 263 4.90 28.15 -3.29
C GLN D 263 3.79 27.21 -3.75
N GLN D 264 2.88 26.84 -2.86
CA GLN D 264 1.76 26.00 -3.26
C GLN D 264 0.89 26.73 -4.28
N PHE D 265 0.70 28.03 -4.10
CA PHE D 265 -0.03 28.80 -5.11
C PHE D 265 0.71 28.78 -6.44
N ALA D 266 2.03 28.93 -6.42
CA ALA D 266 2.81 28.83 -7.65
C ALA D 266 2.65 27.45 -8.28
N THR D 267 2.71 26.40 -7.47
CA THR D 267 2.51 25.04 -7.99
C THR D 267 1.16 24.92 -8.69
N VAL D 268 0.10 25.42 -8.05
CA VAL D 268 -1.23 25.32 -8.64
C VAL D 268 -1.30 26.06 -9.97
N CYS D 269 -0.73 27.27 -10.02
CA CYS D 269 -0.79 28.06 -11.24
C CYS D 269 -0.07 27.34 -12.38
N LYS D 270 1.08 26.72 -12.10
CA LYS D 270 1.80 25.99 -13.13
C LYS D 270 0.99 24.80 -13.63
N ILE D 271 0.37 24.05 -12.71
CA ILE D 271 -0.42 22.89 -13.10
C ILE D 271 -1.58 23.30 -14.02
N LEU D 272 -2.16 24.46 -13.75
CA LEU D 272 -3.29 24.95 -14.55
C LEU D 272 -2.86 25.67 -15.82
N ASP D 273 -1.55 25.67 -16.14
CA ASP D 273 -1.03 26.36 -17.32
C ASP D 273 -1.30 27.86 -17.25
N LEU D 274 -1.15 28.43 -16.05
CA LEU D 274 -1.29 29.87 -15.83
C LEU D 274 -0.08 30.41 -15.08
N PRO D 275 1.13 30.22 -15.65
CA PRO D 275 2.33 30.70 -14.95
C PRO D 275 2.39 32.21 -14.80
N GLU D 276 1.65 32.95 -15.63
CA GLU D 276 1.67 34.41 -15.56
C GLU D 276 1.16 34.93 -14.23
N LEU D 277 0.40 34.12 -13.48
CA LEU D 277 -0.13 34.60 -12.21
C LEU D 277 0.97 34.71 -11.16
N ILE D 278 2.04 33.92 -11.32
CA ILE D 278 3.13 33.95 -10.35
C ILE D 278 3.78 35.32 -10.34
N ASP D 279 3.87 35.96 -11.50
CA ASP D 279 4.53 37.25 -11.62
C ASP D 279 3.57 38.42 -11.44
N ASN D 280 2.27 38.15 -11.34
CA ASN D 280 1.30 39.21 -11.09
C ASN D 280 1.47 39.78 -9.69
N SER D 281 1.45 41.10 -9.58
CA SER D 281 1.65 41.76 -8.29
C SER D 281 0.54 41.44 -7.29
N LYS D 282 -0.66 41.14 -7.77
CA LYS D 282 -1.83 40.96 -6.89
C LYS D 282 -1.84 39.64 -6.12
N TYR D 283 -1.02 38.66 -6.50
CA TYR D 283 -1.12 37.33 -5.94
C TYR D 283 0.19 36.87 -5.30
N LYS D 284 1.05 37.82 -4.90
CA LYS D 284 2.37 37.45 -4.41
C LYS D 284 2.31 36.82 -3.03
N THR D 285 1.31 37.17 -2.23
CA THR D 285 1.15 36.62 -0.89
C THR D 285 -0.29 36.16 -0.70
N ASN D 286 -0.52 35.40 0.37
CA ASN D 286 -1.87 34.98 0.71
C ASN D 286 -2.75 36.18 1.04
N HIS D 287 -2.19 37.16 1.76
CA HIS D 287 -2.94 38.36 2.11
C HIS D 287 -3.42 39.08 0.84
N LEU D 288 -2.58 39.14 -0.18
CA LEU D 288 -2.99 39.79 -1.43
C LEU D 288 -3.98 38.95 -2.22
N ARG D 289 -3.85 37.62 -2.17
CA ARG D 289 -4.79 36.77 -2.90
C ARG D 289 -6.19 36.87 -2.31
N VAL D 290 -6.30 36.90 -0.98
CA VAL D 290 -7.59 37.08 -0.34
C VAL D 290 -8.19 38.43 -0.70
N HIS D 291 -7.36 39.48 -0.68
CA HIS D 291 -7.85 40.81 -0.99
C HIS D 291 -8.42 40.89 -2.40
N ASN D 292 -7.83 40.16 -3.34
CA ASN D 292 -8.27 40.14 -4.73
C ASN D 292 -8.96 38.82 -5.09
N ARG D 293 -9.75 38.27 -4.16
CA ARG D 293 -10.26 36.92 -4.33
C ARG D 293 -11.26 36.82 -5.48
N LYS D 294 -12.09 37.85 -5.68
CA LYS D 294 -13.14 37.74 -6.68
C LYS D 294 -12.56 37.54 -8.08
N GLU D 295 -11.51 38.31 -8.42
CA GLU D 295 -10.92 38.19 -9.74
C GLU D 295 -10.08 36.93 -9.89
N LEU D 296 -9.34 36.58 -8.83
CA LEU D 296 -8.49 35.39 -8.89
C LEU D 296 -9.32 34.13 -9.04
N ILE D 297 -10.36 33.98 -8.21
CA ILE D 297 -11.18 32.78 -8.26
C ILE D 297 -11.84 32.64 -9.63
N LYS D 298 -12.25 33.75 -10.24
CA LYS D 298 -12.85 33.69 -11.56
C LYS D 298 -11.88 33.12 -12.60
N ILE D 299 -10.62 33.58 -12.57
CA ILE D 299 -9.63 33.10 -13.52
C ILE D 299 -9.39 31.61 -13.32
N LEU D 300 -9.20 31.19 -12.06
CA LEU D 300 -8.95 29.78 -11.78
C LEU D 300 -10.15 28.92 -12.15
N SER D 301 -11.36 29.38 -11.82
CA SER D 301 -12.55 28.60 -12.12
C SER D 301 -12.72 28.38 -13.61
N GLU D 302 -12.38 29.39 -14.42
CA GLU D 302 -12.52 29.25 -15.87
C GLU D 302 -11.72 28.08 -16.42
N ARG D 303 -10.47 27.92 -15.96
CA ARG D 303 -9.64 26.84 -16.46
C ARG D 303 -10.13 25.48 -15.94
N PHE D 304 -10.41 25.39 -14.64
CA PHE D 304 -10.85 24.14 -14.04
C PHE D 304 -12.03 23.54 -14.81
N GLU D 305 -12.91 24.39 -15.34
CA GLU D 305 -14.11 23.92 -16.01
C GLU D 305 -13.84 23.32 -17.38
N GLU D 306 -12.64 23.50 -17.91
CA GLU D 306 -12.33 23.06 -19.27
C GLU D 306 -11.87 21.61 -19.33
N GLU D 307 -11.56 21.01 -18.19
CA GLU D 307 -11.04 19.64 -18.14
C GLU D 307 -11.88 18.81 -17.19
N LEU D 308 -11.90 17.50 -17.44
CA LEU D 308 -12.60 16.58 -16.56
C LEU D 308 -11.90 16.51 -15.21
N THR D 309 -12.68 16.10 -14.19
CA THR D 309 -12.09 15.91 -12.87
C THR D 309 -10.95 14.90 -12.93
N SER D 310 -11.11 13.83 -13.72
CA SER D 310 -10.09 12.81 -13.82
C SER D 310 -8.78 13.38 -14.33
N LYS D 311 -8.84 14.33 -15.28
CA LYS D 311 -7.61 14.93 -15.78
C LYS D 311 -6.93 15.78 -14.71
N TRP D 312 -7.71 16.57 -13.96
CA TRP D 312 -7.11 17.40 -12.93
C TRP D 312 -6.45 16.55 -11.86
N LEU D 313 -7.11 15.46 -11.45
CA LEU D 313 -6.49 14.56 -10.47
C LEU D 313 -5.18 14.00 -11.01
N TYR D 314 -5.14 13.71 -12.32
CA TYR D 314 -3.91 13.23 -12.93
C TYR D 314 -2.85 14.31 -12.95
N LEU D 315 -3.24 15.54 -13.31
CA LEU D 315 -2.28 16.64 -13.38
C LEU D 315 -1.79 17.08 -12.00
N PHE D 316 -2.56 16.81 -10.95
CA PHE D 316 -2.18 17.19 -9.59
C PHE D 316 -1.43 16.09 -8.86
N GLU D 317 -1.17 14.95 -9.51
CA GLU D 317 -0.44 13.88 -8.86
C GLU D 317 0.91 14.37 -8.36
N GLY D 318 1.19 14.12 -7.08
CA GLY D 318 2.47 14.50 -6.51
C GLY D 318 2.68 15.98 -6.35
N SER D 319 1.68 16.82 -6.61
CA SER D 319 1.87 18.26 -6.51
C SER D 319 2.18 18.69 -5.09
N GLY D 320 1.72 17.93 -4.09
CA GLY D 320 1.94 18.31 -2.71
C GLY D 320 1.07 19.43 -2.20
N VAL D 321 0.08 19.86 -2.96
CA VAL D 321 -0.84 20.91 -2.52
C VAL D 321 -2.14 20.26 -2.09
N PRO D 322 -2.97 20.92 -1.28
CA PRO D 322 -4.26 20.33 -0.89
C PRO D 322 -5.18 20.21 -2.11
N TYR D 323 -5.61 18.98 -2.39
CA TYR D 323 -6.52 18.73 -3.50
C TYR D 323 -7.21 17.39 -3.27
N GLY D 324 -8.44 17.31 -3.76
CA GLY D 324 -9.20 16.09 -3.67
C GLY D 324 -10.51 16.20 -4.43
N PRO D 325 -10.98 15.08 -4.97
CA PRO D 325 -12.25 15.08 -5.68
C PRO D 325 -13.42 15.03 -4.73
N ILE D 326 -14.54 15.60 -5.18
CA ILE D 326 -15.81 15.45 -4.46
C ILE D 326 -16.41 14.11 -4.88
N ASN D 327 -16.36 13.13 -3.98
CA ASN D 327 -16.81 11.78 -4.27
C ASN D 327 -18.25 11.57 -3.81
N ASN D 328 -18.99 10.79 -4.59
CA ASN D 328 -20.27 10.27 -4.16
C ASN D 328 -20.04 8.91 -3.50
N MET D 329 -21.12 8.27 -3.04
CA MET D 329 -20.98 6.99 -2.36
C MET D 329 -20.28 5.96 -3.25
N LYS D 330 -20.60 5.96 -4.54
CA LYS D 330 -19.98 5.00 -5.45
C LYS D 330 -18.47 5.23 -5.52
N ASN D 331 -18.06 6.49 -5.66
CA ASN D 331 -16.63 6.79 -5.72
C ASN D 331 -15.96 6.57 -4.37
N VAL D 332 -16.66 6.87 -3.28
CA VAL D 332 -16.06 6.72 -1.96
C VAL D 332 -15.60 5.28 -1.75
N PHE D 333 -16.45 4.32 -2.04
CA PHE D 333 -16.16 2.92 -1.78
C PHE D 333 -15.54 2.21 -2.97
N ALA D 334 -15.22 2.94 -4.04
CA ALA D 334 -14.30 2.48 -5.06
C ALA D 334 -12.89 3.01 -4.84
N GLU D 335 -12.72 3.96 -3.92
CA GLU D 335 -11.41 4.51 -3.61
C GLU D 335 -10.55 3.46 -2.90
N PRO D 336 -9.41 3.07 -3.46
CA PRO D 336 -8.60 2.03 -2.81
C PRO D 336 -8.20 2.37 -1.38
N GLN D 337 -7.99 3.65 -1.05
CA GLN D 337 -7.62 4.01 0.31
C GLN D 337 -8.74 3.67 1.30
N VAL D 338 -9.99 3.93 0.90
CA VAL D 338 -11.12 3.60 1.77
C VAL D 338 -11.16 2.11 2.05
N LEU D 339 -11.04 1.30 1.00
CA LEU D 339 -10.99 -0.15 1.19
C LEU D 339 -9.79 -0.56 2.01
N HIS D 340 -8.64 0.10 1.79
CA HIS D 340 -7.43 -0.24 2.51
C HIS D 340 -7.58 0.00 4.00
N ASN D 341 -8.30 1.04 4.38
CA ASN D 341 -8.50 1.36 5.80
C ASN D 341 -9.50 0.43 6.48
N GLY D 342 -10.01 -0.58 5.78
CA GLY D 342 -10.98 -1.47 6.39
C GLY D 342 -12.33 -0.86 6.65
N LEU D 343 -12.68 0.19 5.91
CA LEU D 343 -13.92 0.91 6.16
C LEU D 343 -15.16 0.20 5.63
N VAL D 344 -14.99 -0.85 4.84
CA VAL D 344 -16.11 -1.67 4.38
C VAL D 344 -16.08 -2.93 5.23
N MET D 345 -16.83 -2.91 6.33
CA MET D 345 -16.86 -4.02 7.27
C MET D 345 -18.00 -4.96 6.92
N GLU D 346 -17.67 -6.21 6.61
CA GLU D 346 -18.67 -7.21 6.27
C GLU D 346 -18.97 -8.08 7.47
N MET D 347 -20.25 -8.40 7.65
CA MET D 347 -20.73 -9.21 8.75
C MET D 347 -21.68 -10.26 8.23
N GLU D 348 -21.74 -11.39 8.91
CA GLU D 348 -22.60 -12.50 8.53
C GLU D 348 -23.83 -12.46 9.45
N HIS D 349 -24.95 -11.94 8.94
CA HIS D 349 -26.15 -11.88 9.75
C HIS D 349 -26.84 -13.25 9.80
N PRO D 350 -27.39 -13.64 10.95
CA PRO D 350 -27.93 -15.01 11.06
C PRO D 350 -29.11 -15.27 10.15
N THR D 351 -29.95 -14.27 9.88
CA THR D 351 -31.10 -14.44 9.02
C THR D 351 -31.03 -13.64 7.73
N VAL D 352 -30.19 -12.61 7.66
CA VAL D 352 -30.13 -11.74 6.48
C VAL D 352 -28.93 -12.02 5.58
N GLY D 353 -27.90 -12.68 6.08
CA GLY D 353 -26.74 -12.97 5.27
C GLY D 353 -25.66 -11.90 5.38
N LYS D 354 -24.79 -11.87 4.38
CA LYS D 354 -23.70 -10.91 4.38
C LYS D 354 -24.24 -9.49 4.23
N ILE D 355 -23.80 -8.60 5.13
CA ILE D 355 -24.15 -7.19 5.10
C ILE D 355 -22.87 -6.39 5.30
N SER D 356 -22.81 -5.21 4.71
CA SER D 356 -21.64 -4.35 4.77
C SER D 356 -22.02 -2.99 5.32
N VAL D 357 -21.25 -2.51 6.30
CA VAL D 357 -21.42 -1.17 6.86
C VAL D 357 -20.05 -0.55 7.07
N PRO D 358 -20.01 0.77 7.26
CA PRO D 358 -18.73 1.43 7.53
C PRO D 358 -18.07 0.86 8.76
N GLY D 359 -16.77 0.56 8.65
CA GLY D 359 -16.04 -0.06 9.73
C GLY D 359 -15.52 0.94 10.73
N PRO D 360 -14.81 0.43 11.74
CA PRO D 360 -14.28 1.31 12.79
C PRO D 360 -13.33 2.35 12.22
N ALA D 361 -13.34 3.53 12.83
CA ALA D 361 -12.52 4.64 12.35
C ALA D 361 -11.09 4.57 12.87
N VAL D 362 -10.87 3.95 14.03
CA VAL D 362 -9.57 3.91 14.68
C VAL D 362 -9.00 2.51 14.57
N ARG D 363 -7.68 2.43 14.36
CA ARG D 363 -6.95 1.17 14.30
C ARG D 363 -5.85 1.18 15.35
N TYR D 364 -5.79 0.12 16.15
CA TYR D 364 -4.81 -0.03 17.19
C TYR D 364 -3.81 -1.11 16.80
N SER D 365 -2.57 -0.95 17.26
CA SER D 365 -1.51 -1.87 16.85
C SER D 365 -1.57 -3.20 17.61
N LYS D 366 -2.15 -3.21 18.81
CA LYS D 366 -2.08 -4.39 19.66
C LYS D 366 -3.32 -5.28 19.59
N PHE D 367 -4.36 -4.86 18.89
CA PHE D 367 -5.54 -5.71 18.75
C PHE D 367 -6.31 -5.32 17.50
N LYS D 368 -7.17 -6.23 17.07
CA LYS D 368 -7.96 -6.07 15.85
C LYS D 368 -9.44 -5.93 16.17
N MET D 369 -10.12 -5.05 15.43
CA MET D 369 -11.56 -4.88 15.54
C MET D 369 -12.28 -5.17 14.23
N SER D 370 -11.61 -5.80 13.27
CA SER D 370 -12.19 -6.02 11.95
C SER D 370 -13.25 -7.12 11.93
N GLU D 371 -13.37 -7.93 12.98
CA GLU D 371 -14.34 -9.01 13.04
C GLU D 371 -15.37 -8.63 14.10
N ALA D 372 -16.60 -8.39 13.67
CA ALA D 372 -17.63 -7.86 14.55
C ALA D 372 -18.84 -8.79 14.61
N ARG D 373 -19.48 -8.81 15.78
CA ARG D 373 -20.75 -9.49 15.93
C ARG D 373 -21.82 -8.74 15.15
N PRO D 374 -22.66 -9.42 14.39
CA PRO D 374 -23.68 -8.74 13.59
C PRO D 374 -24.69 -8.05 14.48
N PRO D 375 -25.36 -7.01 13.97
CA PRO D 375 -26.40 -6.34 14.77
C PRO D 375 -27.44 -7.34 15.22
N PRO D 376 -27.84 -7.30 16.48
CA PRO D 376 -28.76 -8.32 17.01
C PRO D 376 -30.19 -8.13 16.53
N LEU D 377 -30.90 -9.24 16.44
CA LEU D 377 -32.34 -9.21 16.23
C LEU D 377 -33.05 -8.87 17.53
N LEU D 378 -34.27 -8.36 17.40
CA LEU D 378 -35.02 -7.90 18.57
C LEU D 378 -35.24 -9.04 19.55
N GLY D 379 -34.67 -8.90 20.75
CA GLY D 379 -34.80 -9.93 21.75
C GLY D 379 -34.04 -11.20 21.44
N GLN D 380 -33.00 -11.12 20.59
CA GLN D 380 -32.28 -12.32 20.21
C GLN D 380 -31.63 -13.01 21.41
N HIS D 381 -31.18 -12.23 22.39
CA HIS D 381 -30.42 -12.77 23.51
C HIS D 381 -31.17 -12.67 24.84
N THR D 382 -32.50 -12.55 24.81
CA THR D 382 -33.26 -12.41 26.04
C THR D 382 -33.01 -13.59 26.98
N THR D 383 -33.29 -14.81 26.51
CA THR D 383 -33.09 -15.98 27.35
C THR D 383 -31.63 -16.16 27.72
N HIS D 384 -30.74 -16.01 26.74
CA HIS D 384 -29.30 -16.15 26.97
C HIS D 384 -28.83 -15.23 28.09
N ILE D 385 -29.28 -13.98 28.07
CA ILE D 385 -28.85 -13.00 29.07
C ILE D 385 -29.44 -13.33 30.44
N LEU D 386 -30.74 -13.61 30.49
CA LEU D 386 -31.40 -13.87 31.77
C LEU D 386 -30.82 -15.10 32.46
N LYS D 387 -30.50 -16.14 31.69
CA LYS D 387 -29.99 -17.37 32.30
C LYS D 387 -28.56 -17.21 32.76
N GLU D 388 -27.71 -16.65 31.89
CA GLU D 388 -26.28 -16.59 32.18
C GLU D 388 -25.91 -15.42 33.08
N VAL D 389 -26.55 -14.26 32.92
CA VAL D 389 -26.17 -13.11 33.73
C VAL D 389 -26.95 -13.07 35.05
N LEU D 390 -28.24 -13.40 35.03
CA LEU D 390 -29.07 -13.32 36.22
C LEU D 390 -29.46 -14.66 36.82
N ARG D 391 -29.13 -15.78 36.16
CA ARG D 391 -29.37 -17.11 36.71
C ARG D 391 -30.85 -17.49 36.73
N TYR D 392 -31.62 -16.96 35.79
CA TYR D 392 -33.01 -17.39 35.63
C TYR D 392 -33.08 -18.77 35.01
N ASP D 393 -34.04 -19.58 35.48
CA ASP D 393 -34.29 -20.89 34.89
C ASP D 393 -35.40 -20.81 33.86
N ASP D 394 -35.55 -21.90 33.09
CA ASP D 394 -36.57 -21.94 32.05
C ASP D 394 -37.96 -21.76 32.61
N ARG D 395 -38.18 -22.13 33.88
CA ARG D 395 -39.51 -22.02 34.46
C ARG D 395 -39.92 -20.57 34.64
N ALA D 396 -39.04 -19.75 35.21
CA ALA D 396 -39.35 -18.35 35.42
C ALA D 396 -39.41 -17.58 34.10
N ILE D 397 -38.51 -17.91 33.16
CA ILE D 397 -38.48 -17.20 31.89
C ILE D 397 -39.76 -17.46 31.10
N GLY D 398 -40.22 -18.71 31.07
CA GLY D 398 -41.46 -19.00 30.37
C GLY D 398 -42.65 -18.23 30.92
N GLU D 399 -42.66 -18.01 32.25
CA GLU D 399 -43.71 -17.22 32.84
C GLU D 399 -43.61 -15.75 32.44
N LEU D 400 -42.38 -15.21 32.42
CA LEU D 400 -42.19 -13.83 32.00
C LEU D 400 -42.59 -13.64 30.55
N LEU D 401 -42.34 -14.63 29.71
CA LEU D 401 -42.76 -14.55 28.31
C LEU D 401 -44.28 -14.50 28.21
N SER D 402 -44.98 -15.34 28.97
CA SER D 402 -46.44 -15.35 28.92
C SER D 402 -47.02 -14.01 29.38
N ALA D 403 -46.43 -13.42 30.42
CA ALA D 403 -46.91 -12.14 30.93
C ALA D 403 -46.57 -10.97 30.01
N GLY D 404 -45.68 -11.16 29.04
CA GLY D 404 -45.26 -10.08 28.18
C GLY D 404 -44.18 -9.19 28.75
N VAL D 405 -43.58 -9.57 29.88
CA VAL D 405 -42.53 -8.75 30.48
C VAL D 405 -41.28 -8.78 29.61
N VAL D 406 -40.97 -9.93 29.00
CA VAL D 406 -39.83 -10.07 28.13
C VAL D 406 -40.27 -10.79 26.86
N ASP D 407 -39.42 -10.71 25.83
CA ASP D 407 -39.69 -11.35 24.55
C ASP D 407 -38.40 -11.94 24.00
N GLN D 408 -38.50 -13.15 23.46
CA GLN D 408 -37.36 -13.86 22.89
C GLN D 408 -37.59 -14.09 21.40
N HIS D 409 -36.64 -13.66 20.58
CA HIS D 409 -36.73 -13.89 19.15
C HIS D 409 -36.56 -15.38 18.85
N GLU D 410 -37.12 -15.81 17.71
CA GLU D 410 -36.93 -17.20 17.29
C GLU D 410 -35.45 -17.55 17.19
N THR D 411 -34.66 -16.66 16.58
CA THR D 411 -33.23 -16.91 16.42
C THR D 411 -32.49 -16.49 17.68
N HIS D 412 -31.65 -17.39 18.20
CA HIS D 412 -30.85 -17.12 19.37
C HIS D 412 -29.42 -16.74 18.98
C10 A1ATL E . 12.36 -28.67 -15.66
C13 A1ATL E . 12.97 -29.79 -18.52
C15 A1ATL E . 13.00 -28.87 -20.77
C22 A1ATL E . 9.47 -27.99 -23.06
C26 A1ATL E . 10.89 -31.34 -22.77
C28 A1ATL E . 11.49 -31.05 -25.30
C05 A1ATL E . 15.86 -27.66 -16.56
C06 A1ATL E . 14.63 -27.97 -15.83
C07 A1ATL E . 14.69 -27.84 -14.43
C08 A1ATL E . 13.58 -28.12 -13.64
C09 A1ATL E . 12.41 -28.54 -14.27
C11 A1ATL E . 13.46 -28.39 -16.48
C12 A1ATL E . 13.29 -28.56 -17.95
C14 A1ATL E . 12.82 -29.94 -19.90
C16 A1ATL E . 12.82 -29.02 -22.25
C18 A1ATL E . 10.78 -27.66 -22.74
C19 A1ATL E . 11.43 -26.30 -22.55
C25 A1ATL E . 10.51 -29.90 -22.84
C27 A1ATL E . 11.45 -31.98 -24.07
C29 A1ATL E . 11.25 -31.78 -26.62
C30 A1ATL E . 13.32 -27.63 -20.20
C31 A1ATL E . 13.46 -27.49 -18.83
N01 A1ATL E . 16.95 -26.94 -16.02
N02 A1ATL E . 17.92 -26.85 -17.00
N03 A1ATL E . 17.45 -27.47 -18.05
N04 A1ATL E . 16.22 -27.99 -17.83
N17 A1ATL E . 11.43 -28.87 -22.62
N24 A1ATL E . 9.30 -29.38 -23.14
O20 A1ATL E . 12.50 -26.11 -23.16
O21 A1ATL E . 10.84 -25.50 -21.79
CL23 A1ATL E . 8.21 -26.91 -23.35
H101 A1ATL E . 11.55 -28.95 -16.03
H131 A1ATL E . 12.84 -30.54 -18.00
H261 A1ATL E . 10.11 -31.83 -22.47
H262 A1ATL E . 11.53 -31.45 -22.05
H282 A1ATL E . 12.33 -30.58 -25.35
H281 A1ATL E . 10.81 -30.35 -25.22
H071 A1ATL E . 15.46 -27.56 -13.99
H081 A1ATL E . 13.60 -28.03 -12.72
H091 A1ATL E . 11.68 -28.73 -13.74
H141 A1ATL E . 12.59 -30.76 -20.25
H161 A1ATL E . 13.14 -29.88 -22.58
H162 A1ATL E . 13.35 -28.38 -22.75
H272 A1ATL E . 12.34 -32.31 -23.91
H271 A1ATL E . 10.93 -32.77 -24.29
H292 A1ATL E . 11.92 -32.47 -26.80
H293 A1ATL E . 11.28 -31.19 -27.39
H291 A1ATL E . 10.39 -32.23 -26.67
H301 A1ATL E . 13.44 -26.89 -20.75
H311 A1ATL E . 13.68 -26.65 -18.50
H011 A1ATL E . 17.08 -26.58 -15.25
N NH4 F . 9.04 -24.47 -19.96
HN1 NH4 F . 9.09 -23.99 -20.82
HN2 NH4 F . 8.81 -25.41 -20.12
HN3 NH4 F . 9.91 -24.42 -19.51
HN4 NH4 F . 8.34 -24.07 -19.40
S SO4 G . 7.30 -22.34 -22.13
O1 SO4 G . 7.34 -20.89 -22.21
O2 SO4 G . 7.09 -22.75 -20.74
O3 SO4 G . 6.22 -22.84 -22.95
O4 SO4 G . 8.57 -22.89 -22.60
S SO4 H . 16.05 -16.27 4.68
O1 SO4 H . 15.32 -15.72 3.54
O2 SO4 H . 16.44 -15.20 5.59
O3 SO4 H . 15.20 -17.22 5.39
O4 SO4 H . 17.26 -16.95 4.21
S SO4 I . 4.33 -2.05 -26.77
O1 SO4 I . 4.15 -0.67 -27.20
O2 SO4 I . 4.75 -2.08 -25.36
O3 SO4 I . 3.06 -2.76 -26.90
O4 SO4 I . 5.35 -2.69 -27.60
C10 A1ATL J . -7.88 26.06 13.93
C13 A1ATL J . -7.66 26.35 10.79
C15 A1ATL J . -7.63 24.78 8.93
C22 A1ATL J . -4.37 22.16 8.09
C26 A1ATL J . -4.43 25.61 6.88
C28 A1ATL J . -4.83 24.60 4.53
C05 A1ATL J . -11.33 25.88 12.47
C06 A1ATL J . -10.20 26.04 13.38
C07 A1ATL J . -10.51 26.37 14.71
C08 A1ATL J . -9.50 26.56 15.65
C09 A1ATL J . -8.18 26.39 15.24
C11 A1ATL J . -8.87 25.87 12.95
C12 A1ATL J . -8.44 25.50 11.57
C14 A1ATL J . -7.26 25.99 9.49
C16 A1ATL J . -7.18 24.37 7.56
C18 A1ATL J . -5.74 22.38 8.12
C19 A1ATL J . -6.88 21.45 8.54
C25 A1ATL J . -4.64 24.21 7.37
C27 A1ATL J . -4.73 25.87 5.38
C29 A1ATL J . -4.76 24.87 3.01
C30 A1ATL J . -8.40 23.92 9.73
C31 A1ATL J . -8.79 24.28 11.00
N01 A1ATL J . -12.64 25.50 12.84
N02 A1ATL J . -13.42 25.47 11.71
N03 A1ATL J . -12.64 25.80 10.70
N04 A1ATL J . -11.36 26.06 11.11
N17 A1ATL J . -5.90 23.68 7.66
N24 A1ATL J . -3.67 23.29 7.63
O20 A1ATL J . -7.93 21.52 7.86
O21 A1ATL J . -6.66 20.72 9.52
CL23 A1ATL J . -3.59 20.74 8.53
H101 A1ATL J . -6.98 25.95 13.71
H131 A1ATL J . -7.39 27.18 11.10
H261 A1ATL J . -3.51 25.87 7.08
H262 A1ATL J . -4.95 26.21 7.44
H282 A1ATL J . -5.65 24.12 4.71
H281 A1ATL J . -4.12 23.98 4.76
H071 A1ATL J . -11.38 26.49 15.00
H081 A1ATL J . -9.70 26.78 16.53
H091 A1ATL J . -7.51 26.50 15.87
H141 A1ATL J . -6.73 26.57 9.00
H161 A1ATL J . -7.09 25.13 6.94
H162 A1ATL J . -7.82 23.78 7.10
H272 A1ATL J . -5.56 26.37 5.30
H271 A1ATL J . -4.06 26.46 5.00
H292 A1ATL J . -5.46 25.47 2.70
H293 A1ATL J . -4.85 24.06 2.48
H291 A1ATL J . -3.92 25.28 2.74
H301 A1ATL J . -8.66 23.09 9.39
H311 A1ATL J . -9.31 23.68 11.49
H011 A1ATL J . -12.97 25.33 13.62
N NH4 K . -5.71 20.08 11.92
HN1 NH4 K . -5.86 19.44 11.19
HN2 NH4 K . -5.25 20.87 11.55
HN3 NH4 K . -6.56 20.35 12.29
HN4 NH4 K . -5.15 19.67 12.60
S SO4 L . -4.55 16.75 10.70
O1 SO4 L . -5.29 15.62 11.21
O2 SO4 L . -4.18 17.64 11.79
O3 SO4 L . -3.34 16.28 10.02
O4 SO4 L . -5.38 17.48 9.74
S SO4 M . -18.53 22.09 35.48
O1 SO4 M . -19.48 22.76 34.62
O2 SO4 M . -17.66 23.08 36.12
O3 SO4 M . -19.24 21.34 36.52
O4 SO4 M . -17.72 21.17 34.69
C10 A1ATL N . -30.27 7.05 12.41
C13 A1ATL N . -32.38 9.31 11.95
C15 A1ATL N . -32.83 11.49 12.94
C22 A1ATL N . -34.50 11.89 16.82
C26 A1ATL N . -36.64 11.50 13.90
C28 A1ATL N . -37.85 13.68 13.48
C05 A1ATL N . -28.58 9.69 10.34
C06 A1ATL N . -28.94 8.43 11.00
C07 A1ATL N . -28.10 7.33 10.75
C08 A1ATL N . -28.35 6.10 11.31
C09 A1ATL N . -29.45 5.97 12.16
C11 A1ATL N . -30.06 8.32 11.85
C12 A1ATL N . -31.01 9.41 12.21
C14 A1ATL N . -33.27 10.33 12.30
C16 A1ATL N . -33.78 12.60 13.36
C18 A1ATL N . -33.62 12.34 15.85
C19 A1ATL N . -32.19 12.86 16.00
C25 A1ATL N . -35.60 11.72 14.95
C27 A1ATL N . -37.91 12.30 14.16
C30 A1ATL N . -31.47 11.58 13.22
C31 A1ATL N . -30.58 10.56 12.86
N01 A1ATL N . -27.27 10.18 10.17
N02 A1ATL N . -27.35 11.38 9.49
N03 A1ATL N . -28.61 11.59 9.25
N04 A1ATL N . -29.41 10.61 9.74
N17 A1ATL N . -34.33 12.26 14.66
N24 A1ATL N . -35.73 11.50 16.27
O20 A1ATL N . -31.88 13.81 15.25
O21 A1ATL N . -31.46 12.29 16.83
CL23 A1ATL N . -34.19 11.78 18.47
H101 A1ATL N . -30.99 6.91 12.99
H131 A1ATL N . -32.73 8.56 11.52
H261 A1ATL N . -36.84 10.54 13.86
H262 A1ATL N . -36.27 11.70 13.03
H282 A1ATL N . -36.96 14.07 13.60
H281 A1ATL N . -38.45 14.31 13.88
H071 A1ATL N . -27.36 7.40 10.18
H081 A1ATL N . -27.80 5.37 11.14
H091 A1ATL N . -29.61 5.13 12.54
H141 A1ATL N . -34.18 10.25 12.12
H161 A1ATL N . -34.51 12.73 12.73
H162 A1ATL N . -33.36 13.47 13.41
H272 A1ATL N . -38.69 11.82 13.85
H271 A1ATL N . -38.05 12.41 15.11
H301 A1ATL N . -31.13 12.33 13.66
H311 A1ATL N . -29.68 10.66 13.07
H011 A1ATL N . -26.51 9.86 10.41
N NH4 O . -30.20 10.32 18.06
HN1 NH4 O . -30.65 10.66 17.26
HN2 NH4 O . -30.52 9.43 18.27
HN3 NH4 O . -29.24 10.29 17.91
HN4 NH4 O . -30.39 10.92 18.82
S SO4 P . -30.67 12.32 21.27
O1 SO4 P . -30.48 13.08 20.03
O2 SO4 P . -29.70 12.76 22.26
O3 SO4 P . -32.02 12.52 21.77
O4 SO4 P . -30.46 10.90 20.98
S SO4 Q . -8.21 -3.91 12.50
O1 SO4 Q . -8.88 -3.52 11.27
O2 SO4 Q . -6.78 -3.62 12.38
O3 SO4 Q . -8.77 -3.15 13.62
O4 SO4 Q . -8.41 -5.34 12.73
#